data_4KGT
# 
_entry.id   4KGT 
# 
_audit_conform.dict_name       mmcif_pdbx.dic 
_audit_conform.dict_version    5.382 
_audit_conform.dict_location   http://mmcif.pdb.org/dictionaries/ascii/mmcif_pdbx.dic 
# 
loop_
_database_2.database_id 
_database_2.database_code 
_database_2.pdbx_database_accession 
_database_2.pdbx_DOI 
PDB   4KGT         pdb_00004kgt 10.2210/pdb4kgt/pdb 
RCSB  RCSB079320   ?            ?                   
WWPDB D_1000079320 ?            ?                   
# 
loop_
_pdbx_database_related.db_name 
_pdbx_database_related.db_id 
_pdbx_database_related.details 
_pdbx_database_related.content_type 
PDB 4KGR . unspecified 
PDB 4KGS . unspecified 
# 
_pdbx_database_status.status_code                     REL 
_pdbx_database_status.entry_id                        4KGT 
_pdbx_database_status.recvd_initial_deposition_date   2013-04-29 
_pdbx_database_status.deposit_site                    RCSB 
_pdbx_database_status.process_site                    RCSB 
_pdbx_database_status.status_code_sf                  REL 
_pdbx_database_status.status_code_mr                  ? 
_pdbx_database_status.SG_entry                        ? 
_pdbx_database_status.status_code_cs                  ? 
_pdbx_database_status.methods_development_category    ? 
_pdbx_database_status.pdb_format_compatible           Y 
_pdbx_database_status.status_code_nmr_data            ? 
# 
loop_
_audit_author.name 
_audit_author.pdbx_ordinal 
'Reinert, Z.E.' 1 
'Lengyel, G.A.' 2 
'Horne, W.S.'   3 
# 
_citation.id                        primary 
_citation.title                     'Protein-like Tertiary Folding Behavior from Heterogeneous Backbones.' 
_citation.journal_abbrev            J.Am.Chem.Soc. 
_citation.journal_volume            135 
_citation.page_first                12528 
_citation.page_last                 12531 
_citation.year                      2013 
_citation.journal_id_ASTM           JACSAT 
_citation.country                   US 
_citation.journal_id_ISSN           0002-7863 
_citation.journal_id_CSD            0004 
_citation.book_publisher            ? 
_citation.pdbx_database_id_PubMed   23937097 
_citation.pdbx_database_id_DOI      10.1021/ja405422v 
# 
loop_
_citation_author.citation_id 
_citation_author.name 
_citation_author.ordinal 
_citation_author.identifier_ORCID 
primary 'Reinert, Z.E.' 1 ? 
primary 'Lengyel, G.A.' 2 ? 
primary 'Horne, W.S.'   3 ? 
# 
_cell.entry_id           4KGT 
_cell.length_a           83.772 
_cell.length_b           83.772 
_cell.length_c           97.501 
_cell.angle_alpha        90.00 
_cell.angle_beta         90.00 
_cell.angle_gamma        90.00 
_cell.Z_PDB              32 
_cell.pdbx_unique_axis   ? 
_cell.length_a_esd       ? 
_cell.length_b_esd       ? 
_cell.length_c_esd       ? 
_cell.angle_alpha_esd    ? 
_cell.angle_beta_esd     ? 
_cell.angle_gamma_esd    ? 
# 
_symmetry.entry_id                         4KGT 
_symmetry.space_group_name_H-M             'I 41 2 2' 
_symmetry.pdbx_full_space_group_name_H-M   ? 
_symmetry.cell_setting                     ? 
_symmetry.Int_Tables_number                98 
_symmetry.space_group_name_Hall            ? 
# 
loop_
_entity.id 
_entity.type 
_entity.src_method 
_entity.pdbx_description 
_entity.formula_weight 
_entity.pdbx_number_of_molecules 
_entity.pdbx_ec 
_entity.pdbx_mutation 
_entity.pdbx_fragment 
_entity.details 
1 polymer syn 'Streptococcal Protein GB1 Backbone Modified Variant: Aib10, D-Pro47' 5833.274 2   ? ? ? ? 
2 water   nat water                                                                 18.015   102 ? ? ? ? 
# 
_entity_poly.entity_id                      1 
_entity_poly.type                           'polypeptide(L)' 
_entity_poly.nstd_linkage                   no 
_entity_poly.nstd_monomer                   yes 
_entity_poly.pdbx_seq_one_letter_code       'DTYKLILNG(AIB)GLKGETTTEAVDAATAEKVFKQYANDNGVDGEWTYD(DPR)GTFTVTE(NH2)' 
_entity_poly.pdbx_seq_one_letter_code_can   DTYKLILNGAGLKGETTTEAVDAATAEKVFKQYANDNGVDGEWTYDPGTFTVTEX 
_entity_poly.pdbx_strand_id                 A,B 
_entity_poly.pdbx_target_identifier         ? 
# 
loop_
_entity_poly_seq.entity_id 
_entity_poly_seq.num 
_entity_poly_seq.mon_id 
_entity_poly_seq.hetero 
1 1  ASP n 
1 2  THR n 
1 3  TYR n 
1 4  LYS n 
1 5  LEU n 
1 6  ILE n 
1 7  LEU n 
1 8  ASN n 
1 9  GLY n 
1 10 AIB n 
1 11 GLY n 
1 12 LEU n 
1 13 LYS n 
1 14 GLY n 
1 15 GLU n 
1 16 THR n 
1 17 THR n 
1 18 THR n 
1 19 GLU n 
1 20 ALA n 
1 21 VAL n 
1 22 ASP n 
1 23 ALA n 
1 24 ALA n 
1 25 THR n 
1 26 ALA n 
1 27 GLU n 
1 28 LYS n 
1 29 VAL n 
1 30 PHE n 
1 31 LYS n 
1 32 GLN n 
1 33 TYR n 
1 34 ALA n 
1 35 ASN n 
1 36 ASP n 
1 37 ASN n 
1 38 GLY n 
1 39 VAL n 
1 40 ASP n 
1 41 GLY n 
1 42 GLU n 
1 43 TRP n 
1 44 THR n 
1 45 TYR n 
1 46 ASP n 
1 47 DPR n 
1 48 GLY n 
1 49 THR n 
1 50 PHE n 
1 51 THR n 
1 52 VAL n 
1 53 THR n 
1 54 GLU n 
1 55 NH2 n 
# 
_pdbx_entity_src_syn.entity_id              1 
_pdbx_entity_src_syn.pdbx_src_id            1 
_pdbx_entity_src_syn.pdbx_alt_source_flag   sample 
_pdbx_entity_src_syn.pdbx_beg_seq_num       ? 
_pdbx_entity_src_syn.pdbx_end_seq_num       ? 
_pdbx_entity_src_syn.organism_scientific    ? 
_pdbx_entity_src_syn.organism_common_name   ? 
_pdbx_entity_src_syn.ncbi_taxonomy_id       ? 
_pdbx_entity_src_syn.details                'chemically synthesized protein' 
# 
_struct_ref.id                         1 
_struct_ref.db_name                    PDB 
_struct_ref.db_code                    4KGT 
_struct_ref.pdbx_db_accession          4KGT 
_struct_ref.entity_id                  1 
_struct_ref.pdbx_align_begin           ? 
_struct_ref.pdbx_seq_one_letter_code   ? 
_struct_ref.pdbx_db_isoform            ? 
# 
loop_
_struct_ref_seq.align_id 
_struct_ref_seq.ref_id 
_struct_ref_seq.pdbx_PDB_id_code 
_struct_ref_seq.pdbx_strand_id 
_struct_ref_seq.seq_align_beg 
_struct_ref_seq.pdbx_seq_align_beg_ins_code 
_struct_ref_seq.seq_align_end 
_struct_ref_seq.pdbx_seq_align_end_ins_code 
_struct_ref_seq.pdbx_db_accession 
_struct_ref_seq.db_align_beg 
_struct_ref_seq.pdbx_db_align_beg_ins_code 
_struct_ref_seq.db_align_end 
_struct_ref_seq.pdbx_db_align_end_ins_code 
_struct_ref_seq.pdbx_auth_seq_align_beg 
_struct_ref_seq.pdbx_auth_seq_align_end 
1 1 4KGT A 1 ? 55 ? 4KGT 1 ? 55 ? 1 55 
2 1 4KGT B 1 ? 55 ? 4KGT 1 ? 55 ? 1 55 
# 
loop_
_chem_comp.id 
_chem_comp.type 
_chem_comp.mon_nstd_flag 
_chem_comp.name 
_chem_comp.pdbx_synonyms 
_chem_comp.formula 
_chem_comp.formula_weight 
AIB 'L-peptide linking' n 'ALPHA-AMINOISOBUTYRIC ACID' ? 'C4 H9 N O2'     103.120 
ALA 'L-peptide linking' y ALANINE                      ? 'C3 H7 N O2'     89.093  
ASN 'L-peptide linking' y ASPARAGINE                   ? 'C4 H8 N2 O3'    132.118 
ASP 'L-peptide linking' y 'ASPARTIC ACID'              ? 'C4 H7 N O4'     133.103 
DPR 'D-peptide linking' . D-PROLINE                    ? 'C5 H9 N O2'     115.130 
GLN 'L-peptide linking' y GLUTAMINE                    ? 'C5 H10 N2 O3'   146.144 
GLU 'L-peptide linking' y 'GLUTAMIC ACID'              ? 'C5 H9 N O4'     147.129 
GLY 'peptide linking'   y GLYCINE                      ? 'C2 H5 N O2'     75.067  
HOH non-polymer         . WATER                        ? 'H2 O'           18.015  
ILE 'L-peptide linking' y ISOLEUCINE                   ? 'C6 H13 N O2'    131.173 
LEU 'L-peptide linking' y LEUCINE                      ? 'C6 H13 N O2'    131.173 
LYS 'L-peptide linking' y LYSINE                       ? 'C6 H15 N2 O2 1' 147.195 
NH2 non-polymer         . 'AMINO GROUP'                ? 'H2 N'           16.023  
PHE 'L-peptide linking' y PHENYLALANINE                ? 'C9 H11 N O2'    165.189 
THR 'L-peptide linking' y THREONINE                    ? 'C4 H9 N O3'     119.119 
TRP 'L-peptide linking' y TRYPTOPHAN                   ? 'C11 H12 N2 O2'  204.225 
TYR 'L-peptide linking' y TYROSINE                     ? 'C9 H11 N O3'    181.189 
VAL 'L-peptide linking' y VALINE                       ? 'C5 H11 N O2'    117.146 
# 
_exptl.entry_id          4KGT 
_exptl.method            'X-RAY DIFFRACTION' 
_exptl.crystals_number   1 
# 
_exptl_crystal.id                    1 
_exptl_crystal.density_meas          ? 
_exptl_crystal.density_Matthews      3.67 
_exptl_crystal.density_percent_sol   66.44 
_exptl_crystal.description           ? 
_exptl_crystal.F_000                 ? 
_exptl_crystal.preparation           ? 
# 
_exptl_crystal_grow.crystal_id      1 
_exptl_crystal_grow.method          'VAPOR DIFFUSION, HANGING DROP' 
_exptl_crystal_grow.temp            298 
_exptl_crystal_grow.temp_details    ? 
_exptl_crystal_grow.pH              4.6 
_exptl_crystal_grow.pdbx_details    '0.1 M sodium acetate pH 4.6, 8% w/v PEG 4000, VAPOR DIFFUSION, HANGING DROP, temperature 298K' 
_exptl_crystal_grow.pdbx_pH_range   ? 
# 
_diffrn.id                     1 
_diffrn.ambient_temp           100 
_diffrn.ambient_temp_details   ? 
_diffrn.crystal_id             1 
# 
_diffrn_detector.diffrn_id              1 
_diffrn_detector.detector               CCD 
_diffrn_detector.type                   'RIGAKU SATURN 944' 
_diffrn_detector.pdbx_collection_date   2012-12-19 
_diffrn_detector.details                'Rigaku VariMax Optics' 
# 
_diffrn_radiation.diffrn_id                        1 
_diffrn_radiation.wavelength_id                    1 
_diffrn_radiation.pdbx_monochromatic_or_laue_m_l   M 
_diffrn_radiation.monochromator                    'Rigaku VariMax Optics' 
_diffrn_radiation.pdbx_diffrn_protocol             'SINGLE WAVELENGTH' 
_diffrn_radiation.pdbx_scattering_type             x-ray 
# 
_diffrn_radiation_wavelength.id           1 
_diffrn_radiation_wavelength.wavelength   1.5418 
_diffrn_radiation_wavelength.wt           1.0 
# 
_diffrn_source.diffrn_id                   1 
_diffrn_source.source                      'ROTATING ANODE' 
_diffrn_source.type                        'RIGAKU FR-E SUPERBRIGHT' 
_diffrn_source.pdbx_synchrotron_site       ? 
_diffrn_source.pdbx_synchrotron_beamline   ? 
_diffrn_source.pdbx_wavelength             ? 
_diffrn_source.pdbx_wavelength_list        1.5418 
# 
_reflns.entry_id                     4KGT 
_reflns.observed_criterion_sigma_I   ? 
_reflns.observed_criterion_sigma_F   ? 
_reflns.d_resolution_low             23.28 
_reflns.d_resolution_high            2.0 
_reflns.number_obs                   12054 
_reflns.number_all                   ? 
_reflns.percent_possible_obs         100 
_reflns.pdbx_Rmerge_I_obs            0.076 
_reflns.pdbx_Rsym_value              ? 
_reflns.pdbx_netI_over_sigmaI        16.7 
_reflns.B_iso_Wilson_estimate        ? 
_reflns.pdbx_redundancy              13.8 
_reflns.R_free_details               ? 
_reflns.limit_h_max                  ? 
_reflns.limit_h_min                  ? 
_reflns.limit_k_max                  ? 
_reflns.limit_k_min                  ? 
_reflns.limit_l_max                  ? 
_reflns.limit_l_min                  ? 
_reflns.observed_criterion_F_max     ? 
_reflns.observed_criterion_F_min     ? 
_reflns.pdbx_chi_squared             ? 
_reflns.pdbx_scaling_rejects         ? 
_reflns.pdbx_ordinal                 1 
_reflns.pdbx_diffrn_id               1 
# 
_refine.entry_id                                 4KGT 
_refine.ls_number_reflns_obs                     12048 
_refine.ls_number_reflns_all                     ? 
_refine.pdbx_ls_sigma_I                          ? 
_refine.pdbx_ls_sigma_F                          1.46 
_refine.pdbx_data_cutoff_high_absF               ? 
_refine.pdbx_data_cutoff_low_absF                ? 
_refine.pdbx_data_cutoff_high_rms_absF           ? 
_refine.ls_d_res_low                             23.276 
_refine.ls_d_res_high                            2.000 
_refine.ls_percent_reflns_obs                    99.93 
_refine.ls_R_factor_obs                          0.1975 
_refine.ls_R_factor_all                          ? 
_refine.ls_R_factor_R_work                       0.1968 
_refine.ls_R_factor_R_free                       0.2102 
_refine.ls_R_factor_R_free_error                 ? 
_refine.ls_R_factor_R_free_error_details         ? 
_refine.ls_percent_reflns_R_free                 4.77 
_refine.ls_number_reflns_R_free                  575 
_refine.ls_number_parameters                     ? 
_refine.ls_number_restraints                     ? 
_refine.occupancy_min                            ? 
_refine.occupancy_max                            ? 
_refine.correlation_coeff_Fo_to_Fc               ? 
_refine.correlation_coeff_Fo_to_Fc_free          ? 
_refine.B_iso_mean                               ? 
_refine.aniso_B[1][1]                            ? 
_refine.aniso_B[2][2]                            ? 
_refine.aniso_B[3][3]                            ? 
_refine.aniso_B[1][2]                            ? 
_refine.aniso_B[1][3]                            ? 
_refine.aniso_B[2][3]                            ? 
_refine.solvent_model_details                    'FLAT BULK SOLVENT MODEL' 
_refine.solvent_model_param_ksol                 ? 
_refine.solvent_model_param_bsol                 ? 
_refine.pdbx_solvent_vdw_probe_radii             1.11 
_refine.pdbx_solvent_ion_probe_radii             ? 
_refine.pdbx_solvent_shrinkage_radii             0.90 
_refine.pdbx_ls_cross_valid_method               ? 
_refine.details                                  ? 
_refine.pdbx_starting_model                      'PDB 2QMT' 
_refine.pdbx_method_to_determine_struct          'MOLECULAR REPLACEMENT' 
_refine.pdbx_isotropic_thermal_model             ? 
_refine.pdbx_stereochemistry_target_values       ML 
_refine.pdbx_stereochem_target_val_spec_case     ? 
_refine.pdbx_R_Free_selection_details            ? 
_refine.pdbx_overall_ESU_R                       ? 
_refine.pdbx_overall_ESU_R_Free                  ? 
_refine.overall_SU_ML                            0.19 
_refine.pdbx_overall_phase_error                 24.70 
_refine.overall_SU_B                             ? 
_refine.overall_SU_R_Cruickshank_DPI             ? 
_refine.ls_redundancy_reflns_obs                 ? 
_refine.B_iso_min                                ? 
_refine.B_iso_max                                ? 
_refine.overall_SU_R_free                        ? 
_refine.ls_wR_factor_R_free                      ? 
_refine.ls_wR_factor_R_work                      ? 
_refine.overall_FOM_free_R_set                   ? 
_refine.overall_FOM_work_R_set                   ? 
_refine.pdbx_diffrn_id                           1 
_refine.pdbx_refine_id                           'X-RAY DIFFRACTION' 
_refine.pdbx_TLS_residual_ADP_flag               ? 
_refine.pdbx_overall_SU_R_free_Cruickshank_DPI   ? 
_refine.pdbx_overall_SU_R_Blow_DPI               ? 
_refine.pdbx_overall_SU_R_free_Blow_DPI          ? 
# 
_refine_hist.pdbx_refine_id                   'X-RAY DIFFRACTION' 
_refine_hist.cycle_id                         LAST 
_refine_hist.pdbx_number_atoms_protein        807 
_refine_hist.pdbx_number_atoms_nucleic_acid   0 
_refine_hist.pdbx_number_atoms_ligand         0 
_refine_hist.number_atoms_solvent             102 
_refine_hist.number_atoms_total               909 
_refine_hist.d_res_high                       2.000 
_refine_hist.d_res_low                        23.276 
# 
loop_
_refine_ls_restr.type 
_refine_ls_restr.dev_ideal 
_refine_ls_restr.dev_ideal_target 
_refine_ls_restr.weight 
_refine_ls_restr.number 
_refine_ls_restr.pdbx_restraint_function 
_refine_ls_restr.pdbx_refine_id 
f_bond_d           0.007  ? ? 826  ? 'X-RAY DIFFRACTION' 
f_angle_d          1.052  ? ? 1130 ? 'X-RAY DIFFRACTION' 
f_dihedral_angle_d 14.467 ? ? 274  ? 'X-RAY DIFFRACTION' 
f_chiral_restr     0.063  ? ? 129  ? 'X-RAY DIFFRACTION' 
f_plane_restr      0.003  ? ? 144  ? 'X-RAY DIFFRACTION' 
# 
loop_
_refine_ls_shell.pdbx_total_number_of_bins_used 
_refine_ls_shell.d_res_high 
_refine_ls_shell.d_res_low 
_refine_ls_shell.number_reflns_R_work 
_refine_ls_shell.R_factor_R_work 
_refine_ls_shell.percent_reflns_obs 
_refine_ls_shell.R_factor_R_free 
_refine_ls_shell.R_factor_R_free_error 
_refine_ls_shell.percent_reflns_R_free 
_refine_ls_shell.number_reflns_R_free 
_refine_ls_shell.number_reflns_all 
_refine_ls_shell.R_factor_all 
_refine_ls_shell.number_reflns_obs 
_refine_ls_shell.redundancy_reflns_obs 
_refine_ls_shell.pdbx_refine_id 
. 2.0000 2.2012  2809 0.2223 100.00 0.2536 . . 148 . . . . 'X-RAY DIFFRACTION' 
. 2.2012 2.5193  2825 0.2317 100.00 0.2401 . . 138 . . . . 'X-RAY DIFFRACTION' 
. 2.5193 3.1728  2863 0.2300 100.00 0.2434 . . 130 . . . . 'X-RAY DIFFRACTION' 
. 3.1728 23.2780 2976 0.1736 100.00 0.1856 . . 159 . . . . 'X-RAY DIFFRACTION' 
# 
_struct.entry_id                  4KGT 
_struct.title                     'Backbone Modifications in the Protein GB1 Turns: Aib10, D-Pro47' 
_struct.pdbx_model_details        ? 
_struct.pdbx_CASP_flag            ? 
_struct.pdbx_model_type_details   ? 
# 
_struct_keywords.entry_id        4KGT 
_struct_keywords.pdbx_keywords   'DE NOVO PROTEIN' 
_struct_keywords.text            'unnatural backbone, DE NOVO PROTEIN' 
# 
loop_
_struct_asym.id 
_struct_asym.pdbx_blank_PDB_chainid_flag 
_struct_asym.pdbx_modified 
_struct_asym.entity_id 
_struct_asym.details 
A N N 1 ? 
B N N 1 ? 
C N N 2 ? 
D N N 2 ? 
# 
_struct_biol.id   1 
# 
loop_
_struct_conf.conf_type_id 
_struct_conf.id 
_struct_conf.pdbx_PDB_helix_id 
_struct_conf.beg_label_comp_id 
_struct_conf.beg_label_asym_id 
_struct_conf.beg_label_seq_id 
_struct_conf.pdbx_beg_PDB_ins_code 
_struct_conf.end_label_comp_id 
_struct_conf.end_label_asym_id 
_struct_conf.end_label_seq_id 
_struct_conf.pdbx_end_PDB_ins_code 
_struct_conf.beg_auth_comp_id 
_struct_conf.beg_auth_asym_id 
_struct_conf.beg_auth_seq_id 
_struct_conf.end_auth_comp_id 
_struct_conf.end_auth_asym_id 
_struct_conf.end_auth_seq_id 
_struct_conf.pdbx_PDB_helix_class 
_struct_conf.details 
_struct_conf.pdbx_PDB_helix_length 
HELX_P HELX_P1 1 ASP A 22 ? ASN A 37 ? ASP A 22 ASN A 37 1 ? 16 
HELX_P HELX_P2 2 ASP B 22 ? ASN B 37 ? ASP B 22 ASN B 37 1 ? 16 
# 
_struct_conf_type.id          HELX_P 
_struct_conf_type.criteria    ? 
_struct_conf_type.reference   ? 
# 
loop_
_struct_conn.id 
_struct_conn.conn_type_id 
_struct_conn.pdbx_leaving_atom_flag 
_struct_conn.pdbx_PDB_id 
_struct_conn.ptnr1_label_asym_id 
_struct_conn.ptnr1_label_comp_id 
_struct_conn.ptnr1_label_seq_id 
_struct_conn.ptnr1_label_atom_id 
_struct_conn.pdbx_ptnr1_label_alt_id 
_struct_conn.pdbx_ptnr1_PDB_ins_code 
_struct_conn.pdbx_ptnr1_standard_comp_id 
_struct_conn.ptnr1_symmetry 
_struct_conn.ptnr2_label_asym_id 
_struct_conn.ptnr2_label_comp_id 
_struct_conn.ptnr2_label_seq_id 
_struct_conn.ptnr2_label_atom_id 
_struct_conn.pdbx_ptnr2_label_alt_id 
_struct_conn.pdbx_ptnr2_PDB_ins_code 
_struct_conn.ptnr1_auth_asym_id 
_struct_conn.ptnr1_auth_comp_id 
_struct_conn.ptnr1_auth_seq_id 
_struct_conn.ptnr2_auth_asym_id 
_struct_conn.ptnr2_auth_comp_id 
_struct_conn.ptnr2_auth_seq_id 
_struct_conn.ptnr2_symmetry 
_struct_conn.pdbx_ptnr3_label_atom_id 
_struct_conn.pdbx_ptnr3_label_seq_id 
_struct_conn.pdbx_ptnr3_label_comp_id 
_struct_conn.pdbx_ptnr3_label_asym_id 
_struct_conn.pdbx_ptnr3_label_alt_id 
_struct_conn.pdbx_ptnr3_PDB_ins_code 
_struct_conn.details 
_struct_conn.pdbx_dist_value 
_struct_conn.pdbx_value_order 
_struct_conn.pdbx_role 
covale1 covale both ? A GLY 9  C ? ? ? 1_555 A AIB 10 N ? ? A GLY 9  A AIB 10 1_555 ? ? ? ? ? ? ? 1.330 ? ? 
covale2 covale both ? A AIB 10 C ? ? ? 1_555 A GLY 11 N ? ? A AIB 10 A GLY 11 1_555 ? ? ? ? ? ? ? 1.330 ? ? 
covale3 covale both ? A ASP 46 C ? ? ? 1_555 A DPR 47 N ? ? A ASP 46 A DPR 47 1_555 ? ? ? ? ? ? ? 1.333 ? ? 
covale4 covale both ? A DPR 47 C ? ? ? 1_555 A GLY 48 N ? ? A DPR 47 A GLY 48 1_555 ? ? ? ? ? ? ? 1.328 ? ? 
covale5 covale both ? A GLU 54 C ? ? ? 1_555 A NH2 55 N ? ? A GLU 54 A NH2 55 1_555 ? ? ? ? ? ? ? 1.328 ? ? 
covale6 covale both ? B GLY 9  C ? ? ? 1_555 B AIB 10 N ? ? B GLY 9  B AIB 10 1_555 ? ? ? ? ? ? ? 1.332 ? ? 
covale7 covale both ? B AIB 10 C ? ? ? 1_555 B GLY 11 N ? ? B AIB 10 B GLY 11 1_555 ? ? ? ? ? ? ? 1.333 ? ? 
covale8 covale both ? B ASP 46 C ? ? ? 1_555 B DPR 47 N ? ? B ASP 46 B DPR 47 1_555 ? ? ? ? ? ? ? 1.331 ? ? 
covale9 covale both ? B DPR 47 C ? ? ? 1_555 B GLY 48 N ? ? B DPR 47 B GLY 48 1_555 ? ? ? ? ? ? ? 1.325 ? ? 
# 
_struct_conn_type.id          covale 
_struct_conn_type.criteria    ? 
_struct_conn_type.reference   ? 
# 
_struct_sheet.id               A 
_struct_sheet.type             ? 
_struct_sheet.number_strands   8 
_struct_sheet.details          ? 
# 
loop_
_struct_sheet_order.sheet_id 
_struct_sheet_order.range_id_1 
_struct_sheet_order.range_id_2 
_struct_sheet_order.offset 
_struct_sheet_order.sense 
A 1 2 ? anti-parallel 
A 2 3 ? parallel      
A 3 4 ? anti-parallel 
A 4 5 ? anti-parallel 
A 5 6 ? anti-parallel 
A 6 7 ? parallel      
A 7 8 ? anti-parallel 
# 
loop_
_struct_sheet_range.sheet_id 
_struct_sheet_range.id 
_struct_sheet_range.beg_label_comp_id 
_struct_sheet_range.beg_label_asym_id 
_struct_sheet_range.beg_label_seq_id 
_struct_sheet_range.pdbx_beg_PDB_ins_code 
_struct_sheet_range.end_label_comp_id 
_struct_sheet_range.end_label_asym_id 
_struct_sheet_range.end_label_seq_id 
_struct_sheet_range.pdbx_end_PDB_ins_code 
_struct_sheet_range.beg_auth_comp_id 
_struct_sheet_range.beg_auth_asym_id 
_struct_sheet_range.beg_auth_seq_id 
_struct_sheet_range.end_auth_comp_id 
_struct_sheet_range.end_auth_asym_id 
_struct_sheet_range.end_auth_seq_id 
A 1 GLU A 42 ? ASP A 46 ? GLU A 42 ASP A 46 
A 2 THR A 49 ? THR A 53 ? THR A 49 THR A 53 
A 3 THR A 2  ? GLY A 9  ? THR A 2  GLY A 9  
A 4 LEU A 12 ? GLU A 19 ? LEU A 12 GLU A 19 
A 5 LEU B 12 ? GLU B 19 ? LEU B 12 GLU B 19 
A 6 THR B 2  ? GLY B 9  ? THR B 2  GLY B 9  
A 7 THR B 49 ? THR B 53 ? THR B 49 THR B 53 
A 8 GLU B 42 ? ASP B 46 ? GLU B 42 ASP B 46 
# 
loop_
_pdbx_struct_sheet_hbond.sheet_id 
_pdbx_struct_sheet_hbond.range_id_1 
_pdbx_struct_sheet_hbond.range_id_2 
_pdbx_struct_sheet_hbond.range_1_label_atom_id 
_pdbx_struct_sheet_hbond.range_1_label_comp_id 
_pdbx_struct_sheet_hbond.range_1_label_asym_id 
_pdbx_struct_sheet_hbond.range_1_label_seq_id 
_pdbx_struct_sheet_hbond.range_1_PDB_ins_code 
_pdbx_struct_sheet_hbond.range_1_auth_atom_id 
_pdbx_struct_sheet_hbond.range_1_auth_comp_id 
_pdbx_struct_sheet_hbond.range_1_auth_asym_id 
_pdbx_struct_sheet_hbond.range_1_auth_seq_id 
_pdbx_struct_sheet_hbond.range_2_label_atom_id 
_pdbx_struct_sheet_hbond.range_2_label_comp_id 
_pdbx_struct_sheet_hbond.range_2_label_asym_id 
_pdbx_struct_sheet_hbond.range_2_label_seq_id 
_pdbx_struct_sheet_hbond.range_2_PDB_ins_code 
_pdbx_struct_sheet_hbond.range_2_auth_atom_id 
_pdbx_struct_sheet_hbond.range_2_auth_comp_id 
_pdbx_struct_sheet_hbond.range_2_auth_asym_id 
_pdbx_struct_sheet_hbond.range_2_auth_seq_id 
A 1 2 N ASP A 46 ? N ASP A 46 O THR A 49 ? O THR A 49 
A 2 3 O PHE A 50 ? O PHE A 50 N LYS A 4  ? N LYS A 4  
A 3 4 N LEU A 5  ? N LEU A 5  O THR A 16 ? O THR A 16 
A 4 5 N LYS A 13 ? N LYS A 13 O THR B 17 ? O THR B 17 
A 5 6 O GLY B 14 ? O GLY B 14 N LEU B 7  ? N LEU B 7  
A 6 7 N LYS B 4  ? N LYS B 4  O PHE B 50 ? O PHE B 50 
A 7 8 O THR B 51 ? O THR B 51 N THR B 44 ? N THR B 44 
# 
loop_
_struct_site.id 
_struct_site.pdbx_evidence_code 
_struct_site.pdbx_auth_asym_id 
_struct_site.pdbx_auth_comp_id 
_struct_site.pdbx_auth_seq_id 
_struct_site.pdbx_auth_ins_code 
_struct_site.pdbx_num_residues 
_struct_site.details 
AC1 Software A DPR 47 ? 3 'BINDING SITE FOR RESIDUE DPR A 47' 
AC2 Software B DPR 47 ? 4 'BINDING SITE FOR RESIDUE DPR B 47' 
# 
loop_
_struct_site_gen.id 
_struct_site_gen.site_id 
_struct_site_gen.pdbx_num_res 
_struct_site_gen.label_comp_id 
_struct_site_gen.label_asym_id 
_struct_site_gen.label_seq_id 
_struct_site_gen.pdbx_auth_ins_code 
_struct_site_gen.auth_comp_id 
_struct_site_gen.auth_asym_id 
_struct_site_gen.auth_seq_id 
_struct_site_gen.label_atom_id 
_struct_site_gen.label_alt_id 
_struct_site_gen.symmetry 
_struct_site_gen.details 
1 AC1 3 ASP A 46 ? ASP A 46 . ? 1_555 ? 
2 AC1 3 GLY A 48 ? GLY A 48 . ? 1_555 ? 
3 AC1 3 THR A 49 ? THR A 49 . ? 1_555 ? 
4 AC2 4 GLU A 19 ? GLU A 19 . ? 4_554 ? 
5 AC2 4 ASP B 46 ? ASP B 46 . ? 1_555 ? 
6 AC2 4 GLY B 48 ? GLY B 48 . ? 1_555 ? 
7 AC2 4 THR B 49 ? THR B 49 . ? 1_555 ? 
# 
_atom_sites.entry_id                    4KGT 
_atom_sites.fract_transf_matrix[1][1]   -0.00736010 
_atom_sites.fract_transf_matrix[1][2]   -0.00892985 
_atom_sites.fract_transf_matrix[1][3]   0.00292894 
_atom_sites.fract_transf_matrix[2][1]   -0.00040965 
_atom_sites.fract_transf_matrix[2][2]   -0.00341188 
_atom_sites.fract_transf_matrix[2][3]   -0.01143168 
_atom_sites.fract_transf_matrix[3][1]   0.00806681 
_atom_sites.fract_transf_matrix[3][2]   -0.00614229 
_atom_sites.fract_transf_matrix[3][3]   0.00154415 
_atom_sites.fract_transf_vector[1]      -0.001154 
_atom_sites.fract_transf_vector[2]      -0.250062 
_atom_sites.fract_transf_vector[3]      -0.219834 
# 
loop_
_atom_type.symbol 
C 
N 
O 
# 
loop_
_atom_site.group_PDB 
_atom_site.id 
_atom_site.type_symbol 
_atom_site.label_atom_id 
_atom_site.label_alt_id 
_atom_site.label_comp_id 
_atom_site.label_asym_id 
_atom_site.label_entity_id 
_atom_site.label_seq_id 
_atom_site.pdbx_PDB_ins_code 
_atom_site.Cartn_x 
_atom_site.Cartn_y 
_atom_site.Cartn_z 
_atom_site.occupancy 
_atom_site.B_iso_or_equiv 
_atom_site.pdbx_formal_charge 
_atom_site.auth_seq_id 
_atom_site.auth_comp_id 
_atom_site.auth_asym_id 
_atom_site.auth_atom_id 
_atom_site.pdbx_PDB_model_num 
ATOM   1   N N   . ASP A 1 1  ? 2.676   -5.980  17.996  1.00 36.65 ? 1   ASP A N   1 
ATOM   2   C CA  . ASP A 1 1  ? 2.068   -4.660  17.988  1.00 33.88 ? 1   ASP A CA  1 
ATOM   3   C C   . ASP A 1 1  ? 1.662   -4.310  16.554  1.00 31.53 ? 1   ASP A C   1 
ATOM   4   O O   . ASP A 1 1  ? 2.269   -4.789  15.588  1.00 29.75 ? 1   ASP A O   1 
ATOM   5   C CB  . ASP A 1 1  ? 3.044   -3.601  18.526  1.00 31.67 ? 1   ASP A CB  1 
ATOM   6   C CG  . ASP A 1 1  ? 3.398   -3.805  19.996  1.00 36.82 ? 1   ASP A CG  1 
ATOM   7   O OD1 . ASP A 1 1  ? 3.228   -4.941  20.506  1.00 30.61 ? 1   ASP A OD1 1 
ATOM   8   O OD2 . ASP A 1 1  ? 3.859   -2.823  20.642  1.00 34.30 ? 1   ASP A OD2 1 
ATOM   9   N N   . THR A 1 2  ? 0.642   -3.473  16.418  1.00 28.74 ? 2   THR A N   1 
ATOM   10  C CA  . THR A 1 2  ? 0.190   -3.044  15.105  1.00 33.65 ? 2   THR A CA  1 
ATOM   11  C C   . THR A 1 2  ? 0.853   -1.716  14.742  1.00 26.97 ? 2   THR A C   1 
ATOM   12  O O   . THR A 1 2  ? 0.809   -0.761  15.520  1.00 28.40 ? 2   THR A O   1 
ATOM   13  C CB  . THR A 1 2  ? -1.332  -2.873  15.073  1.00 38.94 ? 2   THR A CB  1 
ATOM   14  O OG1 . THR A 1 2  ? -1.962  -4.115  15.432  1.00 38.11 ? 2   THR A OG1 1 
ATOM   15  C CG2 . THR A 1 2  ? -1.778  -2.463  13.675  1.00 33.26 ? 2   THR A CG2 1 
ATOM   16  N N   . TYR A 1 3  ? 1.492   -1.680  13.576  1.00 28.13 ? 3   TYR A N   1 
ATOM   17  C CA  . TYR A 1 3  ? 2.148   -0.475  13.090  1.00 26.01 ? 3   TYR A CA  1 
ATOM   18  C C   . TYR A 1 3  ? 1.477   -0.060  11.791  1.00 32.50 ? 3   TYR A C   1 
ATOM   19  O O   . TYR A 1 3  ? 1.006   -0.916  11.037  1.00 26.38 ? 3   TYR A O   1 
ATOM   20  C CB  . TYR A 1 3  ? 3.640   -0.725  12.870  1.00 25.16 ? 3   TYR A CB  1 
ATOM   21  C CG  . TYR A 1 3  ? 4.361   -1.023  14.155  1.00 27.93 ? 3   TYR A CG  1 
ATOM   22  C CD1 . TYR A 1 3  ? 4.897   0.005   14.930  1.00 28.59 ? 3   TYR A CD1 1 
ATOM   23  C CD2 . TYR A 1 3  ? 4.484   -2.332  14.613  1.00 26.98 ? 3   TYR A CD2 1 
ATOM   24  C CE1 . TYR A 1 3  ? 5.537   -0.267  16.131  1.00 26.58 ? 3   TYR A CE1 1 
ATOM   25  C CE2 . TYR A 1 3  ? 5.121   -2.617  15.814  1.00 25.94 ? 3   TYR A CE2 1 
ATOM   26  C CZ  . TYR A 1 3  ? 5.641   -1.578  16.573  1.00 29.15 ? 3   TYR A CZ  1 
ATOM   27  O OH  . TYR A 1 3  ? 6.279   -1.861  17.766  1.00 27.66 ? 3   TYR A OH  1 
ATOM   28  N N   . LYS A 1 4  ? 1.443   1.246   11.539  1.00 28.52 ? 4   LYS A N   1 
ATOM   29  C CA  . LYS A 1 4  ? 0.705   1.808   10.412  1.00 31.11 ? 4   LYS A CA  1 
ATOM   30  C C   . LYS A 1 4  ? 1.658   2.575   9.504   1.00 33.62 ? 4   LYS A C   1 
ATOM   31  O O   . LYS A 1 4  ? 2.577   3.247   9.984   1.00 25.88 ? 4   LYS A O   1 
ATOM   32  C CB  . LYS A 1 4  ? -0.396  2.742   10.936  1.00 27.95 ? 4   LYS A CB  1 
ATOM   33  C CG  . LYS A 1 4  ? -1.340  3.280   9.868   1.00 37.19 ? 4   LYS A CG  1 
ATOM   34  C CD  . LYS A 1 4  ? -2.138  4.482   10.360  1.00 38.18 ? 4   LYS A CD  1 
ATOM   35  C CE  . LYS A 1 4  ? -3.130  4.098   11.451  1.00 49.39 ? 4   LYS A CE  1 
ATOM   36  N NZ  . LYS A 1 4  ? -3.918  5.273   11.928  1.00 42.21 ? 4   LYS A NZ  1 
ATOM   37  N N   . LEU A 1 5  ? 1.448   2.483   8.194   1.00 26.83 ? 5   LEU A N   1 
ATOM   38  C CA  . LEU A 1 5  ? 2.228   3.290   7.261   1.00 25.68 ? 5   LEU A CA  1 
ATOM   39  C C   . LEU A 1 5  ? 1.286   4.153   6.436   1.00 32.05 ? 5   LEU A C   1 
ATOM   40  O O   . LEU A 1 5  ? 0.374   3.642   5.787   1.00 32.82 ? 5   LEU A O   1 
ATOM   41  C CB  . LEU A 1 5  ? 3.068   2.417   6.327   1.00 25.15 ? 5   LEU A CB  1 
ATOM   42  C CG  . LEU A 1 5  ? 3.818   3.160   5.214   1.00 26.88 ? 5   LEU A CG  1 
ATOM   43  C CD1 . LEU A 1 5  ? 4.932   4.031   5.797   1.00 28.86 ? 5   LEU A CD1 1 
ATOM   44  C CD2 . LEU A 1 5  ? 4.376   2.185   4.182   1.00 31.07 ? 5   LEU A CD2 1 
ATOM   45  N N   . ILE A 1 6  ? 1.492   5.461   6.473   1.00 29.01 ? 6   ILE A N   1 
ATOM   46  C CA  . ILE A 1 6  ? 0.731   6.359   5.623   1.00 28.01 ? 6   ILE A CA  1 
ATOM   47  C C   . ILE A 1 6  ? 1.664   6.779   4.512   1.00 32.68 ? 6   ILE A C   1 
ATOM   48  O O   . ILE A 1 6  ? 2.663   7.450   4.749   1.00 30.24 ? 6   ILE A O   1 
ATOM   49  C CB  . ILE A 1 6  ? 0.215   7.592   6.369   1.00 30.89 ? 6   ILE A CB  1 
ATOM   50  C CG1 . ILE A 1 6  ? -0.625  7.158   7.576   1.00 33.22 ? 6   ILE A CG1 1 
ATOM   51  C CG2 . ILE A 1 6  ? -0.594  8.485   5.411   1.00 33.13 ? 6   ILE A CG2 1 
ATOM   52  C CD1 . ILE A 1 6  ? -1.085  8.306   8.463   1.00 35.77 ? 6   ILE A CD1 1 
ATOM   53  N N   . LEU A 1 7  ? 1.332   6.357   3.300   1.00 29.19 ? 7   LEU A N   1 
ATOM   54  C CA  . LEU A 1 7  ? 2.222   6.492   2.154   1.00 29.71 ? 7   LEU A CA  1 
ATOM   55  C C   . LEU A 1 7  ? 1.688   7.499   1.150   1.00 35.79 ? 7   LEU A C   1 
ATOM   56  O O   . LEU A 1 7  ? 0.488   7.566   0.886   1.00 33.24 ? 7   LEU A O   1 
ATOM   57  C CB  . LEU A 1 7  ? 2.420   5.134   1.475   1.00 35.95 ? 7   LEU A CB  1 
ATOM   58  C CG  . LEU A 1 7  ? 3.238   5.089   0.181   1.00 38.01 ? 7   LEU A CG  1 
ATOM   59  C CD1 . LEU A 1 7  ? 4.033   3.812   0.128   1.00 41.17 ? 7   LEU A CD1 1 
ATOM   60  C CD2 . LEU A 1 7  ? 2.338   5.208   -1.044  1.00 35.22 ? 7   LEU A CD2 1 
ATOM   61  N N   . ASN A 1 8  ? 2.597   8.283   0.585   1.00 36.85 ? 8   ASN A N   1 
ATOM   62  C CA  . ASN A 1 8  ? 2.234   9.275   -0.410  1.00 35.65 ? 8   ASN A CA  1 
ATOM   63  C C   . ASN A 1 8  ? 3.397   9.427   -1.372  1.00 38.93 ? 8   ASN A C   1 
ATOM   64  O O   . ASN A 1 8  ? 4.317   10.196  -1.119  1.00 36.50 ? 8   ASN A O   1 
ATOM   65  C CB  . ASN A 1 8  ? 1.926   10.608  0.270   1.00 35.42 ? 8   ASN A CB  1 
ATOM   66  C CG  . ASN A 1 8  ? 1.371   11.652  -0.685  1.00 43.33 ? 8   ASN A CG  1 
ATOM   67  O OD1 . ASN A 1 8  ? 1.624   11.624  -1.896  1.00 39.63 ? 8   ASN A OD1 1 
ATOM   68  N ND2 . ASN A 1 8  ? 0.607   12.594  -0.135  1.00 40.21 ? 8   ASN A ND2 1 
ATOM   69  N N   . GLY A 1 9  ? 3.366   8.673   -2.458  1.00 31.24 ? 9   GLY A N   1 
ATOM   70  C CA  . GLY A 1 9  ? 4.375   8.804   -3.495  1.00 38.59 ? 9   GLY A CA  1 
ATOM   71  C C   . GLY A 1 9  ? 4.132   7.914   -4.700  1.00 39.49 ? 9   GLY A C   1 
ATOM   72  O O   . GLY A 1 9  ? 3.272   7.029   -4.672  1.00 31.41 ? 9   GLY A O   1 
HETATM 73  N N   . AIB A 1 10 ? 4.887   8.162   -5.766  1.00 36.68 ? 10  AIB A N   1 
HETATM 74  C CA  . AIB A 1 10 ? 4.841   7.351   -6.967  1.00 38.34 ? 10  AIB A CA  1 
HETATM 75  C C   . AIB A 1 10 ? 3.435   7.085   -7.523  1.00 33.80 ? 10  AIB A C   1 
HETATM 76  O O   . AIB A 1 10 ? 3.094   6.010   -8.012  1.00 37.54 ? 10  AIB A O   1 
HETATM 77  C CB1 . AIB A 1 10 ? 5.597   8.042   -8.125  1.00 40.69 ? 10  AIB A CB1 1 
HETATM 78  C CB2 . AIB A 1 10 ? 5.496   5.979   -6.715  1.00 33.68 ? 10  AIB A CB2 1 
ATOM   79  N N   . GLY A 1 11 ? 2.595   8.112   -7.417  1.00 32.42 ? 11  GLY A N   1 
ATOM   80  C CA  . GLY A 1 11 ? 1.248   8.050   -7.950  1.00 37.69 ? 11  GLY A CA  1 
ATOM   81  C C   . GLY A 1 11 ? 0.261   7.383   -7.022  1.00 37.57 ? 11  GLY A C   1 
ATOM   82  O O   . GLY A 1 11 ? -0.919  7.270   -7.348  1.00 38.05 ? 11  GLY A O   1 
ATOM   83  N N   . LEU A 1 12 ? 0.741   6.953   -5.856  1.00 33.83 ? 12  LEU A N   1 
ATOM   84  C CA  . LEU A 1 12 ? -0.098  6.227   -4.904  1.00 35.97 ? 12  LEU A CA  1 
ATOM   85  C C   . LEU A 1 12 ? -0.294  6.983   -3.600  1.00 36.67 ? 12  LEU A C   1 
ATOM   86  O O   . LEU A 1 12 ? 0.572   7.748   -3.173  1.00 32.41 ? 12  LEU A O   1 
ATOM   87  C CB  . LEU A 1 12 ? 0.543   4.884   -4.579  1.00 35.76 ? 12  LEU A CB  1 
ATOM   88  C CG  . LEU A 1 12 ? 0.866   3.977   -5.761  1.00 38.02 ? 12  LEU A CG  1 
ATOM   89  C CD1 . LEU A 1 12 ? 1.706   2.808   -5.277  1.00 38.32 ? 12  LEU A CD1 1 
ATOM   90  C CD2 . LEU A 1 12 ? -0.418  3.499   -6.442  1.00 37.89 ? 12  LEU A CD2 1 
ATOM   91  N N   . LYS A 1 13 ? -1.436  6.768   -2.962  1.00 33.96 ? 13  LYS A N   1 
ATOM   92  C CA  . LYS A 1 13 ? -1.616  7.184   -1.573  1.00 34.67 ? 13  LYS A CA  1 
ATOM   93  C C   . LYS A 1 13 ? -2.242  6.009   -0.842  1.00 42.19 ? 13  LYS A C   1 
ATOM   94  O O   . LYS A 1 13 ? -3.209  5.417   -1.328  1.00 44.64 ? 13  LYS A O   1 
ATOM   95  C CB  . LYS A 1 13 ? -2.507  8.418   -1.457  1.00 35.64 ? 13  LYS A CB  1 
ATOM   96  C CG  . LYS A 1 13 ? -1.968  9.626   -2.193  1.00 43.51 ? 13  LYS A CG  1 
ATOM   97  C CD  . LYS A 1 13 ? -2.198  10.898  -1.414  1.00 52.42 ? 13  LYS A CD  1 
ATOM   98  C CE  . LYS A 1 13 ? -3.493  11.577  -1.804  1.00 62.60 ? 13  LYS A CE  1 
ATOM   99  N NZ  . LYS A 1 13 ? -3.346  13.064  -1.733  1.00 58.38 ? 13  LYS A NZ  1 
ATOM   100 N N   . GLY A 1 14 ? -1.698  5.647   0.313   1.00 36.07 ? 14  GLY A N   1 
ATOM   101 C CA  . GLY A 1 14 ? -2.217  4.471   0.989   1.00 37.58 ? 14  GLY A CA  1 
ATOM   102 C C   . GLY A 1 14 ? -2.043  4.506   2.485   1.00 37.33 ? 14  GLY A C   1 
ATOM   103 O O   . GLY A 1 14 ? -1.237  5.266   3.014   1.00 30.88 ? 14  GLY A O   1 
ATOM   104 N N   . GLU A 1 15 ? -2.817  3.671   3.161   1.00 31.20 ? 15  GLU A N   1 
ATOM   105 C CA  . GLU A 1 15 ? -2.664  3.460   4.585   1.00 31.84 ? 15  GLU A CA  1 
ATOM   106 C C   . GLU A 1 15 ? -2.700  1.947   4.774   1.00 35.15 ? 15  GLU A C   1 
ATOM   107 O O   . GLU A 1 15 ? -3.696  1.291   4.442   1.00 30.91 ? 15  GLU A O   1 
ATOM   108 C CB  . GLU A 1 15 ? -3.799  4.149   5.345   1.00 35.49 ? 15  GLU A CB  1 
ATOM   109 C CG  . GLU A 1 15 ? -3.600  4.233   6.842   1.00 47.93 ? 15  GLU A CG  1 
ATOM   110 C CD  . GLU A 1 15 ? -4.528  5.251   7.508   1.00 53.04 ? 15  GLU A CD  1 
ATOM   111 O OE1 . GLU A 1 15 ? -4.565  6.423   7.067   1.00 54.15 ? 15  GLU A OE1 1 
ATOM   112 O OE2 . GLU A 1 15 ? -5.217  4.878   8.478   1.00 55.34 ? 15  GLU A OE2 1 
ATOM   113 N N   . THR A 1 16 ? -1.584  1.388   5.222   1.00 26.87 ? 16  THR A N   1 
ATOM   114 C CA  . THR A 1 16 ? -1.483  -0.048  5.451   1.00 30.51 ? 16  THR A CA  1 
ATOM   115 C C   . THR A 1 16 ? -0.919  -0.318  6.848   1.00 36.12 ? 16  THR A C   1 
ATOM   116 O O   . THR A 1 16 ? -0.287  0.555   7.463   1.00 30.76 ? 16  THR A O   1 
ATOM   117 C CB  . THR A 1 16 ? -0.572  -0.706  4.420   1.00 34.99 ? 16  THR A CB  1 
ATOM   118 O OG1 . THR A 1 16 ? 0.688   -0.029  4.417   1.00 36.32 ? 16  THR A OG1 1 
ATOM   119 C CG2 . THR A 1 16 ? -1.181  -0.590  3.026   1.00 38.39 ? 16  THR A CG2 1 
ATOM   120 N N   . THR A 1 17 ? -1.143  -1.530  7.340   1.00 31.66 ? 17  THR A N   1 
ATOM   121 C CA  . THR A 1 17 ? -0.673  -1.923  8.663   1.00 33.98 ? 17  THR A CA  1 
ATOM   122 C C   . THR A 1 17 ? 0.151   -3.195  8.564   1.00 35.62 ? 17  THR A C   1 
ATOM   123 O O   . THR A 1 17 ? 0.030   -3.954  7.605   1.00 31.66 ? 17  THR A O   1 
ATOM   124 C CB  . THR A 1 17 ? -1.844  -2.168  9.639   1.00 35.80 ? 17  THR A CB  1 
ATOM   125 O OG1 . THR A 1 17 ? -2.712  -3.176  9.099   1.00 36.02 ? 17  THR A OG1 1 
ATOM   126 C CG2 . THR A 1 17 ? -2.633  -0.898  9.861   1.00 30.68 ? 17  THR A CG2 1 
ATOM   127 N N   . THR A 1 18 ? 1.010   -3.419  9.547   1.00 30.16 ? 18  THR A N   1 
ATOM   128 C CA  . THR A 1 18 ? 1.724   -4.677  9.634   1.00 29.32 ? 18  THR A CA  1 
ATOM   129 C C   . THR A 1 18 ? 1.773   -5.015  11.120  1.00 33.68 ? 18  THR A C   1 
ATOM   130 O O   . THR A 1 18 ? 1.683   -4.118  11.974  1.00 30.04 ? 18  THR A O   1 
ATOM   131 C CB  . THR A 1 18 ? 3.141   -4.588  9.029   1.00 26.59 ? 18  THR A CB  1 
ATOM   132 O OG1 . THR A 1 18 ? 3.616   -5.900  8.704   1.00 29.83 ? 18  THR A OG1 1 
ATOM   133 C CG2 . THR A 1 18 ? 4.110   -3.949  10.014  1.00 28.98 ? 18  THR A CG2 1 
ATOM   134 N N   . GLU A 1 19 ? 1.864   -6.301  11.434  1.00 27.61 ? 19  GLU A N   1 
ATOM   135 C CA  . GLU A 1 19 ? 1.974   -6.726  12.829  1.00 30.92 ? 19  GLU A CA  1 
ATOM   136 C C   . GLU A 1 19 ? 3.428   -7.099  13.060  1.00 32.65 ? 19  GLU A C   1 
ATOM   137 O O   . GLU A 1 19 ? 3.987   -7.900  12.321  1.00 35.11 ? 19  GLU A O   1 
ATOM   138 C CB  . GLU A 1 19 ? 1.076   -7.930  13.106  1.00 32.73 ? 19  GLU A CB  1 
ATOM   139 C CG  . GLU A 1 19 ? -0.371  -7.763  12.644  1.00 37.70 ? 19  GLU A CG  1 
ATOM   140 C CD  . GLU A 1 19 ? -1.134  -6.700  13.413  1.00 38.80 ? 19  GLU A CD  1 
ATOM   141 O OE1 . GLU A 1 19 ? -0.772  -6.421  14.569  1.00 40.41 ? 19  GLU A OE1 1 
ATOM   142 O OE2 . GLU A 1 19 ? -2.104  -6.143  12.858  1.00 45.32 ? 19  GLU A OE2 1 
ATOM   143 N N   . ALA A 1 20 ? 4.066   -6.502  14.056  1.00 29.18 ? 20  ALA A N   1 
ATOM   144 C CA  . ALA A 1 20 ? 5.484   -6.755  14.245  1.00 27.43 ? 20  ALA A CA  1 
ATOM   145 C C   . ALA A 1 20 ? 5.868   -6.700  15.723  1.00 27.86 ? 20  ALA A C   1 
ATOM   146 O O   . ALA A 1 20 ? 5.148   -6.117  16.536  1.00 26.70 ? 20  ALA A O   1 
ATOM   147 C CB  . ALA A 1 20 ? 6.302   -5.746  13.424  1.00 28.13 ? 20  ALA A CB  1 
ATOM   148 N N   . VAL A 1 21 ? 7.007   -7.295  16.069  1.00 26.40 ? 21  VAL A N   1 
ATOM   149 C CA  A VAL A 1 21 ? 7.441   -7.320  17.466  0.50 28.89 ? 21  VAL A CA  1 
ATOM   150 C CA  B VAL A 1 21 ? 7.465   -7.333  17.456  0.50 29.03 ? 21  VAL A CA  1 
ATOM   151 C C   . VAL A 1 21 ? 7.849   -5.947  17.982  1.00 29.50 ? 21  VAL A C   1 
ATOM   152 O O   . VAL A 1 21 ? 7.654   -5.641  19.161  1.00 26.57 ? 21  VAL A O   1 
ATOM   153 C CB  A VAL A 1 21 ? 8.599   -8.312  17.710  0.50 29.89 ? 21  VAL A CB  1 
ATOM   154 C CB  B VAL A 1 21 ? 8.671   -8.282  17.612  0.50 30.52 ? 21  VAL A CB  1 
ATOM   155 C CG1 A VAL A 1 21 ? 8.082   -9.737  17.669  0.50 30.95 ? 21  VAL A CG1 1 
ATOM   156 C CG1 B VAL A 1 21 ? 9.041   -8.440  19.071  0.50 27.38 ? 21  VAL A CG1 1 
ATOM   157 C CG2 A VAL A 1 21 ? 9.712   -8.103  16.702  0.50 26.85 ? 21  VAL A CG2 1 
ATOM   158 C CG2 B VAL A 1 21 ? 8.351   -9.637  17.008  0.50 32.45 ? 21  VAL A CG2 1 
ATOM   159 N N   . ASP A 1 22 ? 8.411   -5.113  17.108  1.00 26.30 ? 22  ASP A N   1 
ATOM   160 C CA  . ASP A 1 22 ? 8.856   -3.786  17.531  1.00 27.64 ? 22  ASP A CA  1 
ATOM   161 C C   . ASP A 1 22 ? 8.913   -2.822  16.356  1.00 30.37 ? 22  ASP A C   1 
ATOM   162 O O   . ASP A 1 22 ? 8.685   -3.211  15.211  1.00 24.23 ? 22  ASP A O   1 
ATOM   163 C CB  . ASP A 1 22 ? 10.211  -3.854  18.244  1.00 25.05 ? 22  ASP A CB  1 
ATOM   164 C CG  . ASP A 1 22 ? 11.290  -4.484  17.389  1.00 32.44 ? 22  ASP A CG  1 
ATOM   165 O OD1 . ASP A 1 22 ? 11.253  -4.334  16.147  1.00 29.68 ? 22  ASP A OD1 1 
ATOM   166 O OD2 . ASP A 1 22 ? 12.188  -5.125  17.966  1.00 29.76 ? 22  ASP A OD2 1 
ATOM   167 N N   . ALA A 1 23 ? 9.202   -1.563  16.648  1.00 25.66 ? 23  ALA A N   1 
ATOM   168 C CA  . ALA A 1 23 ? 9.209   -0.530  15.628  1.00 25.77 ? 23  ALA A CA  1 
ATOM   169 C C   . ALA A 1 23 ? 10.306  -0.723  14.578  1.00 28.02 ? 23  ALA A C   1 
ATOM   170 O O   . ALA A 1 23 ? 10.087  -0.453  13.397  1.00 28.52 ? 23  ALA A O   1 
ATOM   171 C CB  . ALA A 1 23 ? 9.340   0.841   16.279  1.00 22.79 ? 23  ALA A CB  1 
ATOM   172 N N   . ALA A 1 24 ? 11.486  -1.166  15.007  1.00 23.99 ? 24  ALA A N   1 
ATOM   173 C CA  . ALA A 1 24 ? 12.587  -1.407  14.080  1.00 29.96 ? 24  ALA A CA  1 
ATOM   174 C C   . ALA A 1 24 ? 12.212  -2.476  13.063  1.00 34.82 ? 24  ALA A C   1 
ATOM   175 O O   . ALA A 1 24 ? 12.577  -2.380  11.887  1.00 30.85 ? 24  ALA A O   1 
ATOM   176 C CB  . ALA A 1 24 ? 13.848  -1.820  14.823  1.00 26.91 ? 24  ALA A CB  1 
ATOM   177 N N   . THR A 1 25 ? 11.479  -3.489  13.518  1.00 26.01 ? 25  THR A N   1 
ATOM   178 C CA  . THR A 1 25 ? 11.052  -4.563  12.626  1.00 29.08 ? 25  THR A CA  1 
ATOM   179 C C   . THR A 1 25 ? 10.004  -4.064  11.645  1.00 32.07 ? 25  THR A C   1 
ATOM   180 O O   . THR A 1 25 ? 10.084  -4.348  10.447  1.00 32.28 ? 25  THR A O   1 
ATOM   181 C CB  . THR A 1 25 ? 10.529  -5.784  13.412  1.00 30.11 ? 25  THR A CB  1 
ATOM   182 O OG1 . THR A 1 25 ? 11.564  -6.234  14.294  1.00 33.53 ? 25  THR A OG1 1 
ATOM   183 C CG2 . THR A 1 25 ? 10.159  -6.911  12.464  1.00 27.83 ? 25  THR A CG2 1 
ATOM   184 N N   . ALA A 1 26 ? 9.035   -3.298  12.145  1.00 30.37 ? 26  ALA A N   1 
ATOM   185 C CA  . ALA A 1 26 ? 8.019   -2.720  11.280  1.00 29.42 ? 26  ALA A CA  1 
ATOM   186 C C   . ALA A 1 26 ? 8.669   -1.775  10.270  1.00 31.99 ? 26  ALA A C   1 
ATOM   187 O O   . ALA A 1 26 ? 8.309   -1.765  9.091   1.00 29.35 ? 26  ALA A O   1 
ATOM   188 C CB  . ALA A 1 26 ? 6.973   -1.996  12.098  1.00 29.28 ? 26  ALA A CB  1 
ATOM   189 N N   . GLU A 1 27 ? 9.648   -1.005  10.730  1.00 28.51 ? 27  GLU A N   1 
ATOM   190 C CA  . GLU A 1 27 ? 10.334  -0.062  9.854   1.00 30.81 ? 27  GLU A CA  1 
ATOM   191 C C   . GLU A 1 27 ? 11.003  -0.759  8.667   1.00 29.57 ? 27  GLU A C   1 
ATOM   192 O O   . GLU A 1 27 ? 10.967  -0.245  7.556   1.00 35.35 ? 27  GLU A O   1 
ATOM   193 C CB  . GLU A 1 27 ? 11.363  0.764   10.630  1.00 29.36 ? 27  GLU A CB  1 
ATOM   194 C CG  . GLU A 1 27 ? 12.074  1.794   9.762   1.00 30.60 ? 27  GLU A CG  1 
ATOM   195 C CD  . GLU A 1 27 ? 13.189  2.505   10.510  1.00 37.14 ? 27  GLU A CD  1 
ATOM   196 O OE1 . GLU A 1 27 ? 13.945  1.841   11.263  1.00 32.20 ? 27  GLU A OE1 1 
ATOM   197 O OE2 . GLU A 1 27 ? 13.299  3.729   10.346  1.00 37.48 ? 27  GLU A OE2 1 
ATOM   198 N N   . LYS A 1 28 ? 11.603  -1.925  8.889   1.00 29.95 ? 28  LYS A N   1 
ATOM   199 C CA  . LYS A 1 28 ? 12.241  -2.647  7.789   1.00 33.74 ? 28  LYS A CA  1 
ATOM   200 C C   . LYS A 1 28 ? 11.182  -3.087  6.804   1.00 35.88 ? 28  LYS A C   1 
ATOM   201 O O   . LYS A 1 28 ? 11.384  -3.028  5.593   1.00 31.40 ? 28  LYS A O   1 
ATOM   202 C CB  . LYS A 1 28 ? 12.990  -3.887  8.268   1.00 38.79 ? 28  LYS A CB  1 
ATOM   203 C CG  . LYS A 1 28 ? 14.292  -3.618  8.993   1.00 44.97 ? 28  LYS A CG  1 
ATOM   204 C CD  . LYS A 1 28 ? 14.977  -4.938  9.329   1.00 52.86 ? 28  LYS A CD  1 
ATOM   205 C CE  . LYS A 1 28 ? 16.180  -4.733  10.241  1.00 62.72 ? 28  LYS A CE  1 
ATOM   206 N NZ  . LYS A 1 28 ? 16.935  -6.007  10.437  1.00 69.50 ? 28  LYS A NZ  1 
ATOM   207 N N   . VAL A 1 29 ? 10.056  -3.544  7.336   1.00 31.11 ? 29  VAL A N   1 
ATOM   208 C CA  . VAL A 1 29 ? 8.964   -4.009  6.494   1.00 32.67 ? 29  VAL A CA  1 
ATOM   209 C C   . VAL A 1 29 ? 8.451   -2.866  5.632   1.00 35.28 ? 29  VAL A C   1 
ATOM   210 O O   . VAL A 1 29 ? 8.336   -2.997  4.420   1.00 31.93 ? 29  VAL A O   1 
ATOM   211 C CB  . VAL A 1 29 ? 7.819   -4.568  7.329   1.00 30.57 ? 29  VAL A CB  1 
ATOM   212 C CG1 . VAL A 1 29 ? 6.597   -4.826  6.455   1.00 32.45 ? 29  VAL A CG1 1 
ATOM   213 C CG2 . VAL A 1 29 ? 8.279   -5.840  8.055   1.00 30.92 ? 29  VAL A CG2 1 
ATOM   214 N N   . PHE A 1 30 ? 8.176   -1.729  6.259   1.00 28.50 ? 30  PHE A N   1 
ATOM   215 C CA  . PHE A 1 30 ? 7.630   -0.593  5.535   1.00 27.10 ? 30  PHE A CA  1 
ATOM   216 C C   . PHE A 1 30 ? 8.635   0.023   4.558   1.00 29.68 ? 30  PHE A C   1 
ATOM   217 O O   . PHE A 1 30 ? 8.257   0.462   3.481   1.00 31.26 ? 30  PHE A O   1 
ATOM   218 C CB  . PHE A 1 30 ? 7.117   0.460   6.521   1.00 28.40 ? 30  PHE A CB  1 
ATOM   219 C CG  . PHE A 1 30 ? 5.858   0.064   7.222   1.00 28.25 ? 30  PHE A CG  1 
ATOM   220 C CD1 . PHE A 1 30 ? 4.897   -0.698  6.565   1.00 27.87 ? 30  PHE A CD1 1 
ATOM   221 C CD2 . PHE A 1 30 ? 5.619   0.461   8.533   1.00 24.51 ? 30  PHE A CD2 1 
ATOM   222 C CE1 . PHE A 1 30 ? 3.719   -1.052  7.192   1.00 29.43 ? 30  PHE A CE1 1 
ATOM   223 C CE2 . PHE A 1 30 ? 4.451   0.097   9.181   1.00 28.08 ? 30  PHE A CE2 1 
ATOM   224 C CZ  . PHE A 1 30 ? 3.490   -0.660  8.511   1.00 28.10 ? 30  PHE A CZ  1 
ATOM   225 N N   . LYS A 1 31 ? 9.913   0.065   4.924   1.00 26.95 ? 31  LYS A N   1 
ATOM   226 C CA  . LYS A 1 31 ? 10.907  0.638   4.023   1.00 32.46 ? 31  LYS A CA  1 
ATOM   227 C C   . LYS A 1 31 ? 11.098  -0.247  2.788   1.00 34.80 ? 31  LYS A C   1 
ATOM   228 O O   . LYS A 1 31 ? 11.282  0.251   1.683   1.00 34.34 ? 31  LYS A O   1 
ATOM   229 C CB  . LYS A 1 31 ? 12.236  0.875   4.726   1.00 31.18 ? 31  LYS A CB  1 
ATOM   230 C CG  . LYS A 1 31 ? 12.184  2.028   5.734   1.00 38.86 ? 31  LYS A CG  1 
ATOM   231 C CD  . LYS A 1 31 ? 13.585  2.479   6.118   1.00 43.85 ? 31  LYS A CD  1 
ATOM   232 C CE  . LYS A 1 31 ? 13.555  3.751   6.946   1.00 50.10 ? 31  LYS A CE  1 
ATOM   233 N NZ  . LYS A 1 31 ? 13.406  4.966   6.094   1.00 46.35 ? 31  LYS A NZ  1 
ATOM   234 N N   . GLN A 1 32 ? 11.061  -1.558  2.985   1.00 32.36 ? 32  GLN A N   1 
ATOM   235 C CA  . GLN A 1 32 ? 11.136  -2.479  1.856   1.00 39.38 ? 32  GLN A CA  1 
ATOM   236 C C   . GLN A 1 32 ? 9.895   -2.321  0.971   1.00 40.11 ? 32  GLN A C   1 
ATOM   237 O O   . GLN A 1 32 ? 9.984   -2.315  -0.262  1.00 34.89 ? 32  GLN A O   1 
ATOM   238 C CB  . GLN A 1 32 ? 11.276  -3.923  2.346   1.00 38.76 ? 32  GLN A CB  1 
ATOM   239 C CG  . GLN A 1 32 ? 11.487  -4.942  1.223   1.00 48.77 ? 32  GLN A CG  1 
ATOM   240 C CD  . GLN A 1 32 ? 12.717  -4.622  0.383   1.00 54.25 ? 32  GLN A CD  1 
ATOM   241 O OE1 . GLN A 1 32 ? 13.830  -4.529  0.906   1.00 57.75 ? 32  GLN A OE1 1 
ATOM   242 N NE2 . GLN A 1 32 ? 12.517  -4.427  -0.922  1.00 48.24 ? 32  GLN A NE2 1 
ATOM   243 N N   . TYR A 1 33 ? 8.736   -2.187  1.611   1.00 33.70 ? 33  TYR A N   1 
ATOM   244 C CA  . TYR A 1 33 ? 7.473   -1.986  0.905   1.00 32.19 ? 33  TYR A CA  1 
ATOM   245 C C   . TYR A 1 33 ? 7.516   -0.723  0.044   1.00 37.23 ? 33  TYR A C   1 
ATOM   246 O O   . TYR A 1 33 ? 7.177   -0.750  -1.143  1.00 36.11 ? 33  TYR A O   1 
ATOM   247 C CB  . TYR A 1 33 ? 6.329   -1.917  1.914   1.00 34.65 ? 33  TYR A CB  1 
ATOM   248 C CG  . TYR A 1 33 ? 4.971   -1.550  1.342   1.00 38.97 ? 33  TYR A CG  1 
ATOM   249 C CD1 . TYR A 1 33 ? 4.237   -2.459  0.587   1.00 38.75 ? 33  TYR A CD1 1 
ATOM   250 C CD2 . TYR A 1 33 ? 4.405   -0.307  1.599   1.00 34.50 ? 33  TYR A CD2 1 
ATOM   251 C CE1 . TYR A 1 33 ? 2.987   -2.127  0.077   1.00 33.27 ? 33  TYR A CE1 1 
ATOM   252 C CE2 . TYR A 1 33 ? 3.164   0.032   1.103   1.00 36.86 ? 33  TYR A CE2 1 
ATOM   253 C CZ  . TYR A 1 33 ? 2.457   -0.880  0.338   1.00 39.68 ? 33  TYR A CZ  1 
ATOM   254 O OH  . TYR A 1 33 ? 1.213   -0.535  -0.152  1.00 38.21 ? 33  TYR A OH  1 
ATOM   255 N N   . ALA A 1 34 ? 7.955   0.379   0.641   1.00 30.63 ? 34  ALA A N   1 
ATOM   256 C CA  . ALA A 1 34 ? 8.049   1.645   -0.069  1.00 34.81 ? 34  ALA A CA  1 
ATOM   257 C C   . ALA A 1 34 ? 8.982   1.496   -1.262  1.00 39.76 ? 34  ALA A C   1 
ATOM   258 O O   . ALA A 1 34 ? 8.705   2.007   -2.342  1.00 39.56 ? 34  ALA A O   1 
ATOM   259 C CB  . ALA A 1 34 ? 8.563   2.755   0.867   1.00 35.22 ? 34  ALA A CB  1 
ATOM   260 N N   . ASN A 1 35 ? 10.098  0.803   -1.053  1.00 36.68 ? 35  ASN A N   1 
ATOM   261 C CA  . ASN A 1 35 ? 11.073  0.609   -2.120  1.00 40.63 ? 35  ASN A CA  1 
ATOM   262 C C   . ASN A 1 35 ? 10.490  -0.224  -3.266  1.00 42.16 ? 35  ASN A C   1 
ATOM   263 O O   . ASN A 1 35 ? 10.685  0.093   -4.440  1.00 40.68 ? 35  ASN A O   1 
ATOM   264 C CB  . ASN A 1 35 ? 12.346  -0.040  -1.573  1.00 43.07 ? 35  ASN A CB  1 
ATOM   265 C CG  . ASN A 1 35 ? 13.441  -0.150  -2.621  1.00 58.13 ? 35  ASN A CG  1 
ATOM   266 O OD1 . ASN A 1 35 ? 14.174  0.807   -2.865  1.00 62.71 ? 35  ASN A OD1 1 
ATOM   267 N ND2 . ASN A 1 35 ? 13.554  -1.321  -3.245  1.00 55.33 ? 35  ASN A ND2 1 
ATOM   268 N N   . ASP A 1 36 ? 9.753   -1.273  -2.914  1.00 35.08 ? 36  ASP A N   1 
ATOM   269 C CA  . ASP A 1 36 ? 9.098   -2.123  -3.904  1.00 40.58 ? 36  ASP A CA  1 
ATOM   270 C C   . ASP A 1 36 ? 8.142   -1.337  -4.790  1.00 37.33 ? 36  ASP A C   1 
ATOM   271 O O   . ASP A 1 36 ? 7.889   -1.706  -5.936  1.00 39.55 ? 36  ASP A O   1 
ATOM   272 C CB  . ASP A 1 36 ? 8.329   -3.252  -3.213  1.00 35.01 ? 36  ASP A CB  1 
ATOM   273 C CG  . ASP A 1 36 ? 9.243   -4.270  -2.573  1.00 35.17 ? 36  ASP A CG  1 
ATOM   274 O OD1 . ASP A 1 36 ? 10.453  -4.254  -2.872  1.00 44.07 ? 36  ASP A OD1 1 
ATOM   275 O OD2 . ASP A 1 36 ? 8.748   -5.090  -1.777  1.00 42.22 ? 36  ASP A OD2 1 
ATOM   276 N N   . ASN A 1 37 ? 7.605   -0.256  -4.242  1.00 35.82 ? 37  ASN A N   1 
ATOM   277 C CA  . ASN A 1 37 ? 6.622   0.565   -4.935  1.00 34.62 ? 37  ASN A CA  1 
ATOM   278 C C   . ASN A 1 37 ? 7.190   1.836   -5.548  1.00 35.43 ? 37  ASN A C   1 
ATOM   279 O O   . ASN A 1 37 ? 6.443   2.722   -5.970  1.00 33.57 ? 37  ASN A O   1 
ATOM   280 C CB  . ASN A 1 37 ? 5.470   0.905   -3.995  1.00 37.20 ? 37  ASN A CB  1 
ATOM   281 C CG  . ASN A 1 37 ? 4.579   -0.275  -3.748  1.00 39.47 ? 37  ASN A CG  1 
ATOM   282 O OD1 . ASN A 1 37 ? 3.810   -0.669  -4.624  1.00 39.41 ? 37  ASN A OD1 1 
ATOM   283 N ND2 . ASN A 1 37 ? 4.698   -0.880  -2.568  1.00 38.37 ? 37  ASN A ND2 1 
ATOM   284 N N   . GLY A 1 38 ? 8.517   1.919   -5.587  1.00 34.64 ? 38  GLY A N   1 
ATOM   285 C CA  . GLY A 1 38 ? 9.194   3.032   -6.213  1.00 36.26 ? 38  GLY A CA  1 
ATOM   286 C C   . GLY A 1 38 ? 9.053   4.332   -5.451  1.00 43.25 ? 38  GLY A C   1 
ATOM   287 O O   . GLY A 1 38 ? 9.205   5.401   -6.021  1.00 32.49 ? 38  GLY A O   1 
ATOM   288 N N   . VAL A 1 39 ? 8.758   4.255   -4.158  1.00 39.91 ? 39  VAL A N   1 
ATOM   289 C CA  . VAL A 1 39 ? 8.632   5.473   -3.366  1.00 34.19 ? 39  VAL A CA  1 
ATOM   290 C C   . VAL A 1 39 ? 9.947   5.775   -2.657  1.00 40.60 ? 39  VAL A C   1 
ATOM   291 O O   . VAL A 1 39 ? 10.495  4.925   -1.950  1.00 44.97 ? 39  VAL A O   1 
ATOM   292 C CB  . VAL A 1 39 ? 7.509   5.372   -2.314  1.00 39.36 ? 39  VAL A CB  1 
ATOM   293 C CG1 . VAL A 1 39 ? 7.433   6.662   -1.506  1.00 37.21 ? 39  VAL A CG1 1 
ATOM   294 C CG2 . VAL A 1 39 ? 6.178   5.090   -2.982  1.00 37.20 ? 39  VAL A CG2 1 
ATOM   295 N N   . ASP A 1 40 ? 10.447  6.987   -2.858  1.00 39.34 ? 40  ASP A N   1 
ATOM   296 C CA  . ASP A 1 40 ? 11.660  7.455   -2.201  1.00 46.74 ? 40  ASP A CA  1 
ATOM   297 C C   . ASP A 1 40 ? 11.326  8.788   -1.559  1.00 49.77 ? 40  ASP A C   1 
ATOM   298 O O   . ASP A 1 40 ? 11.174  9.798   -2.247  1.00 41.93 ? 40  ASP A O   1 
ATOM   299 C CB  . ASP A 1 40 ? 12.790  7.638   -3.214  1.00 57.97 ? 40  ASP A CB  1 
ATOM   300 C CG  . ASP A 1 40 ? 14.056  8.190   -2.583  1.00 65.64 ? 40  ASP A CG  1 
ATOM   301 O OD1 . ASP A 1 40 ? 14.877  7.385   -2.089  1.00 68.69 ? 40  ASP A OD1 1 
ATOM   302 O OD2 . ASP A 1 40 ? 14.227  9.428   -2.581  1.00 68.03 ? 40  ASP A OD2 1 
ATOM   303 N N   . GLY A 1 41 ? 11.180  8.794   -0.240  1.00 47.43 ? 41  GLY A N   1 
ATOM   304 C CA  . GLY A 1 41 ? 10.672  9.978   0.417   1.00 46.97 ? 41  GLY A CA  1 
ATOM   305 C C   . GLY A 1 41 ? 11.269  10.220  1.783   1.00 40.14 ? 41  GLY A C   1 
ATOM   306 O O   . GLY A 1 41 ? 12.264  9.604   2.176   1.00 36.61 ? 41  GLY A O   1 
ATOM   307 N N   . GLU A 1 42 ? 10.656  11.143  2.504   1.00 39.38 ? 42  GLU A N   1 
ATOM   308 C CA  . GLU A 1 42 ? 11.092  11.448  3.851   1.00 37.74 ? 42  GLU A CA  1 
ATOM   309 C C   . GLU A 1 42 ? 10.115  10.782  4.821   1.00 33.51 ? 42  GLU A C   1 
ATOM   310 O O   . GLU A 1 42 ? 8.918   10.661  4.526   1.00 35.30 ? 42  GLU A O   1 
ATOM   311 C CB  . GLU A 1 42 ? 11.173  12.957  4.049   1.00 40.71 ? 42  GLU A CB  1 
ATOM   312 C CG  . GLU A 1 42 ? 12.227  13.637  3.162   1.00 42.72 ? 42  GLU A CG  1 
ATOM   313 C CD  . GLU A 1 42 ? 13.633  13.491  3.717   1.00 48.96 ? 42  GLU A CD  1 
ATOM   314 O OE1 . GLU A 1 42 ? 13.870  13.914  4.872   1.00 52.06 ? 42  GLU A OE1 1 
ATOM   315 O OE2 . GLU A 1 42 ? 14.503  12.950  3.006   1.00 59.85 ? 42  GLU A OE2 1 
ATOM   316 N N   . TRP A 1 43 ? 10.635  10.333  5.961   1.00 33.54 ? 43  TRP A N   1 
ATOM   317 C CA  . TRP A 1 43 ? 9.885   9.459   6.858   1.00 30.82 ? 43  TRP A CA  1 
ATOM   318 C C   . TRP A 1 43 ? 9.632   10.145  8.182   1.00 34.49 ? 43  TRP A C   1 
ATOM   319 O O   . TRP A 1 43 ? 10.429  10.980  8.619   1.00 25.71 ? 43  TRP A O   1 
ATOM   320 C CB  . TRP A 1 43 ? 10.681  8.179   7.125   1.00 29.24 ? 43  TRP A CB  1 
ATOM   321 C CG  . TRP A 1 43 ? 10.731  7.264   5.950   1.00 30.39 ? 43  TRP A CG  1 
ATOM   322 C CD1 . TRP A 1 43 ? 11.502  7.398   4.817   1.00 35.98 ? 43  TRP A CD1 1 
ATOM   323 C CD2 . TRP A 1 43 ? 9.975   6.064   5.783   1.00 33.41 ? 43  TRP A CD2 1 
ATOM   324 N NE1 . TRP A 1 43 ? 11.258  6.343   3.958   1.00 33.31 ? 43  TRP A NE1 1 
ATOM   325 C CE2 . TRP A 1 43 ? 10.324  5.516   4.528   1.00 32.13 ? 43  TRP A CE2 1 
ATOM   326 C CE3 . TRP A 1 43 ? 9.030   5.401   6.572   1.00 31.20 ? 43  TRP A CE3 1 
ATOM   327 C CZ2 . TRP A 1 43 ? 9.757   4.343   4.045   1.00 34.37 ? 43  TRP A CZ2 1 
ATOM   328 C CZ3 . TRP A 1 43 ? 8.472   4.229   6.086   1.00 31.74 ? 43  TRP A CZ3 1 
ATOM   329 C CH2 . TRP A 1 43 ? 8.839   3.713   4.839   1.00 33.87 ? 43  TRP A CH2 1 
ATOM   330 N N   . THR A 1 44 ? 8.517   9.798   8.812   1.00 28.11 ? 44  THR A N   1 
ATOM   331 C CA  . THR A 1 44 ? 8.294   10.166  10.204  1.00 26.42 ? 44  THR A CA  1 
ATOM   332 C C   . THR A 1 44 ? 7.826   8.928   10.937  1.00 32.82 ? 44  THR A C   1 
ATOM   333 O O   . THR A 1 44 ? 7.396   7.940   10.322  1.00 27.33 ? 44  THR A O   1 
ATOM   334 C CB  . THR A 1 44 ? 7.229   11.277  10.372  1.00 29.41 ? 44  THR A CB  1 
ATOM   335 O OG1 . THR A 1 44 ? 5.925   10.740  10.105  1.00 31.97 ? 44  THR A OG1 1 
ATOM   336 C CG2 . THR A 1 44 ? 7.522   12.482  9.439   1.00 30.45 ? 44  THR A CG2 1 
ATOM   337 N N   . TYR A 1 45 ? 7.915   8.969   12.253  1.00 25.18 ? 45  TYR A N   1 
ATOM   338 C CA  . TYR A 1 45 ? 7.383   7.881   13.065  1.00 28.68 ? 45  TYR A CA  1 
ATOM   339 C C   . TYR A 1 45 ? 6.872   8.489   14.350  1.00 29.44 ? 45  TYR A C   1 
ATOM   340 O O   . TYR A 1 45 ? 7.572   9.269   14.991  1.00 29.22 ? 45  TYR A O   1 
ATOM   341 C CB  . TYR A 1 45 ? 8.444   6.820   13.373  1.00 27.77 ? 45  TYR A CB  1 
ATOM   342 C CG  . TYR A 1 45 ? 7.951   5.822   14.400  1.00 29.20 ? 45  TYR A CG  1 
ATOM   343 C CD1 . TYR A 1 45 ? 7.096   4.791   14.026  1.00 26.74 ? 45  TYR A CD1 1 
ATOM   344 C CD2 . TYR A 1 45 ? 8.320   5.923   15.741  1.00 29.45 ? 45  TYR A CD2 1 
ATOM   345 C CE1 . TYR A 1 45 ? 6.618   3.869   14.964  1.00 26.13 ? 45  TYR A CE1 1 
ATOM   346 C CE2 . TYR A 1 45 ? 7.857   5.010   16.680  1.00 26.15 ? 45  TYR A CE2 1 
ATOM   347 C CZ  . TYR A 1 45 ? 6.998   3.989   16.280  1.00 28.36 ? 45  TYR A CZ  1 
ATOM   348 O OH  . TYR A 1 45 ? 6.524   3.069   17.183  1.00 25.28 ? 45  TYR A OH  1 
ATOM   349 N N   . ASP A 1 46 ? 5.637   8.168   14.708  1.00 29.74 ? 46  ASP A N   1 
ATOM   350 C CA  . ASP A 1 46 ? 5.086   8.624   15.973  1.00 29.57 ? 46  ASP A CA  1 
ATOM   351 C C   . ASP A 1 46 ? 4.052   7.641   16.506  1.00 30.18 ? 46  ASP A C   1 
ATOM   352 O O   . ASP A 1 46 ? 3.041   7.414   15.856  1.00 28.24 ? 46  ASP A O   1 
ATOM   353 C CB  . ASP A 1 46 ? 4.424   9.984   15.796  1.00 30.84 ? 46  ASP A CB  1 
ATOM   354 C CG  . ASP A 1 46 ? 3.851   10.517  17.098  1.00 41.05 ? 46  ASP A CG  1 
ATOM   355 O OD1 . ASP A 1 46 ? 4.556   10.444  18.112  1.00 46.11 ? 46  ASP A OD1 1 
ATOM   356 O OD2 . ASP A 1 46 ? 2.699   10.986  17.110  1.00 48.17 ? 46  ASP A OD2 1 
HETATM 357 N N   . DPR A 1 47 ? 4.305   7.060   17.678  1.00 27.88 ? 47  DPR A N   1 
HETATM 358 C CA  . DPR A 1 47 ? 3.281   6.258   18.373  1.00 33.90 ? 47  DPR A CA  1 
HETATM 359 C CB  . DPR A 1 47 ? 4.013   5.707   19.610  1.00 32.22 ? 47  DPR A CB  1 
HETATM 360 C CG  . DPR A 1 47 ? 5.399   6.286   19.580  1.00 41.19 ? 47  DPR A CG  1 
HETATM 361 C CD  . DPR A 1 47 ? 5.466   7.355   18.530  1.00 31.84 ? 47  DPR A CD  1 
HETATM 362 C C   . DPR A 1 47 ? 2.734   5.097   17.530  1.00 28.18 ? 47  DPR A C   1 
HETATM 363 O O   . DPR A 1 47 ? 1.552   4.804   17.594  1.00 33.36 ? 47  DPR A O   1 
ATOM   364 N N   . GLY A 1 48 ? 3.588   4.459   16.739  1.00 28.00 ? 48  GLY A N   1 
ATOM   365 C CA  . GLY A 1 48 ? 3.179   3.305   15.951  1.00 25.54 ? 48  GLY A CA  1 
ATOM   366 C C   . GLY A 1 48 ? 2.870   3.618   14.501  1.00 32.15 ? 48  GLY A C   1 
ATOM   367 O O   . GLY A 1 48 ? 2.714   2.711   13.669  1.00 29.44 ? 48  GLY A O   1 
ATOM   368 N N   . THR A 1 49 ? 2.782   4.905   14.186  1.00 26.60 ? 49  THR A N   1 
ATOM   369 C CA  . THR A 1 49 ? 2.452   5.321   12.833  1.00 25.36 ? 49  THR A CA  1 
ATOM   370 C C   . THR A 1 49 ? 3.659   5.871   12.099  1.00 32.55 ? 49  THR A C   1 
ATOM   371 O O   . THR A 1 49 ? 4.306   6.837   12.546  1.00 27.74 ? 49  THR A O   1 
ATOM   372 C CB  . THR A 1 49 ? 1.378   6.398   12.836  1.00 30.91 ? 49  THR A CB  1 
ATOM   373 O OG1 . THR A 1 49 ? 0.203   5.891   13.468  1.00 28.32 ? 49  THR A OG1 1 
ATOM   374 C CG2 . THR A 1 49 ? 1.047   6.822   11.403  1.00 30.60 ? 49  THR A CG2 1 
ATOM   375 N N   . PHE A 1 50 ? 3.958   5.251   10.966  1.00 26.25 ? 50  PHE A N   1 
ATOM   376 C CA  . PHE A 1 50 ? 4.988   5.725   10.064  1.00 24.27 ? 50  PHE A CA  1 
ATOM   377 C C   . PHE A 1 50 ? 4.315   6.518   8.958   1.00 34.04 ? 50  PHE A C   1 
ATOM   378 O O   . PHE A 1 50 ? 3.176   6.217   8.575   1.00 25.24 ? 50  PHE A O   1 
ATOM   379 C CB  . PHE A 1 50 ? 5.717   4.555   9.394   1.00 28.63 ? 50  PHE A CB  1 
ATOM   380 C CG  . PHE A 1 50 ? 6.570   3.746   10.314  1.00 28.16 ? 50  PHE A CG  1 
ATOM   381 C CD1 . PHE A 1 50 ? 6.002   2.740   11.096  1.00 27.51 ? 50  PHE A CD1 1 
ATOM   382 C CD2 . PHE A 1 50 ? 7.940   3.967   10.383  1.00 29.25 ? 50  PHE A CD2 1 
ATOM   383 C CE1 . PHE A 1 50 ? 6.782   1.974   11.933  1.00 27.14 ? 50  PHE A CE1 1 
ATOM   384 C CE2 . PHE A 1 50 ? 8.734   3.196   11.210  1.00 28.28 ? 50  PHE A CE2 1 
ATOM   385 C CZ  . PHE A 1 50 ? 8.154   2.198   11.993  1.00 27.24 ? 50  PHE A CZ  1 
ATOM   386 N N   . THR A 1 51 ? 5.022   7.515   8.428   1.00 27.59 ? 51  THR A N   1 
ATOM   387 C CA  . THR A 1 51 ? 4.605   8.159   7.186   1.00 27.18 ? 51  THR A CA  1 
ATOM   388 C C   . THR A 1 51 ? 5.797   8.161   6.253   1.00 32.88 ? 51  THR A C   1 
ATOM   389 O O   . THR A 1 51 ? 6.935   8.280   6.701   1.00 32.21 ? 51  THR A O   1 
ATOM   390 C CB  . THR A 1 51 ? 4.120   9.614   7.394   1.00 27.71 ? 51  THR A CB  1 
ATOM   391 O OG1 . THR A 1 51 ? 5.238   10.458  7.694   1.00 34.50 ? 51  THR A OG1 1 
ATOM   392 C CG2 . THR A 1 51 ? 3.129   9.694   8.545   1.00 28.14 ? 51  THR A CG2 1 
ATOM   393 N N   . VAL A 1 52 ? 5.552   7.975   4.961   1.00 29.80 ? 52  VAL A N   1 
ATOM   394 C CA  . VAL A 1 52 ? 6.573   8.256   3.957   1.00 27.27 ? 52  VAL A CA  1 
ATOM   395 C C   . VAL A 1 52 ? 5.919   9.146   2.906   1.00 36.07 ? 52  VAL A C   1 
ATOM   396 O O   . VAL A 1 52 ? 4.856   8.833   2.383   1.00 28.86 ? 52  VAL A O   1 
ATOM   397 C CB  . VAL A 1 52 ? 7.214   6.995   3.341   1.00 27.66 ? 52  VAL A CB  1 
ATOM   398 C CG1 . VAL A 1 52 ? 6.159   6.085   2.673   1.00 29.05 ? 52  VAL A CG1 1 
ATOM   399 C CG2 . VAL A 1 52 ? 8.319   7.393   2.326   1.00 28.54 ? 52  VAL A CG2 1 
ATOM   400 N N   . THR A 1 53 ? 6.529   10.294  2.652   1.00 35.06 ? 53  THR A N   1 
ATOM   401 C CA  . THR A 1 53 ? 5.894   11.312  1.841   1.00 41.55 ? 53  THR A CA  1 
ATOM   402 C C   . THR A 1 53 ? 6.960   11.930  0.980   1.00 46.95 ? 53  THR A C   1 
ATOM   403 O O   . THR A 1 53 ? 7.733   12.756  1.464   1.00 48.71 ? 53  THR A O   1 
ATOM   404 C CB  . THR A 1 53 ? 5.309   12.458  2.692   1.00 38.56 ? 53  THR A CB  1 
ATOM   405 O OG1 . THR A 1 53 ? 4.355   11.967  3.644   1.00 42.81 ? 53  THR A OG1 1 
ATOM   406 C CG2 . THR A 1 53 ? 4.632   13.468  1.795   1.00 48.02 ? 53  THR A CG2 1 
ATOM   407 N N   . GLU A 1 54 ? 7.024   11.531  -0.283  1.00 45.68 ? 54  GLU A N   1 
ATOM   408 C CA  . GLU A 1 54 ? 8.062   12.048  -1.167  1.00 55.69 ? 54  GLU A CA  1 
ATOM   409 C C   . GLU A 1 54 ? 7.794   13.505  -1.550  1.00 56.48 ? 54  GLU A C   1 
ATOM   410 O O   . GLU A 1 54 ? 6.650   13.991  -1.487  1.00 50.55 ? 54  GLU A O   1 
ATOM   411 C CB  . GLU A 1 54 ? 8.195   11.178  -2.414  1.00 45.92 ? 54  GLU A CB  1 
ATOM   412 C CG  . GLU A 1 54 ? 7.040   11.314  -3.351  1.00 44.31 ? 54  GLU A CG  1 
ATOM   413 C CD  . GLU A 1 54 ? 7.123   10.337  -4.498  1.00 50.40 ? 54  GLU A CD  1 
ATOM   414 O OE1 . GLU A 1 54 ? 7.861   9.329   -4.363  1.00 46.57 ? 54  GLU A OE1 1 
ATOM   415 O OE2 . GLU A 1 54 ? 6.438   10.570  -5.524  1.00 44.20 ? 54  GLU A OE2 1 
HETATM 416 N N   . NH2 A 1 55 ? 8.859   14.201  -1.928  1.00 63.38 ? 55  NH2 A N   1 
ATOM   417 N N   . ASP B 1 1  ? -10.935 10.256  -11.294 1.00 34.23 ? 1   ASP B N   1 
ATOM   418 C CA  . ASP B 1 1  ? -11.520 9.784   -10.040 1.00 38.82 ? 1   ASP B CA  1 
ATOM   419 C C   . ASP B 1 1  ? -10.484 9.110   -9.139  1.00 38.34 ? 1   ASP B C   1 
ATOM   420 O O   . ASP B 1 1  ? -9.387  8.771   -9.581  1.00 36.47 ? 1   ASP B O   1 
ATOM   421 C CB  . ASP B 1 1  ? -12.658 8.791   -10.311 1.00 39.04 ? 1   ASP B CB  1 
ATOM   422 C CG  . ASP B 1 1  ? -13.838 9.421   -11.037 1.00 49.30 ? 1   ASP B CG  1 
ATOM   423 O OD1 . ASP B 1 1  ? -13.736 10.598  -11.438 1.00 51.40 ? 1   ASP B OD1 1 
ATOM   424 O OD2 . ASP B 1 1  ? -14.867 8.728   -11.214 1.00 55.46 ? 1   ASP B OD2 1 
ATOM   425 N N   . THR B 1 2  ? -10.855 8.895   -7.879  1.00 35.23 ? 2   THR B N   1 
ATOM   426 C CA  . THR B 1 2  ? -10.019 8.146   -6.962  1.00 32.47 ? 2   THR B CA  1 
ATOM   427 C C   . THR B 1 2  ? -10.461 6.693   -6.925  1.00 33.58 ? 2   THR B C   1 
ATOM   428 O O   . THR B 1 2  ? -11.625 6.390   -6.681  1.00 39.37 ? 2   THR B O   1 
ATOM   429 C CB  . THR B 1 2  ? -10.103 8.682   -5.518  1.00 38.90 ? 2   THR B CB  1 
ATOM   430 O OG1 . THR B 1 2  ? -9.768  10.074  -5.501  1.00 37.95 ? 2   THR B OG1 1 
ATOM   431 C CG2 . THR B 1 2  ? -9.128  7.936   -4.638  1.00 36.00 ? 2   THR B CG2 1 
ATOM   432 N N   . TYR B 1 3  ? -9.522  5.796   -7.159  1.00 29.17 ? 3   TYR B N   1 
ATOM   433 C CA  . TYR B 1 3  ? -9.823  4.386   -7.130  1.00 30.03 ? 3   TYR B CA  1 
ATOM   434 C C   . TYR B 1 3  ? -9.027  3.754   -6.010  1.00 33.95 ? 3   TYR B C   1 
ATOM   435 O O   . TYR B 1 3  ? -7.963  4.250   -5.639  1.00 29.27 ? 3   TYR B O   1 
ATOM   436 C CB  . TYR B 1 3  ? -9.489  3.746   -8.479  1.00 30.51 ? 3   TYR B CB  1 
ATOM   437 C CG  . TYR B 1 3  ? -10.403 4.198   -9.603  1.00 27.62 ? 3   TYR B CG  1 
ATOM   438 C CD1 . TYR B 1 3  ? -10.109 5.327   -10.366 1.00 32.50 ? 3   TYR B CD1 1 
ATOM   439 C CD2 . TYR B 1 3  ? -11.562 3.490   -9.901  1.00 31.33 ? 3   TYR B CD2 1 
ATOM   440 C CE1 . TYR B 1 3  ? -10.954 5.742   -11.397 1.00 32.00 ? 3   TYR B CE1 1 
ATOM   441 C CE2 . TYR B 1 3  ? -12.402 3.892   -10.917 1.00 29.97 ? 3   TYR B CE2 1 
ATOM   442 C CZ  . TYR B 1 3  ? -12.095 5.014   -11.665 1.00 31.41 ? 3   TYR B CZ  1 
ATOM   443 O OH  . TYR B 1 3  ? -12.949 5.391   -12.676 1.00 38.55 ? 3   TYR B OH  1 
ATOM   444 N N   . LYS B 1 4  ? -9.541  2.650   -5.488  1.00 33.08 ? 4   LYS B N   1 
ATOM   445 C CA  . LYS B 1 4  ? -9.032  2.077   -4.256  1.00 33.79 ? 4   LYS B CA  1 
ATOM   446 C C   . LYS B 1 4  ? -8.765  0.592   -4.423  1.00 34.70 ? 4   LYS B C   1 
ATOM   447 O O   . LYS B 1 4  ? -9.555  -0.131  -5.042  1.00 33.85 ? 4   LYS B O   1 
ATOM   448 C CB  . LYS B 1 4  ? -10.054 2.309   -3.138  1.00 35.83 ? 4   LYS B CB  1 
ATOM   449 C CG  . LYS B 1 4  ? -9.667  1.748   -1.787  1.00 45.00 ? 4   LYS B CG  1 
ATOM   450 C CD  . LYS B 1 4  ? -10.809 1.926   -0.778  1.00 44.58 ? 4   LYS B CD  1 
ATOM   451 C CE  . LYS B 1 4  ? -11.201 3.387   -0.643  1.00 56.04 ? 4   LYS B CE  1 
ATOM   452 N NZ  . LYS B 1 4  ? -12.208 3.605   0.442   1.00 62.64 ? 4   LYS B NZ  1 
ATOM   453 N N   . LEU B 1 5  ? -7.636  0.143   -3.889  1.00 27.58 ? 5   LEU B N   1 
ATOM   454 C CA  . LEU B 1 5  ? -7.296  -1.270  -3.887  1.00 29.68 ? 5   LEU B CA  1 
ATOM   455 C C   . LEU B 1 5  ? -7.235  -1.708  -2.436  1.00 38.80 ? 5   LEU B C   1 
ATOM   456 O O   . LEU B 1 5  ? -6.423  -1.182  -1.658  1.00 31.18 ? 5   LEU B O   1 
ATOM   457 C CB  . LEU B 1 5  ? -5.935  -1.498  -4.537  1.00 29.90 ? 5   LEU B CB  1 
ATOM   458 C CG  . LEU B 1 5  ? -5.444  -2.941  -4.467  1.00 33.83 ? 5   LEU B CG  1 
ATOM   459 C CD1 . LEU B 1 5  ? -6.333  -3.860  -5.296  1.00 37.17 ? 5   LEU B CD1 1 
ATOM   460 C CD2 . LEU B 1 5  ? -4.019  -3.042  -4.920  1.00 33.37 ? 5   LEU B CD2 1 
ATOM   461 N N   . ILE B 1 6  ? -8.102  -2.645  -2.065  1.00 32.28 ? 6   ILE B N   1 
ATOM   462 C CA  . ILE B 1 6  ? -8.130  -3.141  -0.689  1.00 37.62 ? 6   ILE B CA  1 
ATOM   463 C C   . ILE B 1 6  ? -7.271  -4.386  -0.582  1.00 41.88 ? 6   ILE B C   1 
ATOM   464 O O   . ILE B 1 6  ? -7.388  -5.310  -1.387  1.00 35.52 ? 6   ILE B O   1 
ATOM   465 C CB  . ILE B 1 6  ? -9.558  -3.435  -0.214  1.00 34.97 ? 6   ILE B CB  1 
ATOM   466 C CG1 . ILE B 1 6  ? -10.338 -2.127  -0.069  1.00 38.08 ? 6   ILE B CG1 1 
ATOM   467 C CG2 . ILE B 1 6  ? -9.533  -4.183  1.126   1.00 45.88 ? 6   ILE B CG2 1 
ATOM   468 C CD1 . ILE B 1 6  ? -11.765 -2.313  0.335   1.00 49.76 ? 6   ILE B CD1 1 
ATOM   469 N N   . LEU B 1 7  ? -6.376  -4.390  0.397   1.00 40.01 ? 7   LEU B N   1 
ATOM   470 C CA  . LEU B 1 7  ? -5.462  -5.505  0.589   1.00 42.87 ? 7   LEU B CA  1 
ATOM   471 C C   . LEU B 1 7  ? -5.715  -6.215  1.906   1.00 52.46 ? 7   LEU B C   1 
ATOM   472 O O   . LEU B 1 7  ? -5.980  -5.585  2.935   1.00 47.56 ? 7   LEU B O   1 
ATOM   473 C CB  . LEU B 1 7  ? -4.032  -5.004  0.556   1.00 55.60 ? 7   LEU B CB  1 
ATOM   474 C CG  . LEU B 1 7  ? -3.669  -4.399  -0.791  1.00 45.17 ? 7   LEU B CG  1 
ATOM   475 C CD1 . LEU B 1 7  ? -3.019  -3.033  -0.590  1.00 51.47 ? 7   LEU B CD1 1 
ATOM   476 C CD2 . LEU B 1 7  ? -2.755  -5.358  -1.513  1.00 47.12 ? 7   LEU B CD2 1 
ATOM   477 N N   . ASN B 1 8  ? -5.630  -7.535  1.868   1.00 49.24 ? 8   ASN B N   1 
ATOM   478 C CA  . ASN B 1 8  ? -5.783  -8.329  3.065   1.00 49.23 ? 8   ASN B CA  1 
ATOM   479 C C   . ASN B 1 8  ? -5.111  -9.668  2.836   1.00 62.46 ? 8   ASN B C   1 
ATOM   480 O O   . ASN B 1 8  ? -5.560  -10.703 3.329   1.00 62.61 ? 8   ASN B O   1 
ATOM   481 C CB  . ASN B 1 8  ? -7.262  -8.499  3.408   1.00 57.22 ? 8   ASN B CB  1 
ATOM   482 C CG  . ASN B 1 8  ? -7.481  -8.982  4.833   1.00 65.12 ? 8   ASN B CG  1 
ATOM   483 O OD1 . ASN B 1 8  ? -6.539  -9.079  5.625   1.00 59.40 ? 8   ASN B OD1 1 
ATOM   484 N ND2 . ASN B 1 8  ? -8.733  -9.284  5.168   1.00 62.93 ? 8   ASN B ND2 1 
ATOM   485 N N   . GLY B 1 9  ? -4.026  -9.640  2.072   1.00 63.81 ? 9   GLY B N   1 
ATOM   486 C CA  . GLY B 1 9  ? -3.367  -10.867 1.685   1.00 67.07 ? 9   GLY B CA  1 
ATOM   487 C C   . GLY B 1 9  ? -1.862  -10.760 1.629   1.00 69.66 ? 9   GLY B C   1 
ATOM   488 O O   . GLY B 1 9  ? -1.315  -9.682  1.402   1.00 63.91 ? 9   GLY B O   1 
HETATM 489 N N   . AIB B 1 10 ? -1.209  -11.902 1.838   1.00 77.53 ? 10  AIB B N   1 
HETATM 490 C CA  . AIB B 1 10 ? 0.241   -12.026 1.766   1.00 77.17 ? 10  AIB B CA  1 
HETATM 491 C C   . AIB B 1 10 ? 1.080   -10.919 2.443   1.00 67.36 ? 10  AIB B C   1 
HETATM 492 O O   . AIB B 1 10 ? 1.868   -10.186 1.827   1.00 64.38 ? 10  AIB B O   1 
HETATM 493 C CB1 . AIB B 1 10 ? 0.656   -13.337 2.462   1.00 75.67 ? 10  AIB B CB1 1 
HETATM 494 C CB2 . AIB B 1 10 ? 0.712   -12.083 0.295   1.00 65.41 ? 10  AIB B CB2 1 
ATOM   495 N N   . GLY B 1 11 ? 0.887   -10.799 3.756   1.00 67.81 ? 11  GLY B N   1 
ATOM   496 C CA  . GLY B 1 11 ? 1.576   -9.793  4.551   1.00 61.71 ? 11  GLY B CA  1 
ATOM   497 C C   . GLY B 1 11 ? 0.938   -8.416  4.453   1.00 65.49 ? 11  GLY B C   1 
ATOM   498 O O   . GLY B 1 11 ? 1.091   -7.570  5.346   1.00 51.41 ? 11  GLY B O   1 
ATOM   499 N N   . LEU B 1 12 ? 0.201   -8.194  3.368   1.00 59.68 ? 12  LEU B N   1 
ATOM   500 C CA  . LEU B 1 12 ? -0.382  -6.884  3.099   1.00 62.20 ? 12  LEU B CA  1 
ATOM   501 C C   . LEU B 1 12 ? -1.769  -6.698  3.709   1.00 51.40 ? 12  LEU B C   1 
ATOM   502 O O   . LEU B 1 12 ? -2.640  -7.559  3.562   1.00 59.49 ? 12  LEU B O   1 
ATOM   503 C CB  . LEU B 1 12 ? -0.427  -6.627  1.592   1.00 59.96 ? 12  LEU B CB  1 
ATOM   504 C CG  . LEU B 1 12 ? 0.696   -5.750  1.037   1.00 63.62 ? 12  LEU B CG  1 
ATOM   505 C CD1 . LEU B 1 12 ? 2.057   -6.140  1.611   1.00 64.85 ? 12  LEU B CD1 1 
ATOM   506 C CD2 . LEU B 1 12 ? 0.709   -5.809  -0.490  1.00 58.52 ? 12  LEU B CD2 1 
ATOM   507 N N   . LYS B 1 13 ? -1.969  -5.573  4.389   1.00 44.78 ? 13  LYS B N   1 
ATOM   508 C CA  . LYS B 1 13 ? -3.271  -5.235  4.941   1.00 41.97 ? 13  LYS B CA  1 
ATOM   509 C C   . LYS B 1 13 ? -3.530  -3.737  4.921   1.00 46.37 ? 13  LYS B C   1 
ATOM   510 O O   . LYS B 1 13 ? -2.724  -2.960  5.423   1.00 39.93 ? 13  LYS B O   1 
ATOM   511 C CB  . LYS B 1 13 ? -3.384  -5.743  6.373   1.00 45.11 ? 13  LYS B CB  1 
ATOM   512 C CG  . LYS B 1 13 ? -4.742  -5.535  6.987   1.00 49.65 ? 13  LYS B CG  1 
ATOM   513 C CD  . LYS B 1 13 ? -5.251  -6.842  7.586   1.00 52.97 ? 13  LYS B CD  1 
ATOM   514 C CE  . LYS B 1 13 ? -6.128  -6.598  8.801   1.00 62.51 ? 13  LYS B CE  1 
ATOM   515 N NZ  . LYS B 1 13 ? -7.339  -5.797  8.464   1.00 69.68 ? 13  LYS B NZ  1 
ATOM   516 N N   . GLY B 1 14 ? -4.670  -3.337  4.366   1.00 36.76 ? 14  GLY B N   1 
ATOM   517 C CA  . GLY B 1 14 ? -5.042  -1.932  4.319   1.00 36.09 ? 14  GLY B CA  1 
ATOM   518 C C   . GLY B 1 14 ? -5.525  -1.525  2.940   1.00 45.44 ? 14  GLY B C   1 
ATOM   519 O O   . GLY B 1 14 ? -6.044  -2.348  2.188   1.00 37.41 ? 14  GLY B O   1 
ATOM   520 N N   . GLU B 1 15 ? -5.365  -0.256  2.592   1.00 32.41 ? 15  GLU B N   1 
ATOM   521 C CA  . GLU B 1 15 ? -5.830  0.180   1.288   1.00 38.90 ? 15  GLU B CA  1 
ATOM   522 C C   . GLU B 1 15 ? -4.927  1.200   0.626   1.00 42.52 ? 15  GLU B C   1 
ATOM   523 O O   . GLU B 1 15 ? -4.350  2.059   1.292   1.00 39.57 ? 15  GLU B O   1 
ATOM   524 C CB  . GLU B 1 15 ? -7.268  0.695   1.345   1.00 38.98 ? 15  GLU B CB  1 
ATOM   525 C CG  . GLU B 1 15 ? -7.581  1.683   2.428   1.00 52.48 ? 15  GLU B CG  1 
ATOM   526 C CD  . GLU B 1 15 ? -9.073  1.978   2.498   1.00 64.23 ? 15  GLU B CD  1 
ATOM   527 O OE1 . GLU B 1 15 ? -9.848  1.057   2.850   1.00 56.84 ? 15  GLU B OE1 1 
ATOM   528 O OE2 . GLU B 1 15 ? -9.469  3.125   2.189   1.00 72.41 ? 15  GLU B OE2 1 
ATOM   529 N N   . THR B 1 16 ? -4.826  1.089   -0.693  1.00 34.66 ? 16  THR B N   1 
ATOM   530 C CA  . THR B 1 16 ? -4.002  1.989   -1.500  1.00 36.40 ? 16  THR B CA  1 
ATOM   531 C C   . THR B 1 16 ? -4.863  2.624   -2.579  1.00 37.56 ? 16  THR B C   1 
ATOM   532 O O   . THR B 1 16 ? -5.718  1.967   -3.177  1.00 33.71 ? 16  THR B O   1 
ATOM   533 C CB  . THR B 1 16 ? -2.833  1.234   -2.124  1.00 36.48 ? 16  THR B CB  1 
ATOM   534 O OG1 . THR B 1 16 ? -1.951  0.812   -1.076  1.00 46.88 ? 16  THR B OG1 1 
ATOM   535 C CG2 . THR B 1 16 ? -2.057  2.123   -3.091  1.00 37.25 ? 16  THR B CG2 1 
ATOM   536 N N   . THR B 1 17 ? -4.682  3.917   -2.790  1.00 31.59 ? 17  THR B N   1 
ATOM   537 C CA  . THR B 1 17 ? -5.501  4.618   -3.759  1.00 32.52 ? 17  THR B CA  1 
ATOM   538 C C   . THR B 1 17 ? -4.643  5.247   -4.846  1.00 36.94 ? 17  THR B C   1 
ATOM   539 O O   . THR B 1 17 ? -3.446  5.487   -4.651  1.00 33.45 ? 17  THR B O   1 
ATOM   540 C CB  . THR B 1 17 ? -6.345  5.702   -3.098  1.00 36.70 ? 17  THR B CB  1 
ATOM   541 O OG1 . THR B 1 17 ? -5.501  6.793   -2.717  1.00 32.96 ? 17  THR B OG1 1 
ATOM   542 C CG2 . THR B 1 17 ? -7.053  5.151   -1.860  1.00 40.19 ? 17  THR B CG2 1 
ATOM   543 N N   . THR B 1 18 ? -5.262  5.503   -5.992  1.00 36.58 ? 18  THR B N   1 
ATOM   544 C CA  . THR B 1 18 ? -4.590  6.197   -7.085  1.00 30.03 ? 18  THR B CA  1 
ATOM   545 C C   . THR B 1 18 ? -5.622  7.056   -7.792  1.00 34.22 ? 18  THR B C   1 
ATOM   546 O O   . THR B 1 18 ? -6.816  6.784   -7.702  1.00 31.64 ? 18  THR B O   1 
ATOM   547 C CB  . THR B 1 18 ? -3.937  5.217   -8.085  1.00 32.70 ? 18  THR B CB  1 
ATOM   548 O OG1 . THR B 1 18 ? -3.019  5.927   -8.928  1.00 31.13 ? 18  THR B OG1 1 
ATOM   549 C CG2 . THR B 1 18 ? -4.990  4.555   -8.956  1.00 28.62 ? 18  THR B CG2 1 
ATOM   550 N N   . GLU B 1 19 ? -5.164  8.104   -8.472  1.00 33.33 ? 19  GLU B N   1 
ATOM   551 C CA  . GLU B 1 19 ? -6.055  8.986   -9.215  1.00 34.49 ? 19  GLU B CA  1 
ATOM   552 C C   . GLU B 1 19 ? -5.949  8.575   -10.657 1.00 34.25 ? 19  GLU B C   1 
ATOM   553 O O   . GLU B 1 19 ? -4.855  8.573   -11.220 1.00 34.37 ? 19  GLU B O   1 
ATOM   554 C CB  . GLU B 1 19 ? -5.599  10.441  -9.093  1.00 37.35 ? 19  GLU B CB  1 
ATOM   555 C CG  . GLU B 1 19 ? -5.785  11.015  -7.714  1.00 42.08 ? 19  GLU B CG  1 
ATOM   556 C CD  . GLU B 1 19 ? -7.240  11.004  -7.304  1.00 46.06 ? 19  GLU B CD  1 
ATOM   557 O OE1 . GLU B 1 19 ? -8.091  11.429  -8.121  1.00 50.17 ? 19  GLU B OE1 1 
ATOM   558 O OE2 . GLU B 1 19 ? -7.535  10.557  -6.178  1.00 47.14 ? 19  GLU B OE2 1 
ATOM   559 N N   . ALA B 1 20 ? -7.073  8.222   -11.263 1.00 33.73 ? 20  ALA B N   1 
ATOM   560 C CA  . ALA B 1 20 ? -7.038  7.735   -12.633 1.00 34.42 ? 20  ALA B CA  1 
ATOM   561 C C   . ALA B 1 20 ? -8.274  8.163   -13.395 1.00 33.18 ? 20  ALA B C   1 
ATOM   562 O O   . ALA B 1 20 ? -9.328  8.373   -12.809 1.00 32.28 ? 20  ALA B O   1 
ATOM   563 C CB  . ALA B 1 20 ? -6.886  6.223   -12.662 1.00 30.90 ? 20  ALA B CB  1 
ATOM   564 N N   . VAL B 1 21 ? -8.130  8.285   -14.709 1.00 29.86 ? 21  VAL B N   1 
ATOM   565 C CA  . VAL B 1 21 ? -9.195  8.822   -15.539 1.00 35.17 ? 21  VAL B CA  1 
ATOM   566 C C   . VAL B 1 21 ? -10.402 7.872   -15.576 1.00 32.97 ? 21  VAL B C   1 
ATOM   567 O O   . VAL B 1 21 ? -11.548 8.315   -15.558 1.00 30.51 ? 21  VAL B O   1 
ATOM   568 C CB  . VAL B 1 21 ? -8.665  9.175   -16.960 1.00 31.68 ? 21  VAL B CB  1 
ATOM   569 C CG1 . VAL B 1 21 ? -8.124  7.944   -17.680 1.00 29.61 ? 21  VAL B CG1 1 
ATOM   570 C CG2 . VAL B 1 21 ? -9.723  9.835   -17.771 1.00 34.37 ? 21  VAL B CG2 1 
ATOM   571 N N   . ASP B 1 22 ? -10.136 6.568   -15.598 1.00 28.44 ? 22  ASP B N   1 
ATOM   572 C CA  . ASP B 1 22 ? -11.201 5.562   -15.567 1.00 32.47 ? 22  ASP B CA  1 
ATOM   573 C C   . ASP B 1 22 ? -10.738 4.275   -14.866 1.00 30.37 ? 22  ASP B C   1 
ATOM   574 O O   . ASP B 1 22 ? -9.579  4.164   -14.471 1.00 29.77 ? 22  ASP B O   1 
ATOM   575 C CB  . ASP B 1 22 ? -11.735 5.273   -16.988 1.00 26.53 ? 22  ASP B CB  1 
ATOM   576 C CG  . ASP B 1 22 ? -10.664 4.788   -17.933 1.00 30.11 ? 22  ASP B CG  1 
ATOM   577 O OD1 . ASP B 1 22 ? -9.608  4.325   -17.461 1.00 26.92 ? 22  ASP B OD1 1 
ATOM   578 O OD2 . ASP B 1 22 ? -10.881 4.864   -19.168 1.00 26.23 ? 22  ASP B OD2 1 
ATOM   579 N N   . ALA B 1 23 ? -11.636 3.309   -14.718 1.00 28.15 ? 23  ALA B N   1 
ATOM   580 C CA  . ALA B 1 23 ? -11.304 2.071   -14.024 1.00 28.06 ? 23  ALA B CA  1 
ATOM   581 C C   . ALA B 1 23 ? -10.214 1.279   -14.736 1.00 29.74 ? 23  ALA B C   1 
ATOM   582 O O   . ALA B 1 23 ? -9.382  0.651   -14.095 1.00 30.01 ? 23  ALA B O   1 
ATOM   583 C CB  . ALA B 1 23 ? -12.555 1.210   -13.855 1.00 28.02 ? 23  ALA B CB  1 
ATOM   584 N N   . ALA B 1 24 ? -10.239 1.285   -16.068 1.00 23.71 ? 24  ALA B N   1 
ATOM   585 C CA  . ALA B 1 24 ? -9.252  0.534   -16.839 1.00 24.95 ? 24  ALA B CA  1 
ATOM   586 C C   . ALA B 1 24 ? -7.849  1.027   -16.501 1.00 27.63 ? 24  ALA B C   1 
ATOM   587 O O   . ALA B 1 24 ? -6.915  0.243   -16.332 1.00 27.92 ? 24  ALA B O   1 
ATOM   588 C CB  . ALA B 1 24 ? -9.533  0.679   -18.345 1.00 27.59 ? 24  ALA B CB  1 
ATOM   589 N N   . THR B 1 25 ? -7.717  2.339   -16.385 1.00 26.97 ? 25  THR B N   1 
ATOM   590 C CA  . THR B 1 25 ? -6.433  2.951   -16.072 1.00 25.27 ? 25  THR B CA  1 
ATOM   591 C C   . THR B 1 25 ? -6.019  2.590   -14.644 1.00 26.09 ? 25  THR B C   1 
ATOM   592 O O   . THR B 1 25 ? -4.864  2.248   -14.392 1.00 27.56 ? 25  THR B O   1 
ATOM   593 C CB  . THR B 1 25 ? -6.511  4.468   -16.278 1.00 25.36 ? 25  THR B CB  1 
ATOM   594 O OG1 . THR B 1 25 ? -6.905  4.718   -17.630 1.00 27.50 ? 25  THR B OG1 1 
ATOM   595 C CG2 . THR B 1 25 ? -5.157  5.150   -16.015 1.00 28.12 ? 25  THR B CG2 1 
ATOM   596 N N   . ALA B 1 26 ? -6.967  2.647   -13.715 1.00 24.94 ? 26  ALA B N   1 
ATOM   597 C CA  . ALA B 1 26 ? -6.677  2.309   -12.318 1.00 27.60 ? 26  ALA B CA  1 
ATOM   598 C C   . ALA B 1 26 ? -6.311  0.831   -12.207 1.00 29.13 ? 26  ALA B C   1 
ATOM   599 O O   . ALA B 1 26 ? -5.434  0.441   -11.437 1.00 31.82 ? 26  ALA B O   1 
ATOM   600 C CB  . ALA B 1 26 ? -7.899  2.621   -11.431 1.00 26.73 ? 26  ALA B CB  1 
ATOM   601 N N   . GLU B 1 27 ? -6.990  -0.003  -12.980 1.00 24.02 ? 27  GLU B N   1 
ATOM   602 C CA  . GLU B 1 27 ? -6.690  -1.422  -12.928 1.00 25.27 ? 27  GLU B CA  1 
ATOM   603 C C   . GLU B 1 27 ? -5.252  -1.669  -13.312 1.00 30.73 ? 27  GLU B C   1 
ATOM   604 O O   . GLU B 1 27 ? -4.589  -2.490  -12.685 1.00 31.57 ? 27  GLU B O   1 
ATOM   605 C CB  . GLU B 1 27 ? -7.611  -2.252  -13.821 1.00 24.79 ? 27  GLU B CB  1 
ATOM   606 C CG  . GLU B 1 27 ? -7.331  -3.741  -13.670 1.00 27.85 ? 27  GLU B CG  1 
ATOM   607 C CD  . GLU B 1 27 ? -8.116  -4.595  -14.639 1.00 34.74 ? 27  GLU B CD  1 
ATOM   608 O OE1 . GLU B 1 27 ? -8.031  -4.347  -15.858 1.00 35.03 ? 27  GLU B OE1 1 
ATOM   609 O OE2 . GLU B 1 27 ? -8.826  -5.506  -14.173 1.00 34.27 ? 27  GLU B OE2 1 
ATOM   610 N N   . LYS B 1 28 ? -4.760  -0.953  -14.326 1.00 27.42 ? 28  LYS B N   1 
ATOM   611 C CA  . LYS B 1 28 ? -3.397  -1.166  -14.774 1.00 26.15 ? 28  LYS B CA  1 
ATOM   612 C C   . LYS B 1 28 ? -2.430  -0.747  -13.678 1.00 28.78 ? 28  LYS B C   1 
ATOM   613 O O   . LYS B 1 28 ? -1.419  -1.402  -13.456 1.00 31.32 ? 28  LYS B O   1 
ATOM   614 C CB  . LYS B 1 28 ? -3.094  -0.401  -16.070 1.00 26.60 ? 28  LYS B CB  1 
ATOM   615 C CG  . LYS B 1 28 ? -3.691  -1.031  -17.320 1.00 36.15 ? 28  LYS B CG  1 
ATOM   616 C CD  . LYS B 1 28 ? -3.257  -0.268  -18.568 1.00 39.01 ? 28  LYS B CD  1 
ATOM   617 C CE  . LYS B 1 28 ? -4.010  -0.743  -19.808 1.00 39.08 ? 28  LYS B CE  1 
ATOM   618 N NZ  . LYS B 1 28 ? -3.587  0.046   -20.991 1.00 41.03 ? 28  LYS B NZ  1 
ATOM   619 N N   . VAL B 1 29 ? -2.740  0.354   -12.999 1.00 27.55 ? 29  VAL B N   1 
ATOM   620 C CA  . VAL B 1 29 ? -1.898  0.804   -11.898 1.00 31.61 ? 29  VAL B CA  1 
ATOM   621 C C   . VAL B 1 29 ? -1.866  -0.278  -10.808 1.00 32.80 ? 29  VAL B C   1 
ATOM   622 O O   . VAL B 1 29 ? -0.798  -0.660  -10.320 1.00 30.70 ? 29  VAL B O   1 
ATOM   623 C CB  . VAL B 1 29 ? -2.403  2.141   -11.323 1.00 28.75 ? 29  VAL B CB  1 
ATOM   624 C CG1 . VAL B 1 29 ? -1.617  2.529   -10.060 1.00 29.73 ? 29  VAL B CG1 1 
ATOM   625 C CG2 . VAL B 1 29 ? -2.277  3.235   -12.372 1.00 31.32 ? 29  VAL B CG2 1 
ATOM   626 N N   . PHE B 1 30 ? -3.039  -0.802  -10.466 1.00 28.97 ? 30  PHE B N   1 
ATOM   627 C CA  . PHE B 1 30 ? -3.139  -1.808  -9.417  1.00 29.82 ? 30  PHE B CA  1 
ATOM   628 C C   . PHE B 1 30 ? -2.578  -3.184  -9.809  1.00 39.70 ? 30  PHE B C   1 
ATOM   629 O O   . PHE B 1 30 ? -2.081  -3.919  -8.954  1.00 37.59 ? 30  PHE B O   1 
ATOM   630 C CB  . PHE B 1 30 ? -4.590  -1.919  -8.916  1.00 31.40 ? 30  PHE B CB  1 
ATOM   631 C CG  . PHE B 1 30 ? -5.081  -0.680  -8.210  1.00 27.38 ? 30  PHE B CG  1 
ATOM   632 C CD1 . PHE B 1 30 ? -4.207  0.103   -7.470  1.00 29.68 ? 30  PHE B CD1 1 
ATOM   633 C CD2 . PHE B 1 30 ? -6.412  -0.299  -8.285  1.00 30.44 ? 30  PHE B CD2 1 
ATOM   634 C CE1 . PHE B 1 30 ? -4.657  1.238   -6.809  1.00 27.08 ? 30  PHE B CE1 1 
ATOM   635 C CE2 . PHE B 1 30 ? -6.867  0.842   -7.627  1.00 29.94 ? 30  PHE B CE2 1 
ATOM   636 C CZ  . PHE B 1 30 ? -5.986  1.604   -6.885  1.00 31.10 ? 30  PHE B CZ  1 
ATOM   637 N N   . LYS B 1 31 ? -2.649  -3.532  -11.091 1.00 34.23 ? 31  LYS B N   1 
ATOM   638 C CA  . LYS B 1 31 ? -2.045  -4.779  -11.560 1.00 38.04 ? 31  LYS B CA  1 
ATOM   639 C C   . LYS B 1 31 ? -0.523  -4.672  -11.449 1.00 36.14 ? 31  LYS B C   1 
ATOM   640 O O   . LYS B 1 31 ? 0.161   -5.631  -11.095 1.00 38.20 ? 31  LYS B O   1 
ATOM   641 C CB  . LYS B 1 31 ? -2.429  -5.071  -13.016 1.00 37.74 ? 31  LYS B CB  1 
ATOM   642 C CG  . LYS B 1 31 ? -3.857  -5.582  -13.228 1.00 38.73 ? 31  LYS B CG  1 
ATOM   643 C CD  . LYS B 1 31 ? -4.068  -6.949  -12.609 1.00 49.95 ? 31  LYS B CD  1 
ATOM   644 C CE  . LYS B 1 31 ? -5.454  -7.497  -12.938 1.00 54.51 ? 31  LYS B CE  1 
ATOM   645 N NZ  . LYS B 1 31 ? -5.715  -8.793  -12.257 1.00 56.99 ? 31  LYS B NZ  1 
ATOM   646 N N   . GLN B 1 32 ? 0.000   -3.499  -11.768 1.00 33.08 ? 32  GLN B N   1 
ATOM   647 C CA  . GLN B 1 32 ? 1.426   -3.263  -11.639 1.00 36.76 ? 32  GLN B CA  1 
ATOM   648 C C   . GLN B 1 32 ? 1.822   -3.340  -10.162 1.00 40.52 ? 32  GLN B C   1 
ATOM   649 O O   . GLN B 1 32 ? 2.854   -3.908  -9.814  1.00 40.74 ? 32  GLN B O   1 
ATOM   650 C CB  . GLN B 1 32 ? 1.797   -1.899  -12.219 1.00 36.89 ? 32  GLN B CB  1 
ATOM   651 C CG  . GLN B 1 32 ? 3.291   -1.621  -12.190 1.00 46.92 ? 32  GLN B CG  1 
ATOM   652 C CD  . GLN B 1 32 ? 4.060   -2.651  -13.002 1.00 57.81 ? 32  GLN B CD  1 
ATOM   653 O OE1 . GLN B 1 32 ? 3.701   -2.941  -14.151 1.00 57.59 ? 32  GLN B OE1 1 
ATOM   654 N NE2 . GLN B 1 32 ? 5.104   -3.229  -12.407 1.00 46.44 ? 32  GLN B NE2 1 
ATOM   655 N N   . TYR B 1 33 ? 0.992   -2.762  -9.303  1.00 37.48 ? 33  TYR B N   1 
ATOM   656 C CA  . TYR B 1 33 ? 1.208   -2.798  -7.856  1.00 37.34 ? 33  TYR B CA  1 
ATOM   657 C C   . TYR B 1 33 ? 1.194   -4.244  -7.341  1.00 39.49 ? 33  TYR B C   1 
ATOM   658 O O   . TYR B 1 33 ? 2.040   -4.634  -6.542  1.00 39.24 ? 33  TYR B O   1 
ATOM   659 C CB  . TYR B 1 33 ? 0.133   -1.949  -7.158  1.00 31.88 ? 33  TYR B CB  1 
ATOM   660 C CG  . TYR B 1 33 ? 0.071   -2.049  -5.649  1.00 34.24 ? 33  TYR B CG  1 
ATOM   661 C CD1 . TYR B 1 33 ? -0.558  -3.125  -5.025  1.00 37.46 ? 33  TYR B CD1 1 
ATOM   662 C CD2 . TYR B 1 33 ? 0.603   -1.047  -4.847  1.00 37.20 ? 33  TYR B CD2 1 
ATOM   663 C CE1 . TYR B 1 33 ? -0.629  -3.217  -3.653  1.00 37.84 ? 33  TYR B CE1 1 
ATOM   664 C CE2 . TYR B 1 33 ? 0.529   -1.124  -3.465  1.00 38.58 ? 33  TYR B CE2 1 
ATOM   665 C CZ  . TYR B 1 33 ? -0.084  -2.208  -2.873  1.00 39.41 ? 33  TYR B CZ  1 
ATOM   666 O OH  . TYR B 1 33 ? -0.159  -2.296  -1.500  1.00 39.42 ? 33  TYR B OH  1 
ATOM   667 N N   . ALA B 1 34 ? 0.234   -5.043  -7.795  1.00 40.37 ? 34  ALA B N   1 
ATOM   668 C CA  . ALA B 1 34 ? 0.190   -6.446  -7.380  1.00 41.52 ? 34  ALA B CA  1 
ATOM   669 C C   . ALA B 1 34 ? 1.473   -7.169  -7.788  1.00 46.84 ? 34  ALA B C   1 
ATOM   670 O O   . ALA B 1 34 ? 1.986   -8.010  -7.053  1.00 47.53 ? 34  ALA B O   1 
ATOM   671 C CB  . ALA B 1 34 ? -1.026  -7.152  -7.954  1.00 44.84 ? 34  ALA B CB  1 
ATOM   672 N N   . ASN B 1 35 ? 1.993   -6.834  -8.960  1.00 39.28 ? 35  ASN B N   1 
ATOM   673 C CA  . ASN B 1 35 ? 3.233   -7.429  -9.408  1.00 43.96 ? 35  ASN B CA  1 
ATOM   674 C C   . ASN B 1 35 ? 4.413   -6.951  -8.560  1.00 46.71 ? 35  ASN B C   1 
ATOM   675 O O   . ASN B 1 35 ? 5.240   -7.751  -8.124  1.00 43.67 ? 35  ASN B O   1 
ATOM   676 C CB  . ASN B 1 35 ? 3.467   -7.100  -10.875 1.00 48.97 ? 35  ASN B CB  1 
ATOM   677 C CG  . ASN B 1 35 ? 4.483   -8.005  -11.509 1.00 58.48 ? 35  ASN B CG  1 
ATOM   678 O OD1 . ASN B 1 35 ? 4.233   -9.199  -11.698 1.00 71.66 ? 35  ASN B OD1 1 
ATOM   679 N ND2 . ASN B 1 35 ? 5.638   -7.449  -11.856 1.00 54.33 ? 35  ASN B ND2 1 
ATOM   680 N N   . ASP B 1 36 ? 4.475   -5.645  -8.319  1.00 40.93 ? 36  ASP B N   1 
ATOM   681 C CA  . ASP B 1 36 ? 5.528   -5.070  -7.490  1.00 39.84 ? 36  ASP B CA  1 
ATOM   682 C C   . ASP B 1 36 ? 5.587   -5.688  -6.083  1.00 41.00 ? 36  ASP B C   1 
ATOM   683 O O   . ASP B 1 36 ? 6.663   -5.799  -5.502  1.00 40.77 ? 36  ASP B O   1 
ATOM   684 C CB  . ASP B 1 36 ? 5.366   -3.554  -7.381  1.00 36.67 ? 36  ASP B CB  1 
ATOM   685 C CG  . ASP B 1 36 ? 5.616   -2.837  -8.699  1.00 45.94 ? 36  ASP B CG  1 
ATOM   686 O OD1 . ASP B 1 36 ? 6.208   -3.447  -9.614  1.00 41.94 ? 36  ASP B OD1 1 
ATOM   687 O OD2 . ASP B 1 36 ? 5.227   -1.652  -8.809  1.00 39.99 ? 36  ASP B OD2 1 
ATOM   688 N N   . ASN B 1 37 ? 4.442   -6.106  -5.551  1.00 41.63 ? 37  ASN B N   1 
ATOM   689 C CA  . ASN B 1 37 ? 4.371   -6.581  -4.169  1.00 43.30 ? 37  ASN B CA  1 
ATOM   690 C C   . ASN B 1 37 ? 4.148   -8.086  -4.030  1.00 47.62 ? 37  ASN B C   1 
ATOM   691 O O   . ASN B 1 37 ? 3.821   -8.576  -2.943  1.00 47.27 ? 37  ASN B O   1 
ATOM   692 C CB  . ASN B 1 37 ? 3.278   -5.833  -3.406  1.00 40.74 ? 37  ASN B CB  1 
ATOM   693 C CG  . ASN B 1 37 ? 3.545   -4.343  -3.318  1.00 41.85 ? 37  ASN B CG  1 
ATOM   694 O OD1 . ASN B 1 37 ? 4.274   -3.882  -2.434  1.00 36.14 ? 37  ASN B OD1 1 
ATOM   695 N ND2 . ASN B 1 37 ? 2.955   -3.580  -4.235  1.00 38.18 ? 37  ASN B ND2 1 
ATOM   696 N N   . GLY B 1 38 ? 4.315   -8.814  -5.129  1.00 46.53 ? 38  GLY B N   1 
ATOM   697 C CA  . GLY B 1 38 ? 4.172   -10.260 -5.120  1.00 43.65 ? 38  GLY B CA  1 
ATOM   698 C C   . GLY B 1 38 ? 2.789   -10.734 -4.719  1.00 52.46 ? 38  GLY B C   1 
ATOM   699 O O   . GLY B 1 38 ? 2.640   -11.763 -4.060  1.00 58.51 ? 38  GLY B O   1 
ATOM   700 N N   . VAL B 1 39 ? 1.770   -9.984  -5.120  1.00 50.39 ? 39  VAL B N   1 
ATOM   701 C CA  . VAL B 1 39 ? 0.395   -10.344 -4.813  1.00 54.20 ? 39  VAL B CA  1 
ATOM   702 C C   . VAL B 1 39 ? -0.282  -10.952 -6.035  1.00 61.51 ? 39  VAL B C   1 
ATOM   703 O O   . VAL B 1 39 ? -0.212  -10.408 -7.137  1.00 59.59 ? 39  VAL B O   1 
ATOM   704 C CB  . VAL B 1 39 ? -0.413  -9.125  -4.328  1.00 54.93 ? 39  VAL B CB  1 
ATOM   705 C CG1 . VAL B 1 39 ? -1.868  -9.508  -4.091  1.00 58.06 ? 39  VAL B CG1 1 
ATOM   706 C CG2 . VAL B 1 39 ? 0.198   -8.562  -3.061  1.00 57.11 ? 39  VAL B CG2 1 
ATOM   707 N N   . ASP B 1 40 ? -0.916  -12.099 -5.834  1.00 65.14 ? 40  ASP B N   1 
ATOM   708 C CA  . ASP B 1 40 ? -1.699  -12.743 -6.875  1.00 67.71 ? 40  ASP B CA  1 
ATOM   709 C C   . ASP B 1 40 ? -2.999  -13.180 -6.228  1.00 73.26 ? 40  ASP B C   1 
ATOM   710 O O   . ASP B 1 40 ? -3.041  -13.410 -5.014  1.00 71.74 ? 40  ASP B O   1 
ATOM   711 C CB  . ASP B 1 40 ? -0.959  -13.959 -7.434  1.00 68.75 ? 40  ASP B CB  1 
ATOM   712 N N   . GLY B 1 41 ? -4.067  -13.280 -7.012  1.00 64.47 ? 41  GLY B N   1 
ATOM   713 C CA  . GLY B 1 41 ? -5.322  -13.737 -6.447  1.00 67.19 ? 41  GLY B CA  1 
ATOM   714 C C   . GLY B 1 41 ? -6.574  -13.401 -7.228  1.00 71.40 ? 41  GLY B C   1 
ATOM   715 O O   . GLY B 1 41 ? -6.528  -13.112 -8.430  1.00 66.85 ? 41  GLY B O   1 
ATOM   716 N N   . GLU B 1 42 ? -7.701  -13.447 -6.522  1.00 72.31 ? 42  GLU B N   1 
ATOM   717 C CA  . GLU B 1 42 ? -9.003  -13.210 -7.125  1.00 75.27 ? 42  GLU B CA  1 
ATOM   718 C C   . GLU B 1 42 ? -9.358  -11.728 -7.092  1.00 63.98 ? 42  GLU B C   1 
ATOM   719 O O   . GLU B 1 42 ? -9.501  -11.145 -6.022  1.00 61.38 ? 42  GLU B O   1 
ATOM   720 C CB  . GLU B 1 42 ? -10.075 -14.020 -6.396  1.00 70.86 ? 42  GLU B CB  1 
ATOM   721 N N   . TRP B 1 43 ? -9.512  -11.137 -8.274  1.00 56.28 ? 43  TRP B N   1 
ATOM   722 C CA  . TRP B 1 43 ? -9.818  -9.715  -8.392  1.00 53.67 ? 43  TRP B CA  1 
ATOM   723 C C   . TRP B 1 43 ? -11.310 -9.443  -8.505  1.00 58.11 ? 43  TRP B C   1 
ATOM   724 O O   . TRP B 1 43 ? -12.000 -10.024 -9.349  1.00 56.62 ? 43  TRP B O   1 
ATOM   725 C CB  . TRP B 1 43 ? -9.106  -9.119  -9.608  1.00 54.92 ? 43  TRP B CB  1 
ATOM   726 C CG  . TRP B 1 43 ? -7.625  -8.985  -9.428  1.00 59.64 ? 43  TRP B CG  1 
ATOM   727 C CD1 . TRP B 1 43 ? -6.699  -9.988  -9.463  1.00 59.60 ? 43  TRP B CD1 1 
ATOM   728 C CD2 . TRP B 1 43 ? -6.895  -7.775  -9.186  1.00 56.32 ? 43  TRP B CD2 1 
ATOM   729 N NE1 . TRP B 1 43 ? -5.438  -9.478  -9.260  1.00 54.70 ? 43  TRP B NE1 1 
ATOM   730 C CE2 . TRP B 1 43 ? -5.532  -8.123  -9.087  1.00 54.98 ? 43  TRP B CE2 1 
ATOM   731 C CE3 . TRP B 1 43 ? -7.262  -6.434  -9.046  1.00 50.87 ? 43  TRP B CE3 1 
ATOM   732 C CZ2 . TRP B 1 43 ? -4.535  -7.176  -8.855  1.00 50.24 ? 43  TRP B CZ2 1 
ATOM   733 C CZ3 . TRP B 1 43 ? -6.267  -5.497  -8.816  1.00 47.06 ? 43  TRP B CZ3 1 
ATOM   734 C CH2 . TRP B 1 43 ? -4.922  -5.874  -8.723  1.00 44.55 ? 43  TRP B CH2 1 
ATOM   735 N N   . THR B 1 44 ? -11.806 -8.553  -7.656  1.00 48.73 ? 44  THR B N   1 
ATOM   736 C CA  . THR B 1 44 ? -13.161 -8.047  -7.804  1.00 43.18 ? 44  THR B CA  1 
ATOM   737 C C   . THR B 1 44 ? -13.098 -6.548  -8.030  1.00 43.94 ? 44  THR B C   1 
ATOM   738 O O   . THR B 1 44 ? -12.201 -5.874  -7.523  1.00 44.30 ? 44  THR B O   1 
ATOM   739 C CB  . THR B 1 44 ? -14.025 -8.316  -6.557  1.00 46.41 ? 44  THR B CB  1 
ATOM   740 O OG1 . THR B 1 44 ? -13.501 -7.577  -5.444  1.00 51.94 ? 44  THR B OG1 1 
ATOM   741 C CG2 . THR B 1 44 ? -14.052 -9.801  -6.228  1.00 50.52 ? 44  THR B CG2 1 
ATOM   742 N N   . TYR B 1 45 ? -14.037 -6.029  -8.809  1.00 36.28 ? 45  TYR B N   1 
ATOM   743 C CA  . TYR B 1 45 ? -14.150 -4.591  -8.993  1.00 36.32 ? 45  TYR B CA  1 
ATOM   744 C C   . TYR B 1 45 ? -15.590 -4.160  -8.762  1.00 40.37 ? 45  TYR B C   1 
ATOM   745 O O   . TYR B 1 45 ? -16.520 -4.800  -9.259  1.00 38.36 ? 45  TYR B O   1 
ATOM   746 C CB  . TYR B 1 45 ? -13.739 -4.164  -10.405 1.00 33.04 ? 45  TYR B CB  1 
ATOM   747 C CG  . TYR B 1 45 ? -14.178 -2.746  -10.681 1.00 32.76 ? 45  TYR B CG  1 
ATOM   748 C CD1 . TYR B 1 45 ? -13.504 -1.674  -10.115 1.00 29.16 ? 45  TYR B CD1 1 
ATOM   749 C CD2 . TYR B 1 45 ? -15.286 -2.480  -11.480 1.00 34.94 ? 45  TYR B CD2 1 
ATOM   750 C CE1 . TYR B 1 45 ? -13.906 -0.375  -10.335 1.00 30.98 ? 45  TYR B CE1 1 
ATOM   751 C CE2 . TYR B 1 45 ? -15.695 -1.184  -11.714 1.00 34.71 ? 45  TYR B CE2 1 
ATOM   752 C CZ  . TYR B 1 45 ? -15.005 -0.137  -11.127 1.00 34.72 ? 45  TYR B CZ  1 
ATOM   753 O OH  . TYR B 1 45 ? -15.409 1.154   -11.349 1.00 39.61 ? 45  TYR B OH  1 
ATOM   754 N N   . ASP B 1 46 ? -15.764 -3.066  -8.033  1.00 35.43 ? 46  ASP B N   1 
ATOM   755 C CA  . ASP B 1 46 ? -17.069 -2.432  -7.866  1.00 34.54 ? 46  ASP B CA  1 
ATOM   756 C C   . ASP B 1 46 ? -16.921 -1.018  -7.318  1.00 35.45 ? 46  ASP B C   1 
ATOM   757 O O   . ASP B 1 46 ? -16.135 -0.787  -6.389  1.00 37.78 ? 46  ASP B O   1 
ATOM   758 C CB  . ASP B 1 46 ? -17.957 -3.247  -6.917  1.00 42.64 ? 46  ASP B CB  1 
ATOM   759 C CG  . ASP B 1 46 ? -19.334 -2.629  -6.746  1.00 45.84 ? 46  ASP B CG  1 
ATOM   760 O OD1 . ASP B 1 46 ? -20.238 -2.964  -7.537  1.00 57.69 ? 46  ASP B OD1 1 
ATOM   761 O OD2 . ASP B 1 46 ? -19.509 -1.786  -5.849  1.00 50.20 ? 46  ASP B OD2 1 
HETATM 762 N N   . DPR B 1 47 ? -17.671 -0.074  -7.884  1.00 37.93 ? 47  DPR B N   1 
HETATM 763 C CA  . DPR B 1 47 ? -17.728 1.287   -7.345  1.00 36.21 ? 47  DPR B CA  1 
HETATM 764 C CB  . DPR B 1 47 ? -18.412 2.065   -8.460  1.00 37.09 ? 47  DPR B CB  1 
HETATM 765 C CG  . DPR B 1 47 ? -19.351 1.065   -9.046  1.00 38.00 ? 47  DPR B CG  1 
HETATM 766 C CD  . DPR B 1 47 ? -18.619 -0.249  -9.001  1.00 37.95 ? 47  DPR B CD  1 
HETATM 767 C C   . DPR B 1 47 ? -16.376 1.911   -7.013  1.00 42.43 ? 47  DPR B C   1 
HETATM 768 O O   . DPR B 1 47 ? -16.185 2.421   -5.911  1.00 47.26 ? 47  DPR B O   1 
ATOM   769 N N   . GLY B 1 48 ? -15.437 1.867   -7.947  1.00 40.89 ? 48  GLY B N   1 
ATOM   770 C CA  . GLY B 1 48 ? -14.145 2.484   -7.696  1.00 44.76 ? 48  GLY B CA  1 
ATOM   771 C C   . GLY B 1 48 ? -13.244 1.746   -6.714  1.00 38.22 ? 48  GLY B C   1 
ATOM   772 O O   . GLY B 1 48 ? -12.167 2.239   -6.373  1.00 39.01 ? 48  GLY B O   1 
ATOM   773 N N   . THR B 1 49 ? -13.668 0.563   -6.273  1.00 29.93 ? 49  THR B N   1 
ATOM   774 C CA  . THR B 1 49 ? -12.852 -0.258  -5.382  1.00 27.82 ? 49  THR B CA  1 
ATOM   775 C C   . THR B 1 49 ? -12.492 -1.597  -6.008  1.00 32.32 ? 49  THR B C   1 
ATOM   776 O O   . THR B 1 49 ? -13.364 -2.322  -6.490  1.00 32.21 ? 49  THR B O   1 
ATOM   777 C CB  . THR B 1 49 ? -13.574 -0.524  -4.059  1.00 32.89 ? 49  THR B CB  1 
ATOM   778 O OG1 . THR B 1 49 ? -13.840 0.721   -3.417  1.00 33.82 ? 49  THR B OG1 1 
ATOM   779 C CG2 . THR B 1 49 ? -12.712 -1.398  -3.142  1.00 35.65 ? 49  THR B CG2 1 
ATOM   780 N N   . PHE B 1 50 ? -11.201 -1.910  -6.014  1.00 29.19 ? 50  PHE B N   1 
ATOM   781 C CA  . PHE B 1 50 ? -10.718 -3.227  -6.411  1.00 27.27 ? 50  PHE B CA  1 
ATOM   782 C C   . PHE B 1 50 ? -10.335 -3.967  -5.130  1.00 38.69 ? 50  PHE B C   1 
ATOM   783 O O   . PHE B 1 50 ? -9.831  -3.369  -4.180  1.00 34.14 ? 50  PHE B O   1 
ATOM   784 C CB  . PHE B 1 50 ? -9.467  -3.133  -7.283  1.00 31.05 ? 50  PHE B CB  1 
ATOM   785 C CG  . PHE B 1 50 ? -9.675  -2.446  -8.605  1.00 28.20 ? 50  PHE B CG  1 
ATOM   786 C CD1 . PHE B 1 50 ? -9.739  -1.067  -8.682  1.00 30.14 ? 50  PHE B CD1 1 
ATOM   787 C CD2 . PHE B 1 50 ? -9.761  -3.184  -9.773  1.00 30.51 ? 50  PHE B CD2 1 
ATOM   788 C CE1 . PHE B 1 50 ? -9.911  -0.433  -9.897  1.00 28.41 ? 50  PHE B CE1 1 
ATOM   789 C CE2 . PHE B 1 50 ? -9.931  -2.560  -10.991 1.00 29.15 ? 50  PHE B CE2 1 
ATOM   790 C CZ  . PHE B 1 50 ? -10.008 -1.183  -11.053 1.00 26.48 ? 50  PHE B CZ  1 
ATOM   791 N N   . THR B 1 51 ? -10.583 -5.266  -5.097  1.00 35.09 ? 51  THR B N   1 
ATOM   792 C CA  . THR B 1 51 ? -10.054 -6.093  -4.024  1.00 47.71 ? 51  THR B CA  1 
ATOM   793 C C   . THR B 1 51 ? -9.354  -7.289  -4.649  1.00 54.26 ? 51  THR B C   1 
ATOM   794 O O   . THR B 1 51 ? -9.851  -7.877  -5.616  1.00 59.24 ? 51  THR B O   1 
ATOM   795 C CB  . THR B 1 51 ? -11.158 -6.642  -3.128  1.00 43.49 ? 51  THR B CB  1 
ATOM   796 O OG1 . THR B 1 51 ? -11.671 -7.841  -3.721  1.00 51.04 ? 51  THR B OG1 1 
ATOM   797 C CG2 . THR B 1 51 ? -12.284 -5.623  -2.950  1.00 33.75 ? 51  THR B CG2 1 
ATOM   798 N N   . VAL B 1 52 ? -8.200  -7.648  -4.104  1.00 60.30 ? 52  VAL B N   1 
ATOM   799 C CA  . VAL B 1 52 ? -7.532  -8.875  -4.518  1.00 65.61 ? 52  VAL B CA  1 
ATOM   800 C C   . VAL B 1 52 ? -7.443  -9.823  -3.315  1.00 71.13 ? 52  VAL B C   1 
ATOM   801 O O   . VAL B 1 52 ? -6.835  -9.500  -2.292  1.00 71.08 ? 52  VAL B O   1 
ATOM   802 C CB  . VAL B 1 52 ? -6.156  -8.592  -5.186  1.00 63.10 ? 52  VAL B CB  1 
ATOM   803 C CG1 . VAL B 1 52 ? -5.268  -7.722  -4.291  1.00 60.15 ? 52  VAL B CG1 1 
ATOM   804 C CG2 . VAL B 1 52 ? -5.465  -9.893  -5.575  1.00 66.77 ? 52  VAL B CG2 1 
ATOM   805 N N   . THR B 1 53 ? -8.095  -10.978 -3.431  1.00 73.26 ? 53  THR B N   1 
ATOM   806 C CA  . THR B 1 53 ? -8.222  -11.911 -2.311  1.00 78.51 ? 53  THR B CA  1 
ATOM   807 C C   . THR B 1 53 ? -6.931  -12.681 -2.029  1.00 79.37 ? 53  THR B C   1 
ATOM   808 O O   . THR B 1 53 ? -6.481  -13.484 -2.851  1.00 79.46 ? 53  THR B O   1 
ATOM   809 C CB  . THR B 1 53 ? -9.375  -12.912 -2.535  1.00 77.75 ? 53  THR B CB  1 
ATOM   810 O OG1 . THR B 1 53 ? -10.619 -12.205 -2.627  1.00 79.79 ? 53  THR B OG1 1 
ATOM   811 C CG2 . THR B 1 53 ? -9.450  -13.910 -1.385  1.00 81.25 ? 53  THR B CG2 1 
HETATM 812 O O   . HOH C 2 .  ? 7.144   -0.057  19.292  1.00 25.23 ? 101 HOH A O   1 
HETATM 813 O O   . HOH C 2 .  ? 6.400   -4.036  20.869  1.00 28.83 ? 102 HOH A O   1 
HETATM 814 O O   . HOH C 2 .  ? 14.653  -0.634  11.155  1.00 34.69 ? 103 HOH A O   1 
HETATM 815 O O   . HOH C 2 .  ? 7.749   -9.200  13.875  1.00 33.72 ? 104 HOH A O   1 
HETATM 816 O O   . HOH C 2 .  ? 7.995   2.593   19.286  1.00 28.24 ? 105 HOH A O   1 
HETATM 817 O O   . HOH C 2 .  ? 4.152   9.655   12.068  1.00 29.10 ? 106 HOH A O   1 
HETATM 818 O O   . HOH C 2 .  ? 4.442   -0.212  20.489  1.00 30.36 ? 107 HOH A O   1 
HETATM 819 O O   . HOH C 2 .  ? 2.618   10.642  -6.323  1.00 38.22 ? 108 HOH A O   1 
HETATM 820 O O   . HOH C 2 .  ? 9.520   11.338  13.098  1.00 31.05 ? 109 HOH A O   1 
HETATM 821 O O   . HOH C 2 .  ? -0.313  3.836   15.174  1.00 36.11 ? 110 HOH A O   1 
HETATM 822 O O   . HOH C 2 .  ? 15.610  2.716   12.999  1.00 33.27 ? 111 HOH A O   1 
HETATM 823 O O   . HOH C 2 .  ? 1.800   10.415  12.496  0.50 28.19 ? 112 HOH A O   1 
HETATM 824 O O   . HOH C 2 .  ? 0.527   9.404   15.127  0.50 39.62 ? 113 HOH A O   1 
HETATM 825 O O   . HOH C 2 .  ? 12.849  -5.288  20.645  1.00 32.27 ? 114 HOH A O   1 
HETATM 826 O O   . HOH C 2 .  ? 0.036   -1.203  19.620  1.00 43.45 ? 115 HOH A O   1 
HETATM 827 O O   . HOH C 2 .  ? 13.580  10.409  6.244   1.00 37.44 ? 116 HOH A O   1 
HETATM 828 O O   . HOH C 2 .  ? 3.733   1.749   18.777  1.00 39.62 ? 117 HOH A O   1 
HETATM 829 O O   . HOH C 2 .  ? 0.294   -7.083  16.972  1.00 41.22 ? 118 HOH A O   1 
HETATM 830 O O   . HOH C 2 .  ? 5.376   -7.728  9.746   1.00 41.70 ? 119 HOH A O   1 
HETATM 831 O O   . HOH C 2 .  ? 2.225   10.244  3.570   1.00 32.85 ? 120 HOH A O   1 
HETATM 832 O O   . HOH C 2 .  ? 11.895  8.090   11.849  1.00 43.38 ? 121 HOH A O   1 
HETATM 833 O O   . HOH C 2 .  ? 0.613   2.353   3.061   1.00 34.10 ? 122 HOH A O   1 
HETATM 834 O O   . HOH C 2 .  ? 1.760   -8.419  9.641   1.00 36.17 ? 123 HOH A O   1 
HETATM 835 O O   . HOH C 2 .  ? 1.686   -2.085  22.077  1.00 39.19 ? 124 HOH A O   1 
HETATM 836 O O   . HOH C 2 .  ? -0.926  1.265   14.584  1.00 41.48 ? 125 HOH A O   1 
HETATM 837 O O   . HOH C 2 .  ? 8.001   -5.437  3.056   1.00 37.78 ? 126 HOH A O   1 
HETATM 838 O O   . HOH C 2 .  ? 0.617   10.467  -4.571  1.00 36.84 ? 127 HOH A O   1 
HETATM 839 O O   . HOH C 2 .  ? 6.805   11.589  5.351   1.00 37.90 ? 128 HOH A O   1 
HETATM 840 O O   . HOH C 2 .  ? 11.422  -6.652  9.301   1.00 39.28 ? 129 HOH A O   1 
HETATM 841 O O   . HOH C 2 .  ? 13.935  6.879   8.264   1.00 46.15 ? 130 HOH A O   1 
HETATM 842 O O   . HOH C 2 .  ? 15.554  5.028   11.275  1.00 46.99 ? 131 HOH A O   1 
HETATM 843 O O   . HOH C 2 .  ? 0.081   1.651   0.390   1.00 39.81 ? 132 HOH A O   1 
HETATM 844 O O   . HOH C 2 .  ? 1.337   0.603   17.859  1.00 37.29 ? 133 HOH A O   1 
HETATM 845 O O   . HOH C 2 .  ? -3.556  0.999   13.855  1.00 49.73 ? 134 HOH A O   1 
HETATM 846 O O   . HOH C 2 .  ? 9.853   -9.002  9.698   1.00 37.62 ? 135 HOH A O   1 
HETATM 847 O O   . HOH C 2 .  ? 17.249  -1.844  12.167  1.00 48.52 ? 136 HOH A O   1 
HETATM 848 O O   . HOH C 2 .  ? 2.250   -2.064  3.391   1.00 47.56 ? 137 HOH A O   1 
HETATM 849 O O   . HOH C 2 .  ? 15.683  -1.293  6.105   1.00 41.88 ? 138 HOH A O   1 
HETATM 850 O O   . HOH C 2 .  ? 4.355   2.533   -7.910  1.00 44.94 ? 139 HOH A O   1 
HETATM 851 O O   . HOH C 2 .  ? 15.355  0.283   8.640   1.00 49.85 ? 140 HOH A O   1 
HETATM 852 O O   . HOH C 2 .  ? 1.041   -6.841  20.447  1.00 46.61 ? 141 HOH A O   1 
HETATM 853 O O   . HOH C 2 .  ? 14.121  -2.628  4.778   1.00 44.38 ? 142 HOH A O   1 
HETATM 854 O O   . HOH C 2 .  ? -0.942  -3.151  18.594  1.00 44.89 ? 143 HOH A O   1 
HETATM 855 O O   . HOH C 2 .  ? 14.574  6.722   12.042  1.00 52.33 ? 144 HOH A O   1 
HETATM 856 O O   . HOH C 2 .  ? 14.631  -5.866  13.329  1.00 44.41 ? 145 HOH A O   1 
HETATM 857 O O   . HOH C 2 .  ? 7.383   -8.321  10.832  1.00 45.17 ? 146 HOH A O   1 
HETATM 858 O O   . HOH C 2 .  ? 3.915   13.109  -3.140  1.00 45.61 ? 147 HOH A O   1 
HETATM 859 O O   . HOH C 2 .  ? 5.458   -5.745  2.413   1.00 47.73 ? 148 HOH A O   1 
HETATM 860 O O   . HOH C 2 .  ? 16.766  -3.852  13.445  1.00 55.74 ? 149 HOH A O   1 
HETATM 861 O O   . HOH C 2 .  ? -2.472  9.034   -8.409  1.00 48.33 ? 150 HOH A O   1 
HETATM 862 O O   . HOH C 2 .  ? 11.749  6.273   1.119   1.00 48.40 ? 151 HOH A O   1 
HETATM 863 O O   . HOH C 2 .  ? 16.203  2.530   8.890   1.00 51.49 ? 152 HOH A O   1 
HETATM 864 O O   . HOH C 2 .  ? 10.850  12.922  12.241  1.00 49.70 ? 153 HOH A O   1 
HETATM 865 O O   . HOH C 2 .  ? -2.543  -6.203  17.604  1.00 53.10 ? 154 HOH A O   1 
HETATM 866 O O   . HOH C 2 .  ? 12.180  10.421  11.097  1.00 47.10 ? 155 HOH A O   1 
HETATM 867 O O   . HOH C 2 .  ? 13.323  13.426  -0.468  1.00 53.50 ? 156 HOH A O   1 
HETATM 868 O O   . HOH C 2 .  ? -5.275  -0.503  13.477  1.00 59.13 ? 157 HOH A O   1 
HETATM 869 O O   . HOH C 2 .  ? 8.190   -1.820  21.186  1.00 32.34 ? 158 HOH A O   1 
HETATM 870 O O   . HOH C 2 .  ? 12.653  -3.220  22.371  0.50 36.34 ? 159 HOH A O   1 
HETATM 871 O O   . HOH C 2 .  ? 10.821  6.470   10.327  1.00 41.87 ? 160 HOH A O   1 
HETATM 872 O O   . HOH C 2 .  ? 10.499  -1.580  21.959  0.50 32.73 ? 161 HOH A O   1 
HETATM 873 O O   . HOH C 2 .  ? 9.975   -11.066 14.198  1.00 44.90 ? 162 HOH A O   1 
HETATM 874 O O   . HOH C 2 .  ? 11.864  -6.986  6.709   1.00 46.76 ? 163 HOH A O   1 
HETATM 875 O O   . HOH C 2 .  ? 12.417  -8.881  14.684  1.00 45.71 ? 164 HOH A O   1 
HETATM 876 O O   . HOH C 2 .  ? 0.863   -3.225  23.538  1.00 41.90 ? 165 HOH A O   1 
HETATM 877 O O   . HOH C 2 .  ? -0.706  10.836  2.820   1.00 47.16 ? 166 HOH A O   1 
HETATM 878 O O   . HOH C 2 .  ? 12.154  5.503   9.187   1.00 47.13 ? 167 HOH A O   1 
HETATM 879 O O   . HOH C 2 .  ? -0.606  2.591   18.055  1.00 53.13 ? 168 HOH A O   1 
HETATM 880 O O   . HOH C 2 .  ? 5.915   -9.045  7.423   1.00 48.29 ? 169 HOH A O   1 
HETATM 881 O O   . HOH D 2 .  ? -7.060  -2.282  -17.447 1.00 36.47 ? 101 HOH B O   1 
HETATM 882 O O   . HOH D 2 .  ? -9.112  3.969   -20.915 1.00 31.45 ? 102 HOH B O   1 
HETATM 883 O O   . HOH D 2 .  ? -9.248  -5.699  -17.825 1.00 42.89 ? 103 HOH B O   1 
HETATM 884 O O   . HOH D 2 .  ? -6.691  3.995   -20.384 1.00 37.09 ? 104 HOH B O   1 
HETATM 885 O O   . HOH D 2 .  ? -2.558  3.051   -15.814 1.00 33.02 ? 105 HOH B O   1 
HETATM 886 O O   . HOH D 2 .  ? 3.563   -0.402  -7.416  1.00 39.84 ? 106 HOH B O   1 
HETATM 887 O O   . HOH D 2 .  ? -12.186 10.626  -14.067 1.00 41.88 ? 107 HOH B O   1 
HETATM 888 O O   . HOH D 2 .  ? -2.401  7.030   -11.479 1.00 48.03 ? 108 HOH B O   1 
HETATM 889 O O   . HOH D 2 .  ? -2.245  3.481   -18.540 1.00 44.87 ? 109 HOH B O   1 
HETATM 890 O O   . HOH D 2 .  ? -0.222  -3.058  -15.433 1.00 45.25 ? 110 HOH B O   1 
HETATM 891 O O   . HOH D 2 .  ? -19.467 -4.693  -9.813  1.00 52.97 ? 111 HOH B O   1 
HETATM 892 O O   . HOH D 2 .  ? -6.553  8.199   -1.130  1.00 56.39 ? 112 HOH B O   1 
HETATM 893 O O   . HOH D 2 .  ? -14.388 10.879  -14.068 1.00 42.81 ? 113 HOH B O   1 
HETATM 894 O O   . HOH D 2 .  ? 1.524   0.810   -9.125  1.00 42.69 ? 114 HOH B O   1 
HETATM 895 O O   . HOH D 2 .  ? -14.208 -4.423  -5.231  1.00 41.37 ? 115 HOH B O   1 
HETATM 896 O O   . HOH D 2 .  ? 0.033   1.865   -15.418 1.00 45.19 ? 116 HOH B O   1 
HETATM 897 O O   . HOH D 2 .  ? -12.179 5.310   -4.334  1.00 47.17 ? 117 HOH B O   1 
HETATM 898 O O   . HOH D 2 .  ? -0.839  -8.268  -11.648 1.00 50.73 ? 118 HOH B O   1 
HETATM 899 O O   . HOH D 2 .  ? -4.815  8.664   -4.664  1.00 40.57 ? 119 HOH B O   1 
HETATM 900 O O   . HOH D 2 .  ? -8.683  12.153  -10.416 1.00 50.86 ? 120 HOH B O   1 
HETATM 901 O O   . HOH D 2 .  ? -17.362 -6.472  -11.733 1.00 47.27 ? 121 HOH B O   1 
HETATM 902 O O   . HOH D 2 .  ? -2.291  3.470   -21.736 1.00 53.35 ? 122 HOH B O   1 
HETATM 903 O O   . HOH D 2 .  ? -7.934  -4.478  4.484   1.00 49.92 ? 123 HOH B O   1 
HETATM 904 O O   . HOH D 2 .  ? -2.406  -4.668  -16.756 1.00 46.44 ? 124 HOH B O   1 
HETATM 905 O O   . HOH D 2 .  ? -0.521  9.641   -11.281 1.00 59.14 ? 125 HOH B O   1 
HETATM 906 O O   . HOH D 2 .  ? -3.293  7.524   -13.907 1.00 43.09 ? 126 HOH B O   1 
HETATM 907 O O   . HOH D 2 .  ? 5.965   -5.562  -0.711  1.00 45.96 ? 127 HOH B O   1 
HETATM 908 O O   . HOH D 2 .  ? 0.139   7.074   -11.647 1.00 51.27 ? 128 HOH B O   1 
HETATM 909 O O   . HOH D 2 .  ? 0.979   -4.710  4.634   1.00 52.89 ? 129 HOH B O   1 
HETATM 910 O O   . HOH D 2 .  ? -15.370 6.294   -10.122 1.00 49.87 ? 130 HOH B O   1 
HETATM 911 O O   . HOH D 2 .  ? -2.395  9.956   -13.433 1.00 53.33 ? 131 HOH B O   1 
HETATM 912 O O   . HOH D 2 .  ? -5.190  -16.130 -2.439  1.00 65.27 ? 132 HOH B O   1 
HETATM 913 O O   . HOH D 2 .  ? -6.023  -17.023 -4.347  1.00 68.26 ? 133 HOH B O   1 
# 
loop_
_pdbx_poly_seq_scheme.asym_id 
_pdbx_poly_seq_scheme.entity_id 
_pdbx_poly_seq_scheme.seq_id 
_pdbx_poly_seq_scheme.mon_id 
_pdbx_poly_seq_scheme.ndb_seq_num 
_pdbx_poly_seq_scheme.pdb_seq_num 
_pdbx_poly_seq_scheme.auth_seq_num 
_pdbx_poly_seq_scheme.pdb_mon_id 
_pdbx_poly_seq_scheme.auth_mon_id 
_pdbx_poly_seq_scheme.pdb_strand_id 
_pdbx_poly_seq_scheme.pdb_ins_code 
_pdbx_poly_seq_scheme.hetero 
A 1 1  ASP 1  1  1  ASP ASP A . n 
A 1 2  THR 2  2  2  THR THR A . n 
A 1 3  TYR 3  3  3  TYR TYR A . n 
A 1 4  LYS 4  4  4  LYS LYS A . n 
A 1 5  LEU 5  5  5  LEU LEU A . n 
A 1 6  ILE 6  6  6  ILE ILE A . n 
A 1 7  LEU 7  7  7  LEU LEU A . n 
A 1 8  ASN 8  8  8  ASN ASN A . n 
A 1 9  GLY 9  9  9  GLY GLY A . n 
A 1 10 AIB 10 10 10 AIB AIB A . n 
A 1 11 GLY 11 11 11 GLY GLY A . n 
A 1 12 LEU 12 12 12 LEU LEU A . n 
A 1 13 LYS 13 13 13 LYS LYS A . n 
A 1 14 GLY 14 14 14 GLY GLY A . n 
A 1 15 GLU 15 15 15 GLU GLU A . n 
A 1 16 THR 16 16 16 THR THR A . n 
A 1 17 THR 17 17 17 THR THR A . n 
A 1 18 THR 18 18 18 THR THR A . n 
A 1 19 GLU 19 19 19 GLU GLU A . n 
A 1 20 ALA 20 20 20 ALA ALA A . n 
A 1 21 VAL 21 21 21 VAL VAL A . n 
A 1 22 ASP 22 22 22 ASP ASP A . n 
A 1 23 ALA 23 23 23 ALA ALA A . n 
A 1 24 ALA 24 24 24 ALA ALA A . n 
A 1 25 THR 25 25 25 THR THR A . n 
A 1 26 ALA 26 26 26 ALA ALA A . n 
A 1 27 GLU 27 27 27 GLU GLU A . n 
A 1 28 LYS 28 28 28 LYS LYS A . n 
A 1 29 VAL 29 29 29 VAL VAL A . n 
A 1 30 PHE 30 30 30 PHE PHE A . n 
A 1 31 LYS 31 31 31 LYS LYS A . n 
A 1 32 GLN 32 32 32 GLN GLN A . n 
A 1 33 TYR 33 33 33 TYR TYR A . n 
A 1 34 ALA 34 34 34 ALA ALA A . n 
A 1 35 ASN 35 35 35 ASN ASN A . n 
A 1 36 ASP 36 36 36 ASP ASP A . n 
A 1 37 ASN 37 37 37 ASN ASN A . n 
A 1 38 GLY 38 38 38 GLY GLY A . n 
A 1 39 VAL 39 39 39 VAL VAL A . n 
A 1 40 ASP 40 40 40 ASP ASP A . n 
A 1 41 GLY 41 41 41 GLY GLY A . n 
A 1 42 GLU 42 42 42 GLU GLU A . n 
A 1 43 TRP 43 43 43 TRP TRP A . n 
A 1 44 THR 44 44 44 THR THR A . n 
A 1 45 TYR 45 45 45 TYR TYR A . n 
A 1 46 ASP 46 46 46 ASP ASP A . n 
A 1 47 DPR 47 47 47 DPR DPR A . n 
A 1 48 GLY 48 48 48 GLY GLY A . n 
A 1 49 THR 49 49 49 THR THR A . n 
A 1 50 PHE 50 50 50 PHE PHE A . n 
A 1 51 THR 51 51 51 THR THR A . n 
A 1 52 VAL 52 52 52 VAL VAL A . n 
A 1 53 THR 53 53 53 THR THR A . n 
A 1 54 GLU 54 54 54 GLU GLU A . n 
A 1 55 NH2 55 55 55 NH2 NH2 A . n 
B 1 1  ASP 1  1  1  ASP ASP B . n 
B 1 2  THR 2  2  2  THR THR B . n 
B 1 3  TYR 3  3  3  TYR TYR B . n 
B 1 4  LYS 4  4  4  LYS LYS B . n 
B 1 5  LEU 5  5  5  LEU LEU B . n 
B 1 6  ILE 6  6  6  ILE ILE B . n 
B 1 7  LEU 7  7  7  LEU LEU B . n 
B 1 8  ASN 8  8  8  ASN ASN B . n 
B 1 9  GLY 9  9  9  GLY GLY B . n 
B 1 10 AIB 10 10 10 AIB AIB B . n 
B 1 11 GLY 11 11 11 GLY GLY B . n 
B 1 12 LEU 12 12 12 LEU LEU B . n 
B 1 13 LYS 13 13 13 LYS LYS B . n 
B 1 14 GLY 14 14 14 GLY GLY B . n 
B 1 15 GLU 15 15 15 GLU GLU B . n 
B 1 16 THR 16 16 16 THR THR B . n 
B 1 17 THR 17 17 17 THR THR B . n 
B 1 18 THR 18 18 18 THR THR B . n 
B 1 19 GLU 19 19 19 GLU GLU B . n 
B 1 20 ALA 20 20 20 ALA ALA B . n 
B 1 21 VAL 21 21 21 VAL VAL B . n 
B 1 22 ASP 22 22 22 ASP ASP B . n 
B 1 23 ALA 23 23 23 ALA ALA B . n 
B 1 24 ALA 24 24 24 ALA ALA B . n 
B 1 25 THR 25 25 25 THR THR B . n 
B 1 26 ALA 26 26 26 ALA ALA B . n 
B 1 27 GLU 27 27 27 GLU GLU B . n 
B 1 28 LYS 28 28 28 LYS LYS B . n 
B 1 29 VAL 29 29 29 VAL VAL B . n 
B 1 30 PHE 30 30 30 PHE PHE B . n 
B 1 31 LYS 31 31 31 LYS LYS B . n 
B 1 32 GLN 32 32 32 GLN GLN B . n 
B 1 33 TYR 33 33 33 TYR TYR B . n 
B 1 34 ALA 34 34 34 ALA ALA B . n 
B 1 35 ASN 35 35 35 ASN ASN B . n 
B 1 36 ASP 36 36 36 ASP ASP B . n 
B 1 37 ASN 37 37 37 ASN ASN B . n 
B 1 38 GLY 38 38 38 GLY GLY B . n 
B 1 39 VAL 39 39 39 VAL VAL B . n 
B 1 40 ASP 40 40 40 ASP ASP B . n 
B 1 41 GLY 41 41 41 GLY GLY B . n 
B 1 42 GLU 42 42 42 GLU GLU B . n 
B 1 43 TRP 43 43 43 TRP TRP B . n 
B 1 44 THR 44 44 44 THR THR B . n 
B 1 45 TYR 45 45 45 TYR TYR B . n 
B 1 46 ASP 46 46 46 ASP ASP B . n 
B 1 47 DPR 47 47 47 DPR DPR B . n 
B 1 48 GLY 48 48 48 GLY GLY B . n 
B 1 49 THR 49 49 49 THR THR B . n 
B 1 50 PHE 50 50 50 PHE PHE B . n 
B 1 51 THR 51 51 51 THR THR B . n 
B 1 52 VAL 52 52 52 VAL VAL B . n 
B 1 53 THR 53 53 53 THR THR B . n 
B 1 54 GLU 54 54 ?  ?   ?   B . n 
B 1 55 NH2 55 55 ?  ?   ?   B . n 
# 
loop_
_pdbx_nonpoly_scheme.asym_id 
_pdbx_nonpoly_scheme.entity_id 
_pdbx_nonpoly_scheme.mon_id 
_pdbx_nonpoly_scheme.ndb_seq_num 
_pdbx_nonpoly_scheme.pdb_seq_num 
_pdbx_nonpoly_scheme.auth_seq_num 
_pdbx_nonpoly_scheme.pdb_mon_id 
_pdbx_nonpoly_scheme.auth_mon_id 
_pdbx_nonpoly_scheme.pdb_strand_id 
_pdbx_nonpoly_scheme.pdb_ins_code 
C 2 HOH 1  101 1   HOH HOH A . 
C 2 HOH 2  102 2   HOH HOH A . 
C 2 HOH 3  103 3   HOH HOH A . 
C 2 HOH 4  104 4   HOH HOH A . 
C 2 HOH 5  105 6   HOH HOH A . 
C 2 HOH 6  106 7   HOH HOH A . 
C 2 HOH 7  107 8   HOH HOH A . 
C 2 HOH 8  108 9   HOH HOH A . 
C 2 HOH 9  109 10  HOH HOH A . 
C 2 HOH 10 110 11  HOH HOH A . 
C 2 HOH 11 111 12  HOH HOH A . 
C 2 HOH 12 112 13  HOH HOH A . 
C 2 HOH 13 113 14  HOH HOH A . 
C 2 HOH 14 114 16  HOH HOH A . 
C 2 HOH 15 115 17  HOH HOH A . 
C 2 HOH 16 116 18  HOH HOH A . 
C 2 HOH 17 117 19  HOH HOH A . 
C 2 HOH 18 118 20  HOH HOH A . 
C 2 HOH 19 119 22  HOH HOH A . 
C 2 HOH 20 120 24  HOH HOH A . 
C 2 HOH 21 121 26  HOH HOH A . 
C 2 HOH 22 122 27  HOH HOH A . 
C 2 HOH 23 123 29  HOH HOH A . 
C 2 HOH 24 124 31  HOH HOH A . 
C 2 HOH 25 125 32  HOH HOH A . 
C 2 HOH 26 126 33  HOH HOH A . 
C 2 HOH 27 127 36  HOH HOH A . 
C 2 HOH 28 128 37  HOH HOH A . 
C 2 HOH 29 129 38  HOH HOH A . 
C 2 HOH 30 130 39  HOH HOH A . 
C 2 HOH 31 131 40  HOH HOH A . 
C 2 HOH 32 132 41  HOH HOH A . 
C 2 HOH 33 133 43  HOH HOH A . 
C 2 HOH 34 134 44  HOH HOH A . 
C 2 HOH 35 135 45  HOH HOH A . 
C 2 HOH 36 136 46  HOH HOH A . 
C 2 HOH 37 137 47  HOH HOH A . 
C 2 HOH 38 138 48  HOH HOH A . 
C 2 HOH 39 139 51  HOH HOH A . 
C 2 HOH 40 140 55  HOH HOH A . 
C 2 HOH 41 141 57  HOH HOH A . 
C 2 HOH 42 142 58  HOH HOH A . 
C 2 HOH 43 143 59  HOH HOH A . 
C 2 HOH 44 144 63  HOH HOH A . 
C 2 HOH 45 145 64  HOH HOH A . 
C 2 HOH 46 146 65  HOH HOH A . 
C 2 HOH 47 147 66  HOH HOH A . 
C 2 HOH 48 148 68  HOH HOH A . 
C 2 HOH 49 149 69  HOH HOH A . 
C 2 HOH 50 150 70  HOH HOH A . 
C 2 HOH 51 151 74  HOH HOH A . 
C 2 HOH 52 152 76  HOH HOH A . 
C 2 HOH 53 153 77  HOH HOH A . 
C 2 HOH 54 154 78  HOH HOH A . 
C 2 HOH 55 155 79  HOH HOH A . 
C 2 HOH 56 156 81  HOH HOH A . 
C 2 HOH 57 157 82  HOH HOH A . 
C 2 HOH 58 158 83  HOH HOH A . 
C 2 HOH 59 159 84  HOH HOH A . 
C 2 HOH 60 160 88  HOH HOH A . 
C 2 HOH 61 161 90  HOH HOH A . 
C 2 HOH 62 162 91  HOH HOH A . 
C 2 HOH 63 163 92  HOH HOH A . 
C 2 HOH 64 164 94  HOH HOH A . 
C 2 HOH 65 165 95  HOH HOH A . 
C 2 HOH 66 166 96  HOH HOH A . 
C 2 HOH 67 167 97  HOH HOH A . 
C 2 HOH 68 168 99  HOH HOH A . 
C 2 HOH 69 169 102 HOH HOH A . 
D 2 HOH 1  101 5   HOH HOH B . 
D 2 HOH 2  102 15  HOH HOH B . 
D 2 HOH 3  103 21  HOH HOH B . 
D 2 HOH 4  104 23  HOH HOH B . 
D 2 HOH 5  105 25  HOH HOH B . 
D 2 HOH 6  106 28  HOH HOH B . 
D 2 HOH 7  107 30  HOH HOH B . 
D 2 HOH 8  108 34  HOH HOH B . 
D 2 HOH 9  109 35  HOH HOH B . 
D 2 HOH 10 110 42  HOH HOH B . 
D 2 HOH 11 111 49  HOH HOH B . 
D 2 HOH 12 112 50  HOH HOH B . 
D 2 HOH 13 113 52  HOH HOH B . 
D 2 HOH 14 114 53  HOH HOH B . 
D 2 HOH 15 115 54  HOH HOH B . 
D 2 HOH 16 116 56  HOH HOH B . 
D 2 HOH 17 117 60  HOH HOH B . 
D 2 HOH 18 118 61  HOH HOH B . 
D 2 HOH 19 119 62  HOH HOH B . 
D 2 HOH 20 120 67  HOH HOH B . 
D 2 HOH 21 121 71  HOH HOH B . 
D 2 HOH 22 122 72  HOH HOH B . 
D 2 HOH 23 123 73  HOH HOH B . 
D 2 HOH 24 124 75  HOH HOH B . 
D 2 HOH 25 125 80  HOH HOH B . 
D 2 HOH 26 126 85  HOH HOH B . 
D 2 HOH 27 127 86  HOH HOH B . 
D 2 HOH 28 128 87  HOH HOH B . 
D 2 HOH 29 129 89  HOH HOH B . 
D 2 HOH 30 130 93  HOH HOH B . 
D 2 HOH 31 131 100 HOH HOH B . 
D 2 HOH 32 132 101 HOH HOH B . 
D 2 HOH 33 133 103 HOH HOH B . 
# 
loop_
_pdbx_struct_mod_residue.id 
_pdbx_struct_mod_residue.label_asym_id 
_pdbx_struct_mod_residue.label_comp_id 
_pdbx_struct_mod_residue.label_seq_id 
_pdbx_struct_mod_residue.auth_asym_id 
_pdbx_struct_mod_residue.auth_comp_id 
_pdbx_struct_mod_residue.auth_seq_id 
_pdbx_struct_mod_residue.PDB_ins_code 
_pdbx_struct_mod_residue.parent_comp_id 
_pdbx_struct_mod_residue.details 
1 A AIB 10 A AIB 10 ? ALA 'ALPHA-AMINOISOBUTYRIC ACID' 
2 B AIB 10 B AIB 10 ? ALA 'ALPHA-AMINOISOBUTYRIC ACID' 
# 
loop_
_pdbx_struct_assembly.id 
_pdbx_struct_assembly.details 
_pdbx_struct_assembly.method_details 
_pdbx_struct_assembly.oligomeric_details 
_pdbx_struct_assembly.oligomeric_count 
1 author_and_software_defined_assembly PISA monomeric 1 
2 author_and_software_defined_assembly PISA monomeric 1 
# 
loop_
_pdbx_struct_assembly_gen.assembly_id 
_pdbx_struct_assembly_gen.oper_expression 
_pdbx_struct_assembly_gen.asym_id_list 
1 1 A,C 
2 1 B,D 
# 
_pdbx_struct_oper_list.id                   1 
_pdbx_struct_oper_list.type                 'identity operation' 
_pdbx_struct_oper_list.name                 1_555 
_pdbx_struct_oper_list.symmetry_operation   x,y,z 
_pdbx_struct_oper_list.matrix[1][1]         1.0000000000 
_pdbx_struct_oper_list.matrix[1][2]         0.0000000000 
_pdbx_struct_oper_list.matrix[1][3]         0.0000000000 
_pdbx_struct_oper_list.vector[1]            0.0000000000 
_pdbx_struct_oper_list.matrix[2][1]         0.0000000000 
_pdbx_struct_oper_list.matrix[2][2]         1.0000000000 
_pdbx_struct_oper_list.matrix[2][3]         0.0000000000 
_pdbx_struct_oper_list.vector[2]            0.0000000000 
_pdbx_struct_oper_list.matrix[3][1]         0.0000000000 
_pdbx_struct_oper_list.matrix[3][2]         0.0000000000 
_pdbx_struct_oper_list.matrix[3][3]         1.0000000000 
_pdbx_struct_oper_list.vector[3]            0.0000000000 
# 
loop_
_pdbx_struct_special_symmetry.id 
_pdbx_struct_special_symmetry.PDB_model_num 
_pdbx_struct_special_symmetry.auth_asym_id 
_pdbx_struct_special_symmetry.auth_comp_id 
_pdbx_struct_special_symmetry.auth_seq_id 
_pdbx_struct_special_symmetry.PDB_ins_code 
_pdbx_struct_special_symmetry.label_asym_id 
_pdbx_struct_special_symmetry.label_comp_id 
_pdbx_struct_special_symmetry.label_seq_id 
1 1 A HOH 112 ? C HOH . 
2 1 A HOH 113 ? C HOH . 
3 1 A HOH 159 ? C HOH . 
4 1 A HOH 161 ? C HOH . 
# 
loop_
_pdbx_audit_revision_history.ordinal 
_pdbx_audit_revision_history.data_content_type 
_pdbx_audit_revision_history.major_revision 
_pdbx_audit_revision_history.minor_revision 
_pdbx_audit_revision_history.revision_date 
1 'Structure model' 1 0 2013-09-04 
2 'Structure model' 1 1 2013-09-11 
3 'Structure model' 1 2 2023-09-20 
4 'Structure model' 1 3 2023-12-06 
# 
_pdbx_audit_revision_details.ordinal             1 
_pdbx_audit_revision_details.revision_ordinal    1 
_pdbx_audit_revision_details.data_content_type   'Structure model' 
_pdbx_audit_revision_details.provider            repository 
_pdbx_audit_revision_details.type                'Initial release' 
_pdbx_audit_revision_details.description         ? 
_pdbx_audit_revision_details.details             ? 
# 
loop_
_pdbx_audit_revision_group.ordinal 
_pdbx_audit_revision_group.revision_ordinal 
_pdbx_audit_revision_group.data_content_type 
_pdbx_audit_revision_group.group 
1 2 'Structure model' 'Database references'    
2 3 'Structure model' 'Data collection'        
3 3 'Structure model' 'Database references'    
4 3 'Structure model' 'Derived calculations'   
5 3 'Structure model' 'Refinement description' 
6 4 'Structure model' 'Data collection'        
# 
loop_
_pdbx_audit_revision_category.ordinal 
_pdbx_audit_revision_category.revision_ordinal 
_pdbx_audit_revision_category.data_content_type 
_pdbx_audit_revision_category.category 
1 3 'Structure model' chem_comp_atom                
2 3 'Structure model' chem_comp_bond                
3 3 'Structure model' database_2                    
4 3 'Structure model' pdbx_initial_refinement_model 
5 3 'Structure model' struct_conn                   
6 3 'Structure model' struct_site                   
7 4 'Structure model' chem_comp_atom                
8 4 'Structure model' chem_comp_bond                
# 
loop_
_pdbx_audit_revision_item.ordinal 
_pdbx_audit_revision_item.revision_ordinal 
_pdbx_audit_revision_item.data_content_type 
_pdbx_audit_revision_item.item 
1 3 'Structure model' '_database_2.pdbx_DOI'                
2 3 'Structure model' '_database_2.pdbx_database_accession' 
3 3 'Structure model' '_struct_conn.pdbx_leaving_atom_flag' 
4 3 'Structure model' '_struct_site.pdbx_auth_asym_id'      
5 3 'Structure model' '_struct_site.pdbx_auth_comp_id'      
6 3 'Structure model' '_struct_site.pdbx_auth_seq_id'       
7 4 'Structure model' '_chem_comp_atom.atom_id'             
8 4 'Structure model' '_chem_comp_bond.atom_id_2'           
# 
loop_
_software.name 
_software.classification 
_software.version 
_software.citation_id 
_software.pdbx_ordinal 
CrystalClear 'data collection' .                             ? 1 
PHASER       phasing           .                             ? 2 
PHENIX       refinement        '(phenix.refine: 1.8.1_1168)' ? 3 
CrystalClear 'data reduction'  .                             ? 4 
CrystalClear 'data scaling'    .                             ? 5 
# 
loop_
_pdbx_validate_close_contact.id 
_pdbx_validate_close_contact.PDB_model_num 
_pdbx_validate_close_contact.auth_atom_id_1 
_pdbx_validate_close_contact.auth_asym_id_1 
_pdbx_validate_close_contact.auth_comp_id_1 
_pdbx_validate_close_contact.auth_seq_id_1 
_pdbx_validate_close_contact.PDB_ins_code_1 
_pdbx_validate_close_contact.label_alt_id_1 
_pdbx_validate_close_contact.auth_atom_id_2 
_pdbx_validate_close_contact.auth_asym_id_2 
_pdbx_validate_close_contact.auth_comp_id_2 
_pdbx_validate_close_contact.auth_seq_id_2 
_pdbx_validate_close_contact.PDB_ins_code_2 
_pdbx_validate_close_contact.label_alt_id_2 
_pdbx_validate_close_contact.dist 
1 1 O A HOH 160 ? ? O A HOH 167 ? ? 2.00 
2 1 O A HOH 124 ? ? O A HOH 165 ? ? 2.03 
3 1 O A HOH 131 ? ? O A HOH 144 ? ? 2.10 
# 
_pdbx_validate_torsion.id              1 
_pdbx_validate_torsion.PDB_model_num   1 
_pdbx_validate_torsion.auth_comp_id    ASN 
_pdbx_validate_torsion.auth_asym_id    B 
_pdbx_validate_torsion.auth_seq_id     8 
_pdbx_validate_torsion.PDB_ins_code    ? 
_pdbx_validate_torsion.label_alt_id    ? 
_pdbx_validate_torsion.phi             -157.74 
_pdbx_validate_torsion.psi             34.02 
# 
loop_
_pdbx_unobs_or_zero_occ_atoms.id 
_pdbx_unobs_or_zero_occ_atoms.PDB_model_num 
_pdbx_unobs_or_zero_occ_atoms.polymer_flag 
_pdbx_unobs_or_zero_occ_atoms.occupancy_flag 
_pdbx_unobs_or_zero_occ_atoms.auth_asym_id 
_pdbx_unobs_or_zero_occ_atoms.auth_comp_id 
_pdbx_unobs_or_zero_occ_atoms.auth_seq_id 
_pdbx_unobs_or_zero_occ_atoms.PDB_ins_code 
_pdbx_unobs_or_zero_occ_atoms.auth_atom_id 
_pdbx_unobs_or_zero_occ_atoms.label_alt_id 
_pdbx_unobs_or_zero_occ_atoms.label_asym_id 
_pdbx_unobs_or_zero_occ_atoms.label_comp_id 
_pdbx_unobs_or_zero_occ_atoms.label_seq_id 
_pdbx_unobs_or_zero_occ_atoms.label_atom_id 
1 1 Y 1 B ASP 40 ? CG  ? B ASP 40 CG  
2 1 Y 1 B ASP 40 ? OD1 ? B ASP 40 OD1 
3 1 Y 1 B ASP 40 ? OD2 ? B ASP 40 OD2 
4 1 Y 1 B GLU 42 ? CG  ? B GLU 42 CG  
5 1 Y 1 B GLU 42 ? CD  ? B GLU 42 CD  
6 1 Y 1 B GLU 42 ? OE1 ? B GLU 42 OE1 
7 1 Y 1 B GLU 42 ? OE2 ? B GLU 42 OE2 
# 
loop_
_pdbx_unobs_or_zero_occ_residues.id 
_pdbx_unobs_or_zero_occ_residues.PDB_model_num 
_pdbx_unobs_or_zero_occ_residues.polymer_flag 
_pdbx_unobs_or_zero_occ_residues.occupancy_flag 
_pdbx_unobs_or_zero_occ_residues.auth_asym_id 
_pdbx_unobs_or_zero_occ_residues.auth_comp_id 
_pdbx_unobs_or_zero_occ_residues.auth_seq_id 
_pdbx_unobs_or_zero_occ_residues.PDB_ins_code 
_pdbx_unobs_or_zero_occ_residues.label_asym_id 
_pdbx_unobs_or_zero_occ_residues.label_comp_id 
_pdbx_unobs_or_zero_occ_residues.label_seq_id 
1 1 Y 1 B GLU 54 ? B GLU 54 
2 1 Y 1 B NH2 55 ? B NH2 55 
# 
loop_
_chem_comp_atom.comp_id 
_chem_comp_atom.atom_id 
_chem_comp_atom.type_symbol 
_chem_comp_atom.pdbx_aromatic_flag 
_chem_comp_atom.pdbx_stereo_config 
_chem_comp_atom.pdbx_ordinal 
AIB N    N N N 1   
AIB CA   C N N 2   
AIB C    C N N 3   
AIB O    O N N 4   
AIB OXT  O N N 5   
AIB CB1  C N N 6   
AIB CB2  C N N 7   
AIB H    H N N 8   
AIB H2   H N N 9   
AIB HXT  H N N 10  
AIB HB11 H N N 11  
AIB HB12 H N N 12  
AIB HB13 H N N 13  
AIB HB21 H N N 14  
AIB HB22 H N N 15  
AIB HB23 H N N 16  
ALA N    N N N 17  
ALA CA   C N S 18  
ALA C    C N N 19  
ALA O    O N N 20  
ALA CB   C N N 21  
ALA OXT  O N N 22  
ALA H    H N N 23  
ALA H2   H N N 24  
ALA HA   H N N 25  
ALA HB1  H N N 26  
ALA HB2  H N N 27  
ALA HB3  H N N 28  
ALA HXT  H N N 29  
ASN N    N N N 30  
ASN CA   C N S 31  
ASN C    C N N 32  
ASN O    O N N 33  
ASN CB   C N N 34  
ASN CG   C N N 35  
ASN OD1  O N N 36  
ASN ND2  N N N 37  
ASN OXT  O N N 38  
ASN H    H N N 39  
ASN H2   H N N 40  
ASN HA   H N N 41  
ASN HB2  H N N 42  
ASN HB3  H N N 43  
ASN HD21 H N N 44  
ASN HD22 H N N 45  
ASN HXT  H N N 46  
ASP N    N N N 47  
ASP CA   C N S 48  
ASP C    C N N 49  
ASP O    O N N 50  
ASP CB   C N N 51  
ASP CG   C N N 52  
ASP OD1  O N N 53  
ASP OD2  O N N 54  
ASP OXT  O N N 55  
ASP H    H N N 56  
ASP H2   H N N 57  
ASP HA   H N N 58  
ASP HB2  H N N 59  
ASP HB3  H N N 60  
ASP HD2  H N N 61  
ASP HXT  H N N 62  
DPR N    N N N 63  
DPR CA   C N R 64  
DPR CB   C N N 65  
DPR CG   C N N 66  
DPR CD   C N N 67  
DPR C    C N N 68  
DPR O    O N N 69  
DPR OXT  O N N 70  
DPR H    H N N 71  
DPR HA   H N N 72  
DPR HB2  H N N 73  
DPR HB3  H N N 74  
DPR HG2  H N N 75  
DPR HG3  H N N 76  
DPR HD2  H N N 77  
DPR HD3  H N N 78  
DPR HXT  H N N 79  
GLN N    N N N 80  
GLN CA   C N S 81  
GLN C    C N N 82  
GLN O    O N N 83  
GLN CB   C N N 84  
GLN CG   C N N 85  
GLN CD   C N N 86  
GLN OE1  O N N 87  
GLN NE2  N N N 88  
GLN OXT  O N N 89  
GLN H    H N N 90  
GLN H2   H N N 91  
GLN HA   H N N 92  
GLN HB2  H N N 93  
GLN HB3  H N N 94  
GLN HG2  H N N 95  
GLN HG3  H N N 96  
GLN HE21 H N N 97  
GLN HE22 H N N 98  
GLN HXT  H N N 99  
GLU N    N N N 100 
GLU CA   C N S 101 
GLU C    C N N 102 
GLU O    O N N 103 
GLU CB   C N N 104 
GLU CG   C N N 105 
GLU CD   C N N 106 
GLU OE1  O N N 107 
GLU OE2  O N N 108 
GLU OXT  O N N 109 
GLU H    H N N 110 
GLU H2   H N N 111 
GLU HA   H N N 112 
GLU HB2  H N N 113 
GLU HB3  H N N 114 
GLU HG2  H N N 115 
GLU HG3  H N N 116 
GLU HE2  H N N 117 
GLU HXT  H N N 118 
GLY N    N N N 119 
GLY CA   C N N 120 
GLY C    C N N 121 
GLY O    O N N 122 
GLY OXT  O N N 123 
GLY H    H N N 124 
GLY H2   H N N 125 
GLY HA2  H N N 126 
GLY HA3  H N N 127 
GLY HXT  H N N 128 
HOH O    O N N 129 
HOH H1   H N N 130 
HOH H2   H N N 131 
ILE N    N N N 132 
ILE CA   C N S 133 
ILE C    C N N 134 
ILE O    O N N 135 
ILE CB   C N S 136 
ILE CG1  C N N 137 
ILE CG2  C N N 138 
ILE CD1  C N N 139 
ILE OXT  O N N 140 
ILE H    H N N 141 
ILE H2   H N N 142 
ILE HA   H N N 143 
ILE HB   H N N 144 
ILE HG12 H N N 145 
ILE HG13 H N N 146 
ILE HG21 H N N 147 
ILE HG22 H N N 148 
ILE HG23 H N N 149 
ILE HD11 H N N 150 
ILE HD12 H N N 151 
ILE HD13 H N N 152 
ILE HXT  H N N 153 
LEU N    N N N 154 
LEU CA   C N S 155 
LEU C    C N N 156 
LEU O    O N N 157 
LEU CB   C N N 158 
LEU CG   C N N 159 
LEU CD1  C N N 160 
LEU CD2  C N N 161 
LEU OXT  O N N 162 
LEU H    H N N 163 
LEU H2   H N N 164 
LEU HA   H N N 165 
LEU HB2  H N N 166 
LEU HB3  H N N 167 
LEU HG   H N N 168 
LEU HD11 H N N 169 
LEU HD12 H N N 170 
LEU HD13 H N N 171 
LEU HD21 H N N 172 
LEU HD22 H N N 173 
LEU HD23 H N N 174 
LEU HXT  H N N 175 
LYS N    N N N 176 
LYS CA   C N S 177 
LYS C    C N N 178 
LYS O    O N N 179 
LYS CB   C N N 180 
LYS CG   C N N 181 
LYS CD   C N N 182 
LYS CE   C N N 183 
LYS NZ   N N N 184 
LYS OXT  O N N 185 
LYS H    H N N 186 
LYS H2   H N N 187 
LYS HA   H N N 188 
LYS HB2  H N N 189 
LYS HB3  H N N 190 
LYS HG2  H N N 191 
LYS HG3  H N N 192 
LYS HD2  H N N 193 
LYS HD3  H N N 194 
LYS HE2  H N N 195 
LYS HE3  H N N 196 
LYS HZ1  H N N 197 
LYS HZ2  H N N 198 
LYS HZ3  H N N 199 
LYS HXT  H N N 200 
NH2 N    N N N 201 
NH2 HN1  H N N 202 
NH2 HN2  H N N 203 
PHE N    N N N 204 
PHE CA   C N S 205 
PHE C    C N N 206 
PHE O    O N N 207 
PHE CB   C N N 208 
PHE CG   C Y N 209 
PHE CD1  C Y N 210 
PHE CD2  C Y N 211 
PHE CE1  C Y N 212 
PHE CE2  C Y N 213 
PHE CZ   C Y N 214 
PHE OXT  O N N 215 
PHE H    H N N 216 
PHE H2   H N N 217 
PHE HA   H N N 218 
PHE HB2  H N N 219 
PHE HB3  H N N 220 
PHE HD1  H N N 221 
PHE HD2  H N N 222 
PHE HE1  H N N 223 
PHE HE2  H N N 224 
PHE HZ   H N N 225 
PHE HXT  H N N 226 
THR N    N N N 227 
THR CA   C N S 228 
THR C    C N N 229 
THR O    O N N 230 
THR CB   C N R 231 
THR OG1  O N N 232 
THR CG2  C N N 233 
THR OXT  O N N 234 
THR H    H N N 235 
THR H2   H N N 236 
THR HA   H N N 237 
THR HB   H N N 238 
THR HG1  H N N 239 
THR HG21 H N N 240 
THR HG22 H N N 241 
THR HG23 H N N 242 
THR HXT  H N N 243 
TRP N    N N N 244 
TRP CA   C N S 245 
TRP C    C N N 246 
TRP O    O N N 247 
TRP CB   C N N 248 
TRP CG   C Y N 249 
TRP CD1  C Y N 250 
TRP CD2  C Y N 251 
TRP NE1  N Y N 252 
TRP CE2  C Y N 253 
TRP CE3  C Y N 254 
TRP CZ2  C Y N 255 
TRP CZ3  C Y N 256 
TRP CH2  C Y N 257 
TRP OXT  O N N 258 
TRP H    H N N 259 
TRP H2   H N N 260 
TRP HA   H N N 261 
TRP HB2  H N N 262 
TRP HB3  H N N 263 
TRP HD1  H N N 264 
TRP HE1  H N N 265 
TRP HE3  H N N 266 
TRP HZ2  H N N 267 
TRP HZ3  H N N 268 
TRP HH2  H N N 269 
TRP HXT  H N N 270 
TYR N    N N N 271 
TYR CA   C N S 272 
TYR C    C N N 273 
TYR O    O N N 274 
TYR CB   C N N 275 
TYR CG   C Y N 276 
TYR CD1  C Y N 277 
TYR CD2  C Y N 278 
TYR CE1  C Y N 279 
TYR CE2  C Y N 280 
TYR CZ   C Y N 281 
TYR OH   O N N 282 
TYR OXT  O N N 283 
TYR H    H N N 284 
TYR H2   H N N 285 
TYR HA   H N N 286 
TYR HB2  H N N 287 
TYR HB3  H N N 288 
TYR HD1  H N N 289 
TYR HD2  H N N 290 
TYR HE1  H N N 291 
TYR HE2  H N N 292 
TYR HH   H N N 293 
TYR HXT  H N N 294 
VAL N    N N N 295 
VAL CA   C N S 296 
VAL C    C N N 297 
VAL O    O N N 298 
VAL CB   C N N 299 
VAL CG1  C N N 300 
VAL CG2  C N N 301 
VAL OXT  O N N 302 
VAL H    H N N 303 
VAL H2   H N N 304 
VAL HA   H N N 305 
VAL HB   H N N 306 
VAL HG11 H N N 307 
VAL HG12 H N N 308 
VAL HG13 H N N 309 
VAL HG21 H N N 310 
VAL HG22 H N N 311 
VAL HG23 H N N 312 
VAL HXT  H N N 313 
# 
loop_
_chem_comp_bond.comp_id 
_chem_comp_bond.atom_id_1 
_chem_comp_bond.atom_id_2 
_chem_comp_bond.value_order 
_chem_comp_bond.pdbx_aromatic_flag 
_chem_comp_bond.pdbx_stereo_config 
_chem_comp_bond.pdbx_ordinal 
AIB N   CA   sing N N 1   
AIB N   H    sing N N 2   
AIB N   H2   sing N N 3   
AIB CA  C    sing N N 4   
AIB CA  CB1  sing N N 5   
AIB CA  CB2  sing N N 6   
AIB C   O    doub N N 7   
AIB C   OXT  sing N N 8   
AIB OXT HXT  sing N N 9   
AIB CB1 HB11 sing N N 10  
AIB CB1 HB12 sing N N 11  
AIB CB1 HB13 sing N N 12  
AIB CB2 HB21 sing N N 13  
AIB CB2 HB22 sing N N 14  
AIB CB2 HB23 sing N N 15  
ALA N   CA   sing N N 16  
ALA N   H    sing N N 17  
ALA N   H2   sing N N 18  
ALA CA  C    sing N N 19  
ALA CA  CB   sing N N 20  
ALA CA  HA   sing N N 21  
ALA C   O    doub N N 22  
ALA C   OXT  sing N N 23  
ALA CB  HB1  sing N N 24  
ALA CB  HB2  sing N N 25  
ALA CB  HB3  sing N N 26  
ALA OXT HXT  sing N N 27  
ASN N   CA   sing N N 28  
ASN N   H    sing N N 29  
ASN N   H2   sing N N 30  
ASN CA  C    sing N N 31  
ASN CA  CB   sing N N 32  
ASN CA  HA   sing N N 33  
ASN C   O    doub N N 34  
ASN C   OXT  sing N N 35  
ASN CB  CG   sing N N 36  
ASN CB  HB2  sing N N 37  
ASN CB  HB3  sing N N 38  
ASN CG  OD1  doub N N 39  
ASN CG  ND2  sing N N 40  
ASN ND2 HD21 sing N N 41  
ASN ND2 HD22 sing N N 42  
ASN OXT HXT  sing N N 43  
ASP N   CA   sing N N 44  
ASP N   H    sing N N 45  
ASP N   H2   sing N N 46  
ASP CA  C    sing N N 47  
ASP CA  CB   sing N N 48  
ASP CA  HA   sing N N 49  
ASP C   O    doub N N 50  
ASP C   OXT  sing N N 51  
ASP CB  CG   sing N N 52  
ASP CB  HB2  sing N N 53  
ASP CB  HB3  sing N N 54  
ASP CG  OD1  doub N N 55  
ASP CG  OD2  sing N N 56  
ASP OD2 HD2  sing N N 57  
ASP OXT HXT  sing N N 58  
DPR N   CA   sing N N 59  
DPR N   CD   sing N N 60  
DPR N   H    sing N N 61  
DPR CA  CB   sing N N 62  
DPR CA  C    sing N N 63  
DPR CA  HA   sing N N 64  
DPR CB  CG   sing N N 65  
DPR CB  HB2  sing N N 66  
DPR CB  HB3  sing N N 67  
DPR CG  CD   sing N N 68  
DPR CG  HG2  sing N N 69  
DPR CG  HG3  sing N N 70  
DPR CD  HD2  sing N N 71  
DPR CD  HD3  sing N N 72  
DPR C   O    doub N N 73  
DPR C   OXT  sing N N 74  
DPR OXT HXT  sing N N 75  
GLN N   CA   sing N N 76  
GLN N   H    sing N N 77  
GLN N   H2   sing N N 78  
GLN CA  C    sing N N 79  
GLN CA  CB   sing N N 80  
GLN CA  HA   sing N N 81  
GLN C   O    doub N N 82  
GLN C   OXT  sing N N 83  
GLN CB  CG   sing N N 84  
GLN CB  HB2  sing N N 85  
GLN CB  HB3  sing N N 86  
GLN CG  CD   sing N N 87  
GLN CG  HG2  sing N N 88  
GLN CG  HG3  sing N N 89  
GLN CD  OE1  doub N N 90  
GLN CD  NE2  sing N N 91  
GLN NE2 HE21 sing N N 92  
GLN NE2 HE22 sing N N 93  
GLN OXT HXT  sing N N 94  
GLU N   CA   sing N N 95  
GLU N   H    sing N N 96  
GLU N   H2   sing N N 97  
GLU CA  C    sing N N 98  
GLU CA  CB   sing N N 99  
GLU CA  HA   sing N N 100 
GLU C   O    doub N N 101 
GLU C   OXT  sing N N 102 
GLU CB  CG   sing N N 103 
GLU CB  HB2  sing N N 104 
GLU CB  HB3  sing N N 105 
GLU CG  CD   sing N N 106 
GLU CG  HG2  sing N N 107 
GLU CG  HG3  sing N N 108 
GLU CD  OE1  doub N N 109 
GLU CD  OE2  sing N N 110 
GLU OE2 HE2  sing N N 111 
GLU OXT HXT  sing N N 112 
GLY N   CA   sing N N 113 
GLY N   H    sing N N 114 
GLY N   H2   sing N N 115 
GLY CA  C    sing N N 116 
GLY CA  HA2  sing N N 117 
GLY CA  HA3  sing N N 118 
GLY C   O    doub N N 119 
GLY C   OXT  sing N N 120 
GLY OXT HXT  sing N N 121 
HOH O   H1   sing N N 122 
HOH O   H2   sing N N 123 
ILE N   CA   sing N N 124 
ILE N   H    sing N N 125 
ILE N   H2   sing N N 126 
ILE CA  C    sing N N 127 
ILE CA  CB   sing N N 128 
ILE CA  HA   sing N N 129 
ILE C   O    doub N N 130 
ILE C   OXT  sing N N 131 
ILE CB  CG1  sing N N 132 
ILE CB  CG2  sing N N 133 
ILE CB  HB   sing N N 134 
ILE CG1 CD1  sing N N 135 
ILE CG1 HG12 sing N N 136 
ILE CG1 HG13 sing N N 137 
ILE CG2 HG21 sing N N 138 
ILE CG2 HG22 sing N N 139 
ILE CG2 HG23 sing N N 140 
ILE CD1 HD11 sing N N 141 
ILE CD1 HD12 sing N N 142 
ILE CD1 HD13 sing N N 143 
ILE OXT HXT  sing N N 144 
LEU N   CA   sing N N 145 
LEU N   H    sing N N 146 
LEU N   H2   sing N N 147 
LEU CA  C    sing N N 148 
LEU CA  CB   sing N N 149 
LEU CA  HA   sing N N 150 
LEU C   O    doub N N 151 
LEU C   OXT  sing N N 152 
LEU CB  CG   sing N N 153 
LEU CB  HB2  sing N N 154 
LEU CB  HB3  sing N N 155 
LEU CG  CD1  sing N N 156 
LEU CG  CD2  sing N N 157 
LEU CG  HG   sing N N 158 
LEU CD1 HD11 sing N N 159 
LEU CD1 HD12 sing N N 160 
LEU CD1 HD13 sing N N 161 
LEU CD2 HD21 sing N N 162 
LEU CD2 HD22 sing N N 163 
LEU CD2 HD23 sing N N 164 
LEU OXT HXT  sing N N 165 
LYS N   CA   sing N N 166 
LYS N   H    sing N N 167 
LYS N   H2   sing N N 168 
LYS CA  C    sing N N 169 
LYS CA  CB   sing N N 170 
LYS CA  HA   sing N N 171 
LYS C   O    doub N N 172 
LYS C   OXT  sing N N 173 
LYS CB  CG   sing N N 174 
LYS CB  HB2  sing N N 175 
LYS CB  HB3  sing N N 176 
LYS CG  CD   sing N N 177 
LYS CG  HG2  sing N N 178 
LYS CG  HG3  sing N N 179 
LYS CD  CE   sing N N 180 
LYS CD  HD2  sing N N 181 
LYS CD  HD3  sing N N 182 
LYS CE  NZ   sing N N 183 
LYS CE  HE2  sing N N 184 
LYS CE  HE3  sing N N 185 
LYS NZ  HZ1  sing N N 186 
LYS NZ  HZ2  sing N N 187 
LYS NZ  HZ3  sing N N 188 
LYS OXT HXT  sing N N 189 
NH2 N   HN1  sing N N 190 
NH2 N   HN2  sing N N 191 
PHE N   CA   sing N N 192 
PHE N   H    sing N N 193 
PHE N   H2   sing N N 194 
PHE CA  C    sing N N 195 
PHE CA  CB   sing N N 196 
PHE CA  HA   sing N N 197 
PHE C   O    doub N N 198 
PHE C   OXT  sing N N 199 
PHE CB  CG   sing N N 200 
PHE CB  HB2  sing N N 201 
PHE CB  HB3  sing N N 202 
PHE CG  CD1  doub Y N 203 
PHE CG  CD2  sing Y N 204 
PHE CD1 CE1  sing Y N 205 
PHE CD1 HD1  sing N N 206 
PHE CD2 CE2  doub Y N 207 
PHE CD2 HD2  sing N N 208 
PHE CE1 CZ   doub Y N 209 
PHE CE1 HE1  sing N N 210 
PHE CE2 CZ   sing Y N 211 
PHE CE2 HE2  sing N N 212 
PHE CZ  HZ   sing N N 213 
PHE OXT HXT  sing N N 214 
THR N   CA   sing N N 215 
THR N   H    sing N N 216 
THR N   H2   sing N N 217 
THR CA  C    sing N N 218 
THR CA  CB   sing N N 219 
THR CA  HA   sing N N 220 
THR C   O    doub N N 221 
THR C   OXT  sing N N 222 
THR CB  OG1  sing N N 223 
THR CB  CG2  sing N N 224 
THR CB  HB   sing N N 225 
THR OG1 HG1  sing N N 226 
THR CG2 HG21 sing N N 227 
THR CG2 HG22 sing N N 228 
THR CG2 HG23 sing N N 229 
THR OXT HXT  sing N N 230 
TRP N   CA   sing N N 231 
TRP N   H    sing N N 232 
TRP N   H2   sing N N 233 
TRP CA  C    sing N N 234 
TRP CA  CB   sing N N 235 
TRP CA  HA   sing N N 236 
TRP C   O    doub N N 237 
TRP C   OXT  sing N N 238 
TRP CB  CG   sing N N 239 
TRP CB  HB2  sing N N 240 
TRP CB  HB3  sing N N 241 
TRP CG  CD1  doub Y N 242 
TRP CG  CD2  sing Y N 243 
TRP CD1 NE1  sing Y N 244 
TRP CD1 HD1  sing N N 245 
TRP CD2 CE2  doub Y N 246 
TRP CD2 CE3  sing Y N 247 
TRP NE1 CE2  sing Y N 248 
TRP NE1 HE1  sing N N 249 
TRP CE2 CZ2  sing Y N 250 
TRP CE3 CZ3  doub Y N 251 
TRP CE3 HE3  sing N N 252 
TRP CZ2 CH2  doub Y N 253 
TRP CZ2 HZ2  sing N N 254 
TRP CZ3 CH2  sing Y N 255 
TRP CZ3 HZ3  sing N N 256 
TRP CH2 HH2  sing N N 257 
TRP OXT HXT  sing N N 258 
TYR N   CA   sing N N 259 
TYR N   H    sing N N 260 
TYR N   H2   sing N N 261 
TYR CA  C    sing N N 262 
TYR CA  CB   sing N N 263 
TYR CA  HA   sing N N 264 
TYR C   O    doub N N 265 
TYR C   OXT  sing N N 266 
TYR CB  CG   sing N N 267 
TYR CB  HB2  sing N N 268 
TYR CB  HB3  sing N N 269 
TYR CG  CD1  doub Y N 270 
TYR CG  CD2  sing Y N 271 
TYR CD1 CE1  sing Y N 272 
TYR CD1 HD1  sing N N 273 
TYR CD2 CE2  doub Y N 274 
TYR CD2 HD2  sing N N 275 
TYR CE1 CZ   doub Y N 276 
TYR CE1 HE1  sing N N 277 
TYR CE2 CZ   sing Y N 278 
TYR CE2 HE2  sing N N 279 
TYR CZ  OH   sing N N 280 
TYR OH  HH   sing N N 281 
TYR OXT HXT  sing N N 282 
VAL N   CA   sing N N 283 
VAL N   H    sing N N 284 
VAL N   H2   sing N N 285 
VAL CA  C    sing N N 286 
VAL CA  CB   sing N N 287 
VAL CA  HA   sing N N 288 
VAL C   O    doub N N 289 
VAL C   OXT  sing N N 290 
VAL CB  CG1  sing N N 291 
VAL CB  CG2  sing N N 292 
VAL CB  HB   sing N N 293 
VAL CG1 HG11 sing N N 294 
VAL CG1 HG12 sing N N 295 
VAL CG1 HG13 sing N N 296 
VAL CG2 HG21 sing N N 297 
VAL CG2 HG22 sing N N 298 
VAL CG2 HG23 sing N N 299 
VAL OXT HXT  sing N N 300 
# 
_pdbx_entity_nonpoly.entity_id   2 
_pdbx_entity_nonpoly.name        water 
_pdbx_entity_nonpoly.comp_id     HOH 
# 
_pdbx_initial_refinement_model.id               1 
_pdbx_initial_refinement_model.entity_id_list   ? 
_pdbx_initial_refinement_model.type             'experimental model' 
_pdbx_initial_refinement_model.source_name      PDB 
_pdbx_initial_refinement_model.accession_code   2QMT 
_pdbx_initial_refinement_model.details          'PDB 2QMT' 
# 
